data_8DZG
#
_entry.id   8DZG
#
_cell.length_a   1.00
_cell.length_b   1.00
_cell.length_c   1.00
_cell.angle_alpha   90.00
_cell.angle_beta   90.00
_cell.angle_gamma   90.00
#
_symmetry.space_group_name_H-M   'P 1'
#
loop_
_entity.id
_entity.type
_entity.pdbx_description
1 polymer BfpD
2 non-polymer 'MAGNESIUM ION'
3 non-polymer "ADENOSINE-5'-DIPHOSPHATE"
4 non-polymer 'ZINC ION'
#
_entity_poly.entity_id   1
_entity_poly.type   'polypeptide(L)'
_entity_poly.pdbx_seq_one_letter_code
;MVNKTEKTSDLMFERFKRNVSEIVTGDGGELELTVEQRKYFLIFKNGDFLVSSCHMKHHLVQMLREIATRKGYPNLTIYE
VNLKDIRLLYEASLKTVQNNGQDLLPVEKRASMLLFECAEMRVSDLHIKVYDAEADIYIRKDGDMELLRQIESNTAHSIL
ASLYNNADDSDATYKINAYQAARIVASKSRLALPPVIQAVRLQFNPLGQGGRYLIARFLYTDKSEKQKEMDPTRFGFHHS
HAESFSRMRNLPIGINIISGPTGSGKSTTLKNLLELLYIEKKKKVNIISIEDPPEYEIDGTAQLPITNVETEAQRGEEYR
KAITAALRSDPDIIMPGEARDAEVINLLFTAAMTGHQVWTSLHANNALAIFDRLKDQGVDEFKLTDPELITGLVAQRLVR
KLCAQCSITLTEYIASGGGISDTDRKIISGHETSVRFPNPRAKKCCRDGYNGRTILAEVIEPDSKLLRLVAEGKREDAQH
YWLTSLHGMALKEHAWLKIISGEICVMDAVNKISGIDNITEERKKYLFSRDNEI
;
_entity_poly.pdbx_strand_id   A,B,C,D,E,F
#
loop_
_chem_comp.id
_chem_comp.type
_chem_comp.name
_chem_comp.formula
ADP non-polymer ADENOSINE-5'-DIPHOSPHATE 'C10 H15 N5 O10 P2'
MG non-polymer 'MAGNESIUM ION' 'Mg 2'
ZN non-polymer 'ZINC ION' 'Zn 2'
#
# COMPACT_ATOMS: atom_id res chain seq x y z
N VAL A 107 -29.02 -3.94 -51.67
CA VAL A 107 -28.72 -4.88 -52.74
C VAL A 107 -27.89 -6.04 -52.21
N GLU A 108 -28.52 -7.20 -52.08
CA GLU A 108 -27.81 -8.37 -51.56
C GLU A 108 -26.88 -8.96 -52.60
N LYS A 109 -27.19 -8.80 -53.89
CA LYS A 109 -26.35 -9.37 -54.95
C LYS A 109 -24.98 -8.72 -54.97
N ARG A 110 -24.91 -7.40 -54.81
CA ARG A 110 -23.62 -6.71 -54.78
C ARG A 110 -22.78 -7.17 -53.60
N ALA A 111 -23.40 -7.35 -52.45
CA ALA A 111 -22.69 -7.89 -51.29
C ALA A 111 -22.21 -9.31 -51.54
N SER A 112 -23.01 -10.11 -52.23
CA SER A 112 -22.61 -11.49 -52.53
C SER A 112 -21.39 -11.53 -53.44
N MET A 113 -21.38 -10.71 -54.50
CA MET A 113 -20.20 -10.66 -55.36
C MET A 113 -18.99 -10.06 -54.66
N LEU A 114 -19.20 -9.07 -53.77
CA LEU A 114 -18.07 -8.51 -53.02
C LEU A 114 -17.45 -9.55 -52.11
N LEU A 115 -18.28 -10.32 -51.40
CA LEU A 115 -17.75 -11.36 -50.52
C LEU A 115 -17.14 -12.51 -51.32
N PHE A 116 -17.69 -12.82 -52.50
CA PHE A 116 -17.07 -13.82 -53.36
C PHE A 116 -15.68 -13.39 -53.82
N GLU A 117 -15.53 -12.12 -54.20
CA GLU A 117 -14.21 -11.62 -54.58
C GLU A 117 -13.24 -11.62 -53.40
N CYS A 118 -13.73 -11.24 -52.21
CA CYS A 118 -12.87 -11.24 -51.03
C CYS A 118 -12.42 -12.64 -50.66
N ALA A 119 -13.30 -13.63 -50.81
CA ALA A 119 -12.93 -15.01 -50.55
C ALA A 119 -11.98 -15.55 -51.62
N GLU A 120 -12.20 -15.16 -52.88
CA GLU A 120 -11.37 -15.68 -53.96
C GLU A 120 -9.95 -15.16 -53.90
N MET A 121 -9.78 -13.85 -53.65
CA MET A 121 -8.43 -13.30 -53.51
C MET A 121 -7.86 -13.49 -52.11
N ARG A 122 -8.66 -13.98 -51.16
CA ARG A 122 -8.22 -14.30 -49.80
C ARG A 122 -7.61 -13.09 -49.10
N VAL A 123 -8.29 -11.95 -49.19
CA VAL A 123 -7.87 -10.78 -48.45
C VAL A 123 -8.19 -10.98 -46.97
N SER A 124 -7.47 -10.24 -46.12
CA SER A 124 -7.67 -10.39 -44.69
C SER A 124 -8.87 -9.57 -44.21
N ASP A 125 -8.77 -8.24 -44.32
CA ASP A 125 -9.86 -7.35 -43.94
C ASP A 125 -10.26 -6.48 -45.13
N LEU A 126 -11.51 -6.04 -45.11
CA LEU A 126 -12.09 -5.24 -46.18
C LEU A 126 -12.60 -3.93 -45.58
N HIS A 127 -12.14 -2.81 -46.13
CA HIS A 127 -12.52 -1.47 -45.67
C HIS A 127 -13.36 -0.80 -46.74
N ILE A 128 -14.46 -0.17 -46.32
CA ILE A 128 -15.30 0.64 -47.20
C ILE A 128 -15.46 2.01 -46.56
N LYS A 129 -14.99 3.05 -47.24
CA LYS A 129 -15.14 4.42 -46.76
C LYS A 129 -16.11 5.16 -47.67
N VAL A 130 -17.22 5.62 -47.11
CA VAL A 130 -18.28 6.27 -47.87
C VAL A 130 -18.26 7.75 -47.56
N TYR A 131 -17.95 8.56 -48.57
CA TYR A 131 -17.92 10.01 -48.47
C TYR A 131 -19.24 10.57 -49.01
N ASP A 132 -19.31 11.90 -49.13
CA ASP A 132 -20.52 12.53 -49.64
C ASP A 132 -20.69 12.30 -51.13
N ALA A 133 -19.59 12.18 -51.89
CA ALA A 133 -19.64 12.06 -53.33
C ALA A 133 -19.37 10.63 -53.81
N GLU A 134 -18.23 10.06 -53.42
CA GLU A 134 -17.85 8.74 -53.88
C GLU A 134 -17.29 7.93 -52.71
N ALA A 135 -17.40 6.61 -52.82
CA ALA A 135 -16.95 5.68 -51.79
C ALA A 135 -15.80 4.85 -52.33
N ASP A 136 -14.82 4.58 -51.47
CA ASP A 136 -13.63 3.82 -51.82
C ASP A 136 -13.63 2.48 -51.10
N ILE A 137 -13.14 1.45 -51.81
CA ILE A 137 -13.05 0.09 -51.28
C ILE A 137 -11.58 -0.30 -51.22
N TYR A 138 -11.13 -0.71 -50.05
CA TYR A 138 -9.76 -1.12 -49.81
C TYR A 138 -9.73 -2.55 -49.28
N ILE A 139 -8.66 -3.27 -49.59
CA ILE A 139 -8.46 -4.64 -49.13
C ILE A 139 -7.08 -4.74 -48.52
N ARG A 140 -6.97 -5.47 -47.40
CA ARG A 140 -5.69 -5.71 -46.75
C ARG A 140 -5.23 -7.11 -47.14
N LYS A 141 -4.50 -7.19 -48.25
CA LYS A 141 -3.99 -8.47 -48.76
C LYS A 141 -2.49 -8.52 -48.48
N ASP A 142 -2.06 -9.57 -47.76
CA ASP A 142 -0.67 -9.78 -47.38
C ASP A 142 -0.11 -8.58 -46.61
N GLY A 143 -0.91 -8.02 -45.74
CA GLY A 143 -0.50 -6.87 -44.93
C GLY A 143 -0.69 -5.51 -45.58
N ASP A 144 -0.21 -5.36 -46.81
CA ASP A 144 -0.33 -4.08 -47.51
C ASP A 144 -1.76 -3.83 -47.94
N MET A 145 -2.17 -2.56 -47.91
CA MET A 145 -3.51 -2.16 -48.32
C MET A 145 -3.50 -1.71 -49.77
N GLU A 146 -4.49 -2.17 -50.53
CA GLU A 146 -4.62 -1.84 -51.94
C GLU A 146 -6.02 -1.29 -52.21
N LEU A 147 -6.12 -0.45 -53.23
CA LEU A 147 -7.38 0.16 -53.63
C LEU A 147 -8.10 -0.78 -54.58
N LEU A 148 -9.27 -1.26 -54.17
CA LEU A 148 -10.04 -2.17 -55.00
C LEU A 148 -10.88 -1.43 -56.04
N ARG A 149 -11.80 -0.59 -55.59
CA ARG A 149 -12.74 0.06 -56.49
C ARG A 149 -13.21 1.37 -55.89
N GLN A 150 -13.82 2.19 -56.75
CA GLN A 150 -14.46 3.44 -56.33
C GLN A 150 -15.86 3.48 -56.93
N ILE A 151 -16.86 3.61 -56.08
CA ILE A 151 -18.26 3.53 -56.48
C ILE A 151 -19.01 4.75 -55.94
N GLU A 152 -20.31 4.78 -56.19
CA GLU A 152 -21.15 5.87 -55.71
C GLU A 152 -21.52 5.64 -54.24
N SER A 153 -21.99 6.71 -53.60
CA SER A 153 -22.26 6.65 -52.17
C SER A 153 -23.54 5.89 -51.85
N ASN A 154 -24.57 6.02 -52.69
CA ASN A 154 -25.85 5.38 -52.40
C ASN A 154 -25.76 3.86 -52.46
N THR A 155 -25.06 3.34 -53.48
CA THR A 155 -24.89 1.90 -53.58
C THR A 155 -24.10 1.35 -52.40
N ALA A 156 -23.02 2.05 -52.01
CA ALA A 156 -22.22 1.60 -50.87
C ALA A 156 -23.02 1.65 -49.57
N HIS A 157 -23.86 2.66 -49.41
CA HIS A 157 -24.77 2.70 -48.26
C HIS A 157 -25.73 1.53 -48.26
N SER A 158 -26.22 1.16 -49.45
CA SER A 158 -27.10 0.00 -49.56
C SER A 158 -26.39 -1.29 -49.15
N ILE A 159 -25.14 -1.48 -49.60
CA ILE A 159 -24.39 -2.67 -49.22
C ILE A 159 -24.12 -2.68 -47.72
N LEU A 160 -23.79 -1.53 -47.14
CA LEU A 160 -23.55 -1.48 -45.69
C LEU A 160 -24.81 -1.80 -44.90
N ALA A 161 -25.97 -1.27 -45.34
CA ALA A 161 -27.22 -1.59 -44.67
C ALA A 161 -27.56 -3.07 -44.80
N SER A 162 -27.33 -3.66 -45.98
CA SER A 162 -27.60 -5.07 -46.18
C SER A 162 -26.68 -5.93 -45.32
N LEU A 163 -25.42 -5.54 -45.19
CA LEU A 163 -24.50 -6.27 -44.33
C LEU A 163 -24.89 -6.19 -42.86
N TYR A 164 -25.35 -5.01 -42.40
CA TYR A 164 -25.74 -4.90 -41.00
C TYR A 164 -27.04 -5.64 -40.72
N ASN A 165 -27.99 -5.61 -41.65
CA ASN A 165 -29.29 -6.23 -41.39
C ASN A 165 -29.22 -7.75 -41.39
N ASN A 166 -28.29 -8.34 -42.15
CA ASN A 166 -28.19 -9.78 -42.24
C ASN A 166 -27.38 -10.41 -41.11
N ALA A 167 -26.80 -9.60 -40.22
CA ALA A 167 -25.99 -10.13 -39.13
C ALA A 167 -26.89 -10.70 -38.03
N ASP A 168 -26.24 -11.24 -37.01
CA ASP A 168 -26.94 -11.82 -35.86
C ASP A 168 -27.34 -10.77 -34.83
N ASP A 169 -27.06 -9.50 -35.07
CA ASP A 169 -27.32 -8.41 -34.14
C ASP A 169 -28.61 -7.66 -34.48
N SER A 170 -29.64 -8.40 -34.91
CA SER A 170 -30.93 -7.79 -35.22
C SER A 170 -31.52 -7.10 -33.99
N ASP A 171 -32.30 -6.05 -34.26
CA ASP A 171 -32.69 -4.91 -33.42
C ASP A 171 -31.55 -3.90 -33.41
N ALA A 172 -31.77 -2.72 -32.82
CA ALA A 172 -30.83 -1.60 -32.86
C ALA A 172 -30.45 -1.29 -34.31
N THR A 173 -31.47 -0.83 -35.04
CA THR A 173 -31.43 -0.74 -36.50
C THR A 173 -30.29 0.15 -36.99
N TYR A 174 -29.96 -0.02 -38.27
CA TYR A 174 -28.84 0.67 -38.90
C TYR A 174 -29.11 2.17 -38.93
N LYS A 175 -28.31 2.93 -38.18
CA LYS A 175 -28.44 4.38 -38.13
C LYS A 175 -27.06 5.01 -38.34
N ILE A 176 -27.06 6.16 -39.00
CA ILE A 176 -25.84 6.91 -39.26
C ILE A 176 -25.37 7.53 -37.94
N ASN A 177 -24.15 8.07 -37.93
CA ASN A 177 -23.42 8.60 -36.77
C ASN A 177 -23.60 7.75 -35.51
N ALA A 178 -23.36 6.45 -35.63
CA ALA A 178 -23.38 5.54 -34.49
C ALA A 178 -22.31 4.47 -34.67
N TYR A 179 -21.65 4.10 -33.58
CA TYR A 179 -20.64 3.04 -33.59
C TYR A 179 -21.34 1.71 -33.32
N GLN A 180 -21.32 0.81 -34.30
CA GLN A 180 -22.08 -0.43 -34.20
C GLN A 180 -21.19 -1.63 -34.51
N ALA A 181 -21.25 -2.64 -33.66
CA ALA A 181 -20.52 -3.88 -33.85
C ALA A 181 -21.50 -5.01 -34.18
N ALA A 182 -21.07 -5.92 -35.04
CA ALA A 182 -21.92 -7.03 -35.46
C ALA A 182 -21.04 -8.19 -35.91
N ARG A 183 -21.69 -9.35 -36.08
CA ARG A 183 -20.99 -10.54 -36.54
C ARG A 183 -21.91 -11.35 -37.44
N ILE A 184 -21.33 -11.88 -38.51
CA ILE A 184 -22.05 -12.73 -39.46
C ILE A 184 -21.42 -14.12 -39.41
N VAL A 185 -22.26 -15.13 -39.17
CA VAL A 185 -21.82 -16.52 -39.09
C VAL A 185 -22.28 -17.24 -40.35
N ALA A 186 -21.37 -18.00 -40.97
CA ALA A 186 -21.69 -18.72 -42.19
C ALA A 186 -22.68 -19.84 -41.93
N SER A 187 -23.65 -19.98 -42.83
CA SER A 187 -24.69 -21.01 -42.81
C SER A 187 -25.55 -20.95 -41.56
N LYS A 188 -25.53 -19.83 -40.82
CA LYS A 188 -26.34 -19.69 -39.62
C LYS A 188 -27.07 -18.35 -39.64
N SER A 189 -26.50 -17.38 -40.33
CA SER A 189 -27.04 -16.01 -40.38
C SER A 189 -27.75 -15.81 -41.72
N ARG A 190 -29.01 -16.23 -41.76
CA ARG A 190 -29.92 -16.03 -42.90
C ARG A 190 -29.31 -16.68 -44.15
N LEU A 191 -28.95 -15.91 -45.18
CA LEU A 191 -28.44 -16.49 -46.41
C LEU A 191 -27.05 -17.07 -46.21
N ALA A 192 -26.70 -18.00 -47.09
CA ALA A 192 -25.47 -18.76 -46.98
C ALA A 192 -24.25 -17.91 -47.34
N LEU A 193 -23.07 -18.44 -47.01
CA LEU A 193 -21.79 -17.79 -47.23
C LEU A 193 -20.86 -18.78 -47.92
N PRO A 194 -19.78 -18.30 -48.54
CA PRO A 194 -18.77 -19.21 -49.10
C PRO A 194 -18.21 -20.14 -48.03
N PRO A 195 -17.93 -21.40 -48.40
CA PRO A 195 -17.49 -22.37 -47.39
C PRO A 195 -16.12 -22.06 -46.78
N VAL A 196 -15.30 -21.24 -47.43
CA VAL A 196 -13.99 -20.92 -46.89
C VAL A 196 -14.09 -19.94 -45.72
N ILE A 197 -15.19 -19.21 -45.61
CA ILE A 197 -15.35 -18.19 -44.57
C ILE A 197 -16.23 -18.76 -43.47
N GLN A 198 -15.80 -18.58 -42.22
CA GLN A 198 -16.58 -18.99 -41.06
C GLN A 198 -17.36 -17.83 -40.46
N ALA A 199 -16.66 -16.78 -40.05
CA ALA A 199 -17.28 -15.63 -39.41
C ALA A 199 -16.68 -14.34 -39.95
N VAL A 200 -17.52 -13.31 -40.02
CA VAL A 200 -17.12 -11.98 -40.47
C VAL A 200 -17.50 -11.01 -39.37
N ARG A 201 -16.51 -10.32 -38.81
CA ARG A 201 -16.76 -9.32 -37.77
C ARG A 201 -16.87 -7.94 -38.42
N LEU A 202 -18.00 -7.27 -38.19
CA LEU A 202 -18.32 -6.00 -38.81
C LEU A 202 -18.28 -4.88 -37.79
N GLN A 203 -17.63 -3.78 -38.16
CA GLN A 203 -17.57 -2.59 -37.32
C GLN A 203 -17.96 -1.39 -38.16
N PHE A 204 -18.91 -0.60 -37.66
CA PHE A 204 -19.43 0.57 -38.35
C PHE A 204 -19.11 1.81 -37.53
N ASN A 205 -18.40 2.76 -38.13
CA ASN A 205 -18.00 4.00 -37.50
C ASN A 205 -18.53 5.19 -38.31
N PRO A 206 -18.92 6.27 -37.64
CA PRO A 206 -19.25 7.50 -38.37
C PRO A 206 -18.02 8.10 -39.02
N LEU A 207 -18.26 8.83 -40.11
CA LEU A 207 -17.17 9.47 -40.86
C LEU A 207 -17.69 10.77 -41.45
N GLY A 208 -17.37 11.89 -40.80
CA GLY A 208 -17.80 13.19 -41.32
C GLY A 208 -19.31 13.35 -41.24
N GLN A 209 -19.85 14.08 -42.21
CA GLN A 209 -21.29 14.28 -42.35
C GLN A 209 -21.76 13.56 -43.59
N GLY A 210 -22.73 12.67 -43.43
CA GLY A 210 -23.21 11.86 -44.54
C GLY A 210 -22.20 10.87 -45.08
N GLY A 211 -21.42 10.25 -44.20
CA GLY A 211 -20.44 9.26 -44.62
C GLY A 211 -20.37 8.14 -43.60
N ARG A 212 -19.79 7.02 -44.03
CA ARG A 212 -19.72 5.84 -43.19
C ARG A 212 -18.36 5.17 -43.36
N TYR A 213 -18.08 4.21 -42.48
CA TYR A 213 -16.80 3.52 -42.47
C TYR A 213 -17.02 2.10 -41.96
N LEU A 214 -16.94 1.12 -42.86
CA LEU A 214 -17.16 -0.28 -42.54
C LEU A 214 -15.84 -1.04 -42.65
N ILE A 215 -15.57 -1.89 -41.67
CA ILE A 215 -14.40 -2.77 -41.70
C ILE A 215 -14.87 -4.19 -41.37
N ALA A 216 -14.64 -5.11 -42.30
CA ALA A 216 -15.00 -6.51 -42.14
C ALA A 216 -13.73 -7.35 -42.00
N ARG A 217 -13.64 -8.14 -40.94
CA ARG A 217 -12.50 -8.99 -40.68
C ARG A 217 -12.94 -10.44 -40.90
N PHE A 218 -12.47 -11.03 -42.00
CA PHE A 218 -12.86 -12.38 -42.36
C PHE A 218 -12.08 -13.41 -41.54
N LEU A 219 -12.73 -14.55 -41.29
CA LEU A 219 -12.10 -15.69 -40.65
C LEU A 219 -12.20 -16.88 -41.59
N TYR A 220 -11.07 -17.56 -41.80
CA TYR A 220 -10.97 -18.59 -42.82
C TYR A 220 -10.77 -19.97 -42.20
N THR A 221 -11.31 -20.99 -42.89
CA THR A 221 -11.15 -22.36 -42.43
C THR A 221 -9.70 -22.82 -42.50
N ASP A 222 -9.00 -22.45 -43.57
CA ASP A 222 -7.60 -22.81 -43.81
C ASP A 222 -7.36 -24.31 -43.76
N ASP A 231 9.15 -29.48 -44.81
CA ASP A 231 8.13 -28.43 -44.80
C ASP A 231 7.42 -28.21 -43.44
N PRO A 232 7.02 -29.28 -42.73
CA PRO A 232 6.49 -29.07 -41.37
C PRO A 232 7.52 -28.54 -40.37
N THR A 233 8.81 -28.66 -40.66
CA THR A 233 9.83 -28.27 -39.69
C THR A 233 10.15 -26.78 -39.75
N ARG A 234 10.26 -26.22 -40.95
CA ARG A 234 10.60 -24.81 -41.13
C ARG A 234 9.58 -24.13 -42.04
N PHE A 235 8.99 -23.05 -41.55
CA PHE A 235 8.11 -22.19 -42.33
C PHE A 235 8.77 -20.83 -42.58
N GLY A 236 10.08 -20.86 -42.84
CA GLY A 236 10.89 -19.66 -42.87
C GLY A 236 11.73 -19.45 -41.63
N PHE A 237 11.69 -20.38 -40.67
CA PHE A 237 12.47 -20.26 -39.45
C PHE A 237 13.94 -20.56 -39.71
N HIS A 238 14.79 -20.03 -38.83
CA HIS A 238 16.20 -20.39 -38.81
C HIS A 238 16.37 -21.73 -38.11
N HIS A 239 17.50 -22.39 -38.37
CA HIS A 239 17.73 -23.70 -37.76
C HIS A 239 17.92 -23.61 -36.26
N SER A 240 18.44 -22.49 -35.77
CA SER A 240 18.53 -22.27 -34.33
C SER A 240 17.14 -22.22 -33.70
N HIS A 241 16.19 -21.58 -34.38
CA HIS A 241 14.82 -21.55 -33.89
C HIS A 241 14.20 -22.94 -33.88
N ALA A 242 14.50 -23.76 -34.89
CA ALA A 242 14.00 -25.13 -34.91
C ALA A 242 14.57 -25.95 -33.76
N GLU A 243 15.88 -25.80 -33.48
CA GLU A 243 16.49 -26.51 -32.37
C GLU A 243 15.90 -26.05 -31.04
N SER A 244 15.67 -24.74 -30.88
CA SER A 244 15.04 -24.24 -29.67
C SER A 244 13.62 -24.77 -29.52
N PHE A 245 12.88 -24.84 -30.63
CA PHE A 245 11.52 -25.39 -30.59
C PHE A 245 11.53 -26.85 -30.16
N SER A 246 12.48 -27.63 -30.68
CA SER A 246 12.60 -29.03 -30.26
C SER A 246 12.93 -29.13 -28.77
N ARG A 247 13.82 -28.26 -28.28
CA ARG A 247 14.18 -28.28 -26.87
C ARG A 247 13.00 -27.94 -25.98
N MET A 248 12.19 -26.93 -26.35
CA MET A 248 11.00 -26.63 -25.55
C MET A 248 9.92 -27.68 -25.70
N ARG A 249 9.87 -28.38 -26.83
CA ARG A 249 8.89 -29.46 -26.97
C ARG A 249 9.29 -30.67 -26.13
N ASN A 250 10.59 -30.88 -25.91
CA ASN A 250 11.01 -32.01 -25.08
C ASN A 250 10.72 -31.79 -23.60
N LEU A 251 10.61 -30.54 -23.16
CA LEU A 251 10.36 -30.26 -21.75
C LEU A 251 8.91 -30.57 -21.41
N PRO A 252 8.65 -31.25 -20.28
CA PRO A 252 7.27 -31.60 -19.93
C PRO A 252 6.53 -30.55 -19.12
N ILE A 253 7.27 -29.61 -18.53
CA ILE A 253 6.71 -28.64 -17.61
C ILE A 253 7.21 -27.25 -17.98
N GLY A 254 6.30 -26.30 -18.10
CA GLY A 254 6.67 -24.92 -18.37
C GLY A 254 5.57 -24.22 -19.13
N ILE A 255 5.78 -22.90 -19.30
CA ILE A 255 4.86 -22.06 -20.06
C ILE A 255 5.64 -21.41 -21.20
N ASN A 256 5.05 -21.46 -22.40
CA ASN A 256 5.62 -20.86 -23.60
C ASN A 256 4.66 -19.80 -24.12
N ILE A 257 5.20 -18.63 -24.46
CA ILE A 257 4.41 -17.49 -24.92
C ILE A 257 4.86 -17.14 -26.33
N ILE A 258 3.90 -17.09 -27.26
CA ILE A 258 4.14 -16.65 -28.62
C ILE A 258 3.65 -15.21 -28.74
N SER A 259 4.52 -14.31 -29.18
CA SER A 259 4.19 -12.89 -29.24
C SER A 259 4.30 -12.37 -30.66
N GLY A 260 3.57 -11.30 -30.93
CA GLY A 260 3.58 -10.67 -32.24
C GLY A 260 2.29 -9.92 -32.51
N PRO A 261 2.20 -9.25 -33.64
CA PRO A 261 0.98 -8.55 -34.03
C PRO A 261 -0.08 -9.54 -34.52
N THR A 262 -1.23 -8.99 -34.90
CA THR A 262 -2.34 -9.85 -35.34
C THR A 262 -2.10 -10.41 -36.72
N GLY A 263 -1.21 -9.79 -37.49
CA GLY A 263 -0.93 -10.26 -38.84
C GLY A 263 0.07 -11.40 -38.90
N SER A 264 0.87 -11.59 -37.86
CA SER A 264 1.89 -12.62 -37.86
C SER A 264 1.27 -14.00 -37.72
N GLY A 265 2.03 -15.02 -38.11
CA GLY A 265 1.56 -16.39 -38.09
C GLY A 265 1.77 -17.10 -36.77
N LYS A 266 0.98 -16.75 -35.76
CA LYS A 266 1.08 -17.39 -34.44
C LYS A 266 0.26 -18.66 -34.35
N SER A 267 -0.98 -18.62 -34.85
CA SER A 267 -1.85 -19.79 -34.78
C SER A 267 -1.30 -20.94 -35.62
N THR A 268 -0.78 -20.64 -36.82
CA THR A 268 -0.19 -21.67 -37.65
C THR A 268 1.06 -22.26 -37.00
N THR A 269 1.87 -21.42 -36.36
CA THR A 269 3.06 -21.90 -35.66
C THR A 269 2.68 -22.83 -34.51
N LEU A 270 1.66 -22.44 -33.72
CA LEU A 270 1.21 -23.28 -32.62
C LEU A 270 0.63 -24.60 -33.13
N LYS A 271 -0.13 -24.55 -34.22
CA LYS A 271 -0.69 -25.76 -34.81
C LYS A 271 0.40 -26.71 -35.26
N ASN A 272 1.42 -26.18 -35.95
CA ASN A 272 2.51 -27.03 -36.41
C ASN A 272 3.31 -27.60 -35.25
N LEU A 273 3.55 -26.78 -34.22
CA LEU A 273 4.29 -27.25 -33.05
C LEU A 273 3.54 -28.36 -32.33
N LEU A 274 2.22 -28.21 -32.16
CA LEU A 274 1.45 -29.27 -31.52
C LEU A 274 1.32 -30.52 -32.37
N GLU A 275 1.23 -30.38 -33.70
CA GLU A 275 1.23 -31.54 -34.57
C GLU A 275 2.55 -32.30 -34.49
N LEU A 276 3.67 -31.58 -34.44
CA LEU A 276 4.96 -32.25 -34.27
C LEU A 276 5.08 -32.90 -32.90
N LEU A 277 4.58 -32.22 -31.85
CA LEU A 277 4.71 -32.73 -30.50
C LEU A 277 3.86 -33.97 -30.27
N TYR A 278 2.68 -34.04 -30.90
CA TYR A 278 1.84 -35.22 -30.75
C TYR A 278 2.51 -36.46 -31.36
N ILE A 279 3.18 -36.28 -32.50
CA ILE A 279 3.91 -37.39 -33.11
C ILE A 279 5.14 -37.75 -32.28
N GLU A 280 5.83 -36.74 -31.74
CA GLU A 280 7.06 -37.00 -30.98
C GLU A 280 6.78 -37.71 -29.67
N LYS A 281 5.61 -37.51 -29.07
CA LYS A 281 5.28 -38.13 -27.79
C LYS A 281 4.68 -39.52 -27.94
N LYS A 282 4.55 -40.02 -29.18
CA LYS A 282 4.04 -41.36 -29.47
C LYS A 282 2.62 -41.55 -28.94
N LYS A 283 1.84 -40.46 -28.94
CA LYS A 283 0.43 -40.46 -28.54
C LYS A 283 0.22 -40.95 -27.12
N LYS A 284 1.20 -40.71 -26.24
CA LYS A 284 1.12 -41.09 -24.84
C LYS A 284 0.74 -39.93 -23.94
N VAL A 285 0.35 -38.80 -24.51
CA VAL A 285 0.01 -37.60 -23.75
C VAL A 285 -1.33 -37.07 -24.23
N ASN A 286 -1.99 -36.31 -23.36
CA ASN A 286 -3.26 -35.68 -23.67
C ASN A 286 -3.06 -34.20 -23.91
N ILE A 287 -3.57 -33.70 -25.03
CA ILE A 287 -3.47 -32.29 -25.37
C ILE A 287 -4.89 -31.73 -25.45
N ILE A 288 -5.12 -30.59 -24.81
CA ILE A 288 -6.41 -29.92 -24.81
C ILE A 288 -6.21 -28.46 -25.20
N SER A 289 -6.94 -28.00 -26.21
CA SER A 289 -6.84 -26.64 -26.70
C SER A 289 -8.17 -25.91 -26.47
N ILE A 290 -8.08 -24.64 -26.10
CA ILE A 290 -9.25 -23.79 -25.90
C ILE A 290 -9.16 -22.62 -26.87
N GLU A 291 -10.14 -22.52 -27.75
CA GLU A 291 -10.17 -21.46 -28.76
C GLU A 291 -11.61 -21.01 -28.93
N ASP A 292 -11.83 -19.70 -29.04
CA ASP A 292 -13.19 -19.22 -29.23
C ASP A 292 -13.61 -19.52 -30.67
N PRO A 293 -12.81 -19.20 -31.71
CA PRO A 293 -13.05 -19.83 -33.01
C PRO A 293 -12.20 -21.08 -33.16
N PRO A 294 -12.83 -22.21 -33.50
CA PRO A 294 -12.03 -23.40 -33.88
C PRO A 294 -11.54 -23.32 -35.32
N GLU A 295 -10.67 -22.35 -35.58
CA GLU A 295 -10.30 -22.03 -36.96
C GLU A 295 -9.35 -23.06 -37.57
N TYR A 296 -8.41 -23.58 -36.78
CA TYR A 296 -7.40 -24.50 -37.28
C TYR A 296 -7.61 -25.88 -36.66
N GLU A 297 -7.68 -26.90 -37.52
CA GLU A 297 -7.86 -28.27 -37.08
C GLU A 297 -6.50 -28.88 -36.81
N ILE A 298 -6.30 -29.37 -35.58
CA ILE A 298 -5.04 -29.97 -35.16
C ILE A 298 -5.33 -31.40 -34.71
N ASP A 299 -4.49 -32.33 -35.16
CA ASP A 299 -4.71 -33.74 -34.87
C ASP A 299 -4.42 -34.04 -33.40
N GLY A 300 -5.35 -34.73 -32.75
CA GLY A 300 -5.17 -35.14 -31.37
C GLY A 300 -5.09 -34.01 -30.38
N THR A 301 -5.95 -33.00 -30.52
CA THR A 301 -5.89 -31.81 -29.67
C THR A 301 -7.22 -31.46 -29.02
N ALA A 302 -8.35 -31.81 -29.63
CA ALA A 302 -9.68 -31.69 -29.03
C ALA A 302 -9.99 -30.24 -28.63
N GLN A 303 -10.08 -29.39 -29.65
CA GLN A 303 -10.35 -27.98 -29.43
C GLN A 303 -11.70 -27.78 -28.74
N LEU A 304 -11.71 -26.95 -27.70
CA LEU A 304 -12.93 -26.68 -26.94
C LEU A 304 -13.44 -25.31 -27.32
N PRO A 305 -14.58 -25.19 -27.99
CA PRO A 305 -15.09 -23.87 -28.38
C PRO A 305 -15.86 -23.20 -27.26
N ILE A 306 -16.17 -21.93 -27.46
CA ILE A 306 -17.02 -21.16 -26.57
C ILE A 306 -18.41 -21.13 -27.20
N THR A 307 -19.36 -21.79 -26.54
CA THR A 307 -20.67 -22.03 -27.13
C THR A 307 -21.70 -20.98 -26.72
N ASN A 308 -21.96 -20.81 -25.43
CA ASN A 308 -22.96 -19.87 -24.95
C ASN A 308 -22.33 -18.51 -24.71
N VAL A 309 -21.93 -17.87 -25.82
CA VAL A 309 -21.24 -16.59 -25.73
C VAL A 309 -22.18 -15.48 -25.25
N GLU A 310 -23.45 -15.53 -25.68
CA GLU A 310 -24.48 -14.54 -25.33
C GLU A 310 -24.00 -13.16 -25.80
N THR A 311 -23.88 -12.17 -24.91
CA THR A 311 -23.41 -10.86 -25.33
C THR A 311 -21.88 -10.83 -25.35
N GLU A 312 -21.33 -9.71 -25.82
CA GLU A 312 -19.87 -9.59 -25.93
C GLU A 312 -19.22 -9.42 -24.56
N ALA A 313 -19.93 -8.81 -23.60
CA ALA A 313 -19.37 -8.62 -22.27
C ALA A 313 -19.28 -9.92 -21.48
N GLN A 314 -20.10 -10.92 -21.82
CA GLN A 314 -20.10 -12.20 -21.13
C GLN A 314 -19.12 -13.20 -21.73
N ARG A 315 -18.41 -12.81 -22.80
CA ARG A 315 -17.50 -13.74 -23.47
C ARG A 315 -16.32 -14.13 -22.57
N GLY A 316 -15.81 -13.17 -21.79
CA GLY A 316 -14.68 -13.46 -20.93
C GLY A 316 -15.02 -14.44 -19.82
N GLU A 317 -16.23 -14.33 -19.26
CA GLU A 317 -16.66 -15.26 -18.22
C GLU A 317 -16.75 -16.68 -18.76
N GLU A 318 -17.30 -16.86 -19.97
CA GLU A 318 -17.36 -18.18 -20.56
C GLU A 318 -15.98 -18.69 -20.96
N TYR A 319 -15.07 -17.79 -21.35
CA TYR A 319 -13.69 -18.21 -21.61
C TYR A 319 -13.03 -18.73 -20.33
N ARG A 320 -13.24 -18.02 -19.21
CA ARG A 320 -12.71 -18.49 -17.93
C ARG A 320 -13.35 -19.81 -17.52
N LYS A 321 -14.64 -19.98 -17.79
CA LYS A 321 -15.31 -21.24 -17.48
C LYS A 321 -14.73 -22.38 -18.31
N ALA A 322 -14.45 -22.14 -19.59
CA ALA A 322 -13.83 -23.15 -20.43
C ALA A 322 -12.42 -23.49 -19.95
N ILE A 323 -11.66 -22.49 -19.52
CA ILE A 323 -10.32 -22.74 -18.99
C ILE A 323 -10.38 -23.59 -17.73
N THR A 324 -11.31 -23.26 -16.82
CA THR A 324 -11.44 -24.03 -15.59
C THR A 324 -11.93 -25.45 -15.86
N ALA A 325 -12.83 -25.61 -16.84
CA ALA A 325 -13.29 -26.95 -17.20
C ALA A 325 -12.17 -27.78 -17.82
N ALA A 326 -11.30 -27.14 -18.62
CA ALA A 326 -10.15 -27.84 -19.16
C ALA A 326 -9.17 -28.23 -18.05
N LEU A 327 -9.00 -27.36 -17.06
CA LEU A 327 -8.15 -27.68 -15.92
C LEU A 327 -8.73 -28.80 -15.05
N ARG A 328 -10.06 -28.90 -14.98
CA ARG A 328 -10.69 -30.00 -14.27
C ARG A 328 -10.61 -31.32 -15.04
N SER A 329 -10.21 -31.27 -16.31
CA SER A 329 -9.96 -32.44 -17.12
C SER A 329 -8.56 -33.00 -16.84
N ASP A 330 -8.06 -33.86 -17.73
CA ASP A 330 -6.64 -34.20 -17.71
C ASP A 330 -5.93 -33.35 -18.74
N PRO A 331 -5.45 -32.17 -18.38
CA PRO A 331 -4.97 -31.23 -19.39
C PRO A 331 -3.61 -31.59 -19.95
N ASP A 332 -2.66 -31.95 -19.07
CA ASP A 332 -1.26 -32.10 -19.42
C ASP A 332 -0.77 -30.86 -20.18
N ILE A 333 -0.88 -30.90 -21.50
CA ILE A 333 -0.51 -29.76 -22.34
C ILE A 333 -1.77 -28.97 -22.68
N ILE A 334 -1.71 -27.65 -22.46
CA ILE A 334 -2.85 -26.76 -22.67
C ILE A 334 -2.46 -25.73 -23.73
N MET A 335 -3.35 -25.49 -24.68
CA MET A 335 -3.15 -24.44 -25.68
C MET A 335 -4.36 -23.51 -25.72
N PRO A 336 -4.43 -22.51 -24.86
CA PRO A 336 -5.46 -21.48 -25.01
C PRO A 336 -5.24 -20.66 -26.27
N GLY A 337 -6.34 -20.15 -26.82
CA GLY A 337 -6.25 -19.38 -28.04
C GLY A 337 -5.47 -18.09 -27.88
N GLU A 338 -5.79 -17.33 -26.83
CA GLU A 338 -5.17 -16.03 -26.60
C GLU A 338 -5.22 -15.72 -25.11
N ALA A 339 -4.20 -15.00 -24.64
CA ALA A 339 -4.16 -14.47 -23.29
C ALA A 339 -4.55 -12.99 -23.36
N ARG A 340 -5.74 -12.65 -22.88
CA ARG A 340 -6.31 -11.32 -23.08
C ARG A 340 -6.38 -10.52 -21.78
N ASP A 341 -7.03 -11.04 -20.75
CA ASP A 341 -7.22 -10.31 -19.51
C ASP A 341 -6.36 -10.92 -18.40
N ALA A 342 -6.47 -10.33 -17.20
CA ALA A 342 -5.63 -10.75 -16.09
C ALA A 342 -6.06 -12.08 -15.51
N GLU A 343 -7.36 -12.37 -15.53
CA GLU A 343 -7.85 -13.61 -14.91
C GLU A 343 -7.38 -14.84 -15.67
N VAL A 344 -7.42 -14.80 -17.00
CA VAL A 344 -6.97 -15.94 -17.80
C VAL A 344 -5.47 -16.15 -17.64
N ILE A 345 -4.70 -15.06 -17.61
CA ILE A 345 -3.26 -15.17 -17.42
C ILE A 345 -2.93 -15.71 -16.03
N ASN A 346 -3.68 -15.28 -15.02
CA ASN A 346 -3.48 -15.82 -13.68
C ASN A 346 -3.80 -17.31 -13.61
N LEU A 347 -4.88 -17.72 -14.29
CA LEU A 347 -5.22 -19.14 -14.34
C LEU A 347 -4.12 -19.95 -15.05
N LEU A 348 -3.59 -19.40 -16.15
CA LEU A 348 -2.54 -20.10 -16.87
C LEU A 348 -1.26 -20.21 -16.06
N PHE A 349 -0.91 -19.15 -15.32
CA PHE A 349 0.28 -19.20 -14.47
C PHE A 349 0.08 -20.16 -13.30
N THR A 350 -1.15 -20.24 -12.77
CA THR A 350 -1.45 -21.22 -11.74
C THR A 350 -1.32 -22.64 -12.28
N ALA A 351 -1.80 -22.86 -13.52
CA ALA A 351 -1.65 -24.18 -14.14
C ALA A 351 -0.20 -24.51 -14.45
N ALA A 352 0.62 -23.50 -14.73
CA ALA A 352 2.03 -23.75 -15.03
C ALA A 352 2.81 -24.19 -13.80
N MET A 353 2.46 -23.68 -12.62
CA MET A 353 3.10 -24.10 -11.38
C MET A 353 2.49 -25.36 -10.80
N THR A 354 1.47 -25.91 -11.44
CA THR A 354 0.81 -27.13 -10.97
C THR A 354 1.43 -28.39 -11.59
N GLY A 355 1.98 -28.29 -12.79
CA GLY A 355 2.52 -29.44 -13.48
C GLY A 355 1.94 -29.64 -14.86
N HIS A 356 1.53 -28.55 -15.49
CA HIS A 356 0.97 -28.57 -16.84
C HIS A 356 1.82 -27.70 -17.77
N GLN A 357 1.81 -28.05 -19.04
CA GLN A 357 2.51 -27.27 -20.07
C GLN A 357 1.52 -26.37 -20.78
N VAL A 358 1.85 -25.10 -20.92
CA VAL A 358 0.96 -24.09 -21.48
C VAL A 358 1.62 -23.46 -22.70
N TRP A 359 0.91 -23.48 -23.82
CA TRP A 359 1.30 -22.76 -25.03
C TRP A 359 0.23 -21.71 -25.29
N THR A 360 0.65 -20.45 -25.37
CA THR A 360 -0.31 -19.36 -25.49
C THR A 360 0.18 -18.32 -26.49
N SER A 361 -0.74 -17.46 -26.91
CA SER A 361 -0.46 -16.36 -27.82
C SER A 361 -0.70 -15.04 -27.11
N LEU A 362 0.17 -14.07 -27.36
CA LEU A 362 0.10 -12.77 -26.71
C LEU A 362 0.44 -11.69 -27.71
N HIS A 363 -0.07 -10.48 -27.45
CA HIS A 363 0.24 -9.31 -28.28
C HIS A 363 1.35 -8.52 -27.60
N ALA A 364 2.48 -8.39 -28.29
CA ALA A 364 3.63 -7.68 -27.73
C ALA A 364 4.48 -7.13 -28.88
N ASN A 365 5.35 -6.18 -28.53
CA ASN A 365 6.22 -5.54 -29.51
C ASN A 365 7.54 -6.26 -29.67
N ASN A 366 8.00 -6.97 -28.65
CA ASN A 366 9.32 -7.58 -28.66
C ASN A 366 9.26 -8.89 -27.89
N ALA A 367 10.27 -9.74 -28.11
CA ALA A 367 10.36 -11.00 -27.37
C ALA A 367 10.59 -10.76 -25.89
N LEU A 368 11.44 -9.78 -25.55
CA LEU A 368 11.69 -9.43 -24.16
C LEU A 368 10.66 -8.47 -23.59
N ALA A 369 9.73 -7.99 -24.41
CA ALA A 369 8.66 -7.11 -23.95
C ALA A 369 7.43 -7.88 -23.49
N ILE A 370 7.48 -9.21 -23.49
CA ILE A 370 6.39 -10.02 -22.96
C ILE A 370 6.23 -9.78 -21.47
N PHE A 371 7.36 -9.63 -20.76
CA PHE A 371 7.32 -9.40 -19.32
C PHE A 371 6.67 -8.07 -18.98
N ASP A 372 6.83 -7.05 -19.83
CA ASP A 372 6.15 -5.78 -19.61
C ASP A 372 4.64 -5.95 -19.70
N ARG A 373 4.17 -6.72 -20.69
CA ARG A 373 2.73 -6.99 -20.80
C ARG A 373 2.22 -7.79 -19.60
N LEU A 374 3.00 -8.78 -19.15
CA LEU A 374 2.58 -9.59 -18.01
C LEU A 374 2.54 -8.77 -16.72
N LYS A 375 3.49 -7.86 -16.54
CA LYS A 375 3.44 -6.97 -15.39
C LYS A 375 2.31 -5.95 -15.51
N ASP A 376 1.96 -5.55 -16.73
CA ASP A 376 0.79 -4.70 -16.94
C ASP A 376 -0.48 -5.43 -16.53
N GLN A 377 -0.58 -6.72 -16.85
CA GLN A 377 -1.77 -7.49 -16.50
C GLN A 377 -1.83 -7.78 -15.01
N GLY A 378 -0.68 -7.94 -14.36
CA GLY A 378 -0.67 -8.14 -12.91
C GLY A 378 0.14 -9.32 -12.41
N VAL A 379 1.00 -9.88 -13.27
CA VAL A 379 1.83 -11.01 -12.87
C VAL A 379 2.93 -10.52 -11.93
N ASP A 380 3.11 -11.22 -10.82
CA ASP A 380 4.10 -10.83 -9.82
C ASP A 380 5.51 -11.15 -10.30
N GLU A 381 6.49 -10.63 -9.55
CA GLU A 381 7.89 -10.77 -9.96
C GLU A 381 8.42 -12.18 -9.72
N PHE A 382 8.00 -12.85 -8.64
CA PHE A 382 8.53 -14.18 -8.37
C PHE A 382 7.98 -15.22 -9.34
N LYS A 383 6.86 -14.94 -10.00
CA LYS A 383 6.39 -15.83 -11.06
C LYS A 383 7.29 -15.73 -12.29
N LEU A 384 7.75 -14.52 -12.61
CA LEU A 384 8.60 -14.29 -13.76
C LEU A 384 10.08 -14.54 -13.49
N THR A 385 10.48 -14.70 -12.23
CA THR A 385 11.88 -14.92 -11.92
C THR A 385 12.33 -16.35 -12.22
N ASP A 386 11.42 -17.32 -12.11
CA ASP A 386 11.78 -18.73 -12.25
C ASP A 386 12.14 -19.05 -13.69
N PRO A 387 13.34 -19.58 -13.97
CA PRO A 387 13.68 -19.95 -15.35
C PRO A 387 13.04 -21.27 -15.78
N GLU A 388 12.73 -22.13 -14.83
CA GLU A 388 12.11 -23.41 -15.16
C GLU A 388 10.64 -23.23 -15.54
N LEU A 389 10.00 -22.16 -15.08
CA LEU A 389 8.61 -21.91 -15.43
C LEU A 389 8.49 -21.34 -16.84
N ILE A 390 9.09 -20.17 -17.07
CA ILE A 390 9.02 -19.49 -18.36
C ILE A 390 10.01 -20.20 -19.28
N THR A 391 9.53 -21.20 -20.01
CA THR A 391 10.44 -22.04 -20.78
C THR A 391 10.97 -21.34 -22.03
N GLY A 392 10.10 -20.65 -22.76
CA GLY A 392 10.52 -20.02 -24.00
C GLY A 392 9.67 -18.83 -24.36
N LEU A 393 10.27 -17.89 -25.08
CA LEU A 393 9.58 -16.69 -25.57
C LEU A 393 9.85 -16.54 -27.06
N VAL A 394 8.80 -16.36 -27.84
CA VAL A 394 8.91 -16.27 -29.30
C VAL A 394 8.24 -14.99 -29.76
N ALA A 395 8.93 -14.23 -30.62
CA ALA A 395 8.36 -13.07 -31.28
C ALA A 395 8.43 -13.27 -32.79
N GLN A 396 7.33 -12.98 -33.48
CA GLN A 396 7.16 -13.32 -34.88
C GLN A 396 6.66 -12.14 -35.69
N ARG A 397 7.14 -12.03 -36.93
CA ARG A 397 6.62 -11.10 -37.92
C ARG A 397 6.56 -11.81 -39.26
N LEU A 398 5.70 -11.33 -40.14
CA LEU A 398 5.53 -11.88 -41.48
C LEU A 398 5.91 -10.83 -42.52
N VAL A 399 6.76 -11.21 -43.47
CA VAL A 399 7.17 -10.33 -44.56
C VAL A 399 6.94 -11.06 -45.87
N ARG A 400 7.02 -10.29 -46.97
CA ARG A 400 6.75 -10.83 -48.30
C ARG A 400 8.03 -11.39 -48.91
N LYS A 401 7.91 -12.54 -49.57
CA LYS A 401 9.02 -13.24 -50.17
C LYS A 401 9.16 -12.85 -51.64
N LEU A 402 10.36 -12.44 -52.04
CA LEU A 402 10.60 -12.09 -53.43
C LEU A 402 10.56 -13.31 -54.32
N CYS A 403 10.12 -13.11 -55.57
CA CYS A 403 10.08 -14.18 -56.54
C CYS A 403 11.50 -14.64 -56.88
N ALA A 404 11.73 -15.95 -56.79
CA ALA A 404 13.08 -16.49 -56.97
C ALA A 404 13.46 -16.65 -58.45
N GLN A 405 12.50 -16.48 -59.36
CA GLN A 405 12.79 -16.68 -60.78
C GLN A 405 13.22 -15.39 -61.47
N CYS A 406 12.49 -14.30 -61.23
CA CYS A 406 12.85 -13.01 -61.81
C CYS A 406 14.20 -12.53 -61.29
N SER A 407 14.26 -12.23 -59.98
CA SER A 407 15.48 -11.96 -59.23
C SER A 407 16.37 -10.91 -59.90
N ILE A 408 15.84 -9.69 -59.99
CA ILE A 408 16.62 -8.58 -60.53
C ILE A 408 17.57 -8.07 -59.45
N THR A 409 18.70 -7.50 -59.88
CA THR A 409 19.75 -7.07 -58.98
C THR A 409 19.57 -5.59 -58.64
N LEU A 410 20.53 -5.02 -57.92
CA LEU A 410 20.48 -3.61 -57.56
C LEU A 410 20.68 -2.72 -58.78
N THR A 411 21.59 -3.11 -59.68
CA THR A 411 21.84 -2.31 -60.88
C THR A 411 20.62 -2.28 -61.79
N GLU A 412 19.95 -3.42 -61.96
CA GLU A 412 18.73 -3.46 -62.77
C GLU A 412 17.62 -2.62 -62.15
N TYR A 413 17.50 -2.66 -60.83
CA TYR A 413 16.49 -1.86 -60.14
C TYR A 413 16.78 -0.37 -60.28
N ILE A 414 18.06 0.01 -60.21
CA ILE A 414 18.44 1.42 -60.38
C ILE A 414 18.17 1.87 -61.81
N ALA A 415 18.52 1.04 -62.80
CA ALA A 415 18.30 1.41 -64.19
C ALA A 415 16.82 1.46 -64.55
N SER A 416 16.01 0.60 -63.94
CA SER A 416 14.57 0.61 -64.21
C SER A 416 13.92 1.88 -63.66
N GLY A 417 14.31 2.30 -62.48
CA GLY A 417 13.76 3.49 -61.87
C GLY A 417 13.74 3.37 -60.36
N GLY A 418 13.77 4.53 -59.69
CA GLY A 418 13.78 4.58 -58.25
C GLY A 418 15.17 4.46 -57.67
N GLY A 419 15.27 4.75 -56.39
CA GLY A 419 16.54 4.70 -55.69
C GLY A 419 16.34 4.43 -54.22
N ILE A 420 17.36 3.82 -53.61
CA ILE A 420 17.31 3.52 -52.18
C ILE A 420 17.78 4.73 -51.37
N SER A 421 17.39 4.75 -50.11
CA SER A 421 17.73 5.85 -49.22
C SER A 421 19.14 5.65 -48.66
N ASP A 422 19.52 6.50 -47.69
CA ASP A 422 20.85 6.38 -47.09
C ASP A 422 20.94 5.18 -46.15
N THR A 423 19.90 4.95 -45.36
CA THR A 423 19.90 3.81 -44.45
C THR A 423 19.86 2.48 -45.22
N ASP A 424 19.07 2.43 -46.30
CA ASP A 424 19.03 1.24 -47.13
C ASP A 424 20.39 0.98 -47.78
N ARG A 425 21.05 2.04 -48.24
CA ARG A 425 22.40 1.89 -48.80
C ARG A 425 23.39 1.41 -47.75
N LYS A 426 23.26 1.92 -46.52
CA LYS A 426 24.13 1.47 -45.43
C LYS A 426 23.92 0.00 -45.12
N ILE A 427 22.67 -0.46 -45.15
CA ILE A 427 22.38 -1.88 -44.94
C ILE A 427 22.95 -2.71 -46.09
N ILE A 428 22.79 -2.25 -47.32
CA ILE A 428 23.22 -3.00 -48.50
C ILE A 428 24.74 -3.09 -48.58
N SER A 429 25.44 -2.05 -48.15
CA SER A 429 26.88 -1.85 -48.35
C SER A 429 27.77 -3.06 -48.07
N GLY A 430 27.36 -3.93 -47.15
CA GLY A 430 28.13 -5.13 -46.89
C GLY A 430 28.15 -6.09 -48.08
N HIS A 431 26.99 -6.33 -48.68
CA HIS A 431 26.86 -7.26 -49.81
C HIS A 431 26.01 -6.56 -50.87
N GLU A 432 26.65 -6.14 -51.96
CA GLU A 432 25.94 -5.39 -53.00
C GLU A 432 25.19 -6.32 -53.95
N THR A 433 25.88 -7.30 -54.53
CA THR A 433 25.30 -8.14 -55.55
C THR A 433 24.40 -9.24 -54.99
N SER A 434 24.51 -9.53 -53.69
CA SER A 434 23.73 -10.63 -53.11
C SER A 434 22.26 -10.27 -52.96
N VAL A 435 21.94 -8.99 -52.77
CA VAL A 435 20.57 -8.57 -52.54
C VAL A 435 19.79 -8.58 -53.85
N ARG A 436 18.48 -8.76 -53.74
CA ARG A 436 17.58 -8.78 -54.90
C ARG A 436 16.42 -7.82 -54.67
N PHE A 437 15.80 -7.40 -55.76
CA PHE A 437 14.73 -6.43 -55.73
C PHE A 437 13.52 -6.92 -56.53
N PRO A 438 12.32 -6.46 -56.18
CA PRO A 438 11.13 -6.94 -56.90
C PRO A 438 11.10 -6.51 -58.35
N ASN A 439 10.44 -7.32 -59.17
CA ASN A 439 10.33 -7.08 -60.61
C ASN A 439 8.87 -6.81 -60.96
N PRO A 440 8.48 -5.55 -61.19
CA PRO A 440 7.09 -5.24 -61.56
C PRO A 440 6.87 -5.31 -63.08
N ARG A 441 7.19 -6.46 -63.66
CA ARG A 441 7.03 -6.68 -65.10
C ARG A 441 5.77 -7.44 -65.45
N ALA A 442 4.95 -7.80 -64.45
CA ALA A 442 3.70 -8.55 -64.65
C ALA A 442 3.93 -9.86 -65.41
N LYS A 443 4.92 -10.62 -64.93
CA LYS A 443 5.26 -11.88 -65.57
C LYS A 443 4.21 -12.94 -65.25
N LYS A 444 4.29 -14.06 -65.98
CA LYS A 444 3.34 -15.15 -65.79
C LYS A 444 3.62 -15.96 -64.53
N CYS A 445 4.88 -15.99 -64.07
CA CYS A 445 5.22 -16.81 -62.91
C CYS A 445 4.67 -16.21 -61.62
N CYS A 446 4.79 -14.89 -61.44
CA CYS A 446 4.33 -14.21 -60.24
C CYS A 446 3.29 -13.16 -60.62
N ARG A 447 2.19 -13.12 -59.87
CA ARG A 447 1.14 -12.14 -60.14
C ARG A 447 1.62 -10.72 -59.84
N ASP A 448 2.33 -10.54 -58.74
CA ASP A 448 2.84 -9.23 -58.36
C ASP A 448 4.32 -9.22 -58.00
N GLY A 449 4.99 -10.38 -58.02
CA GLY A 449 6.38 -10.46 -57.64
C GLY A 449 6.64 -10.70 -56.18
N TYR A 450 5.59 -10.81 -55.36
CA TYR A 450 5.76 -10.98 -53.92
C TYR A 450 5.37 -12.37 -53.42
N ASN A 451 4.98 -13.28 -54.31
CA ASN A 451 4.80 -14.70 -54.02
C ASN A 451 3.94 -14.98 -52.79
N GLY A 452 4.56 -15.55 -51.76
CA GLY A 452 3.89 -15.82 -50.49
C GLY A 452 4.42 -14.95 -49.38
N ARG A 453 4.68 -15.55 -48.21
CA ARG A 453 5.18 -14.81 -47.06
C ARG A 453 6.08 -15.71 -46.23
N THR A 454 7.04 -15.08 -45.55
CA THR A 454 8.00 -15.77 -44.69
C THR A 454 7.95 -15.16 -43.29
N ILE A 455 8.38 -15.97 -42.33
CA ILE A 455 8.38 -15.60 -40.91
C ILE A 455 9.78 -15.16 -40.53
N LEU A 456 9.88 -13.97 -39.93
CA LEU A 456 11.09 -13.52 -39.24
C LEU A 456 10.80 -13.56 -37.75
N ALA A 457 11.59 -14.32 -37.00
CA ALA A 457 11.25 -14.59 -35.62
C ALA A 457 12.51 -14.57 -34.75
N GLU A 458 12.28 -14.40 -33.45
CA GLU A 458 13.32 -14.55 -32.44
C GLU A 458 12.80 -15.45 -31.33
N VAL A 459 13.62 -16.42 -30.92
CA VAL A 459 13.28 -17.38 -29.88
C VAL A 459 14.30 -17.26 -28.77
N ILE A 460 13.83 -17.09 -27.54
CA ILE A 460 14.67 -16.95 -26.36
C ILE A 460 14.34 -18.06 -25.39
N GLU A 461 15.37 -18.74 -24.90
CA GLU A 461 15.23 -19.72 -23.81
C GLU A 461 15.87 -19.12 -22.57
N PRO A 462 15.08 -18.59 -21.63
CA PRO A 462 15.65 -17.82 -20.53
C PRO A 462 16.44 -18.68 -19.54
N ASP A 463 17.41 -18.03 -18.91
CA ASP A 463 18.19 -18.59 -17.81
C ASP A 463 17.89 -17.80 -16.54
N SER A 464 18.60 -18.13 -15.46
CA SER A 464 18.40 -17.41 -14.20
C SER A 464 18.95 -16.00 -14.28
N LYS A 465 20.14 -15.83 -14.86
CA LYS A 465 20.77 -14.51 -14.91
C LYS A 465 20.00 -13.56 -15.82
N LEU A 466 19.50 -14.05 -16.96
CA LEU A 466 18.74 -13.20 -17.87
C LEU A 466 17.44 -12.73 -17.24
N LEU A 467 16.73 -13.62 -16.54
CA LEU A 467 15.50 -13.23 -15.88
C LEU A 467 15.77 -12.30 -14.69
N ARG A 468 16.89 -12.49 -13.99
CA ARG A 468 17.26 -11.58 -12.93
C ARG A 468 17.57 -10.19 -13.47
N LEU A 469 18.25 -10.13 -14.62
CA LEU A 469 18.54 -8.83 -15.23
C LEU A 469 17.28 -8.15 -15.74
N VAL A 470 16.35 -8.93 -16.29
CA VAL A 470 15.09 -8.37 -16.77
C VAL A 470 14.26 -7.84 -15.61
N ALA A 471 14.19 -8.59 -14.51
CA ALA A 471 13.38 -8.19 -13.36
C ALA A 471 13.92 -6.95 -12.67
N GLU A 472 15.22 -6.67 -12.78
CA GLU A 472 15.82 -5.51 -12.16
C GLU A 472 15.71 -4.24 -13.00
N GLY A 473 15.12 -4.32 -14.19
CA GLY A 473 14.95 -3.18 -15.05
C GLY A 473 16.14 -2.86 -15.93
N LYS A 474 17.18 -3.69 -15.93
CA LYS A 474 18.35 -3.46 -16.77
C LYS A 474 18.07 -4.03 -18.15
N ARG A 475 17.42 -3.22 -18.99
CA ARG A 475 17.05 -3.68 -20.33
C ARG A 475 18.27 -3.87 -21.21
N GLU A 476 19.18 -2.89 -21.23
CA GLU A 476 20.36 -2.97 -22.07
C GLU A 476 21.29 -4.10 -21.62
N ASP A 477 21.46 -4.27 -20.31
CA ASP A 477 22.30 -5.35 -19.80
C ASP A 477 21.70 -6.71 -20.14
N ALA A 478 20.38 -6.86 -20.00
CA ALA A 478 19.74 -8.12 -20.36
C ALA A 478 19.86 -8.41 -21.84
N GLN A 479 19.69 -7.39 -22.69
CA GLN A 479 19.84 -7.60 -24.13
C GLN A 479 21.27 -7.98 -24.49
N HIS A 480 22.26 -7.35 -23.86
CA HIS A 480 23.65 -7.70 -24.11
C HIS A 480 23.96 -9.13 -23.65
N TYR A 481 23.42 -9.52 -22.49
CA TYR A 481 23.63 -10.88 -21.99
C TYR A 481 22.98 -11.91 -22.91
N TRP A 482 21.79 -11.61 -23.42
CA TRP A 482 21.12 -12.53 -24.34
C TRP A 482 21.87 -12.63 -25.67
N LEU A 483 22.33 -11.51 -26.20
CA LEU A 483 22.95 -11.52 -27.52
C LEU A 483 24.38 -12.07 -27.50
N THR A 484 25.09 -11.91 -26.39
CA THR A 484 26.49 -12.34 -26.32
C THR A 484 26.65 -13.68 -25.63
N SER A 485 26.18 -13.80 -24.39
CA SER A 485 26.40 -15.03 -23.62
C SER A 485 25.52 -16.17 -24.10
N LEU A 486 24.26 -15.88 -24.44
CA LEU A 486 23.32 -16.92 -24.84
C LEU A 486 23.30 -17.15 -26.35
N HIS A 487 24.12 -16.43 -27.12
CA HIS A 487 24.21 -16.56 -28.57
C HIS A 487 22.85 -16.35 -29.24
N GLY A 488 22.12 -15.33 -28.78
CA GLY A 488 20.81 -15.06 -29.32
C GLY A 488 20.86 -14.31 -30.65
N MET A 489 19.67 -14.16 -31.24
CA MET A 489 19.52 -13.43 -32.49
C MET A 489 18.18 -12.70 -32.46
N ALA A 490 18.21 -11.40 -32.75
CA ALA A 490 17.01 -10.59 -32.68
C ALA A 490 16.28 -10.60 -34.03
N LEU A 491 15.17 -9.86 -34.10
CA LEU A 491 14.42 -9.74 -35.34
C LEU A 491 15.23 -9.01 -36.40
N LYS A 492 15.95 -7.96 -36.01
CA LYS A 492 16.71 -7.17 -36.97
C LYS A 492 17.84 -7.99 -37.61
N GLU A 493 18.49 -8.86 -36.84
CA GLU A 493 19.58 -9.66 -37.38
C GLU A 493 19.05 -10.71 -38.36
N HIS A 494 17.93 -11.35 -38.04
CA HIS A 494 17.32 -12.30 -38.96
C HIS A 494 16.85 -11.60 -40.23
N ALA A 495 16.28 -10.40 -40.10
CA ALA A 495 15.87 -9.64 -41.27
C ALA A 495 17.07 -9.27 -42.13
N TRP A 496 18.18 -8.87 -41.51
CA TRP A 496 19.40 -8.55 -42.26
C TRP A 496 19.94 -9.78 -42.98
N LEU A 497 19.92 -10.94 -42.31
CA LEU A 497 20.38 -12.17 -42.94
C LEU A 497 19.50 -12.57 -44.12
N LYS A 498 18.18 -12.39 -44.01
CA LYS A 498 17.30 -12.68 -45.13
C LYS A 498 17.46 -11.68 -46.26
N ILE A 499 17.79 -10.42 -45.94
CA ILE A 499 18.09 -9.44 -46.97
C ILE A 499 19.35 -9.83 -47.72
N ILE A 500 20.39 -10.25 -47.00
CA ILE A 500 21.65 -10.63 -47.62
C ILE A 500 21.47 -11.89 -48.46
N SER A 501 20.69 -12.86 -47.97
CA SER A 501 20.44 -14.07 -48.73
C SER A 501 19.63 -13.79 -49.99
N GLY A 502 18.83 -12.72 -50.00
CA GLY A 502 18.05 -12.35 -51.15
C GLY A 502 16.61 -12.83 -51.15
N GLU A 503 16.13 -13.38 -50.04
CA GLU A 503 14.75 -13.87 -49.99
C GLU A 503 13.75 -12.71 -49.96
N ILE A 504 14.04 -11.67 -49.19
CA ILE A 504 13.13 -10.55 -49.02
C ILE A 504 13.85 -9.26 -49.42
N CYS A 505 13.05 -8.22 -49.63
CA CYS A 505 13.57 -6.91 -50.01
C CYS A 505 13.89 -6.08 -48.76
N VAL A 506 14.82 -5.14 -48.92
CA VAL A 506 15.20 -4.30 -47.80
C VAL A 506 14.07 -3.35 -47.40
N MET A 507 13.28 -2.88 -48.36
CA MET A 507 12.23 -1.91 -48.07
C MET A 507 11.13 -2.53 -47.21
N ASP A 508 10.70 -3.75 -47.52
CA ASP A 508 9.68 -4.42 -46.71
C ASP A 508 10.20 -4.69 -45.30
N ALA A 509 11.47 -5.08 -45.18
CA ALA A 509 12.04 -5.36 -43.87
C ALA A 509 12.14 -4.09 -43.03
N VAL A 510 12.56 -2.97 -43.61
CA VAL A 510 12.66 -1.75 -42.83
C VAL A 510 11.30 -1.14 -42.57
N ASN A 511 10.28 -1.49 -43.37
CA ASN A 511 8.92 -1.08 -43.02
C ASN A 511 8.37 -1.91 -41.87
N LYS A 512 8.67 -3.21 -41.85
CA LYS A 512 8.13 -4.07 -40.80
C LYS A 512 8.94 -3.96 -39.51
N ILE A 513 10.27 -4.00 -39.59
CA ILE A 513 11.14 -3.99 -38.42
C ILE A 513 12.06 -2.79 -38.51
N SER A 514 12.18 -2.06 -37.40
CA SER A 514 13.06 -0.91 -37.30
C SER A 514 14.35 -1.29 -36.58
N GLY A 515 15.42 -0.57 -36.91
CA GLY A 515 16.71 -0.81 -36.28
C GLY A 515 17.63 -1.75 -37.02
N ILE A 516 17.35 -2.05 -38.29
CA ILE A 516 18.23 -2.94 -39.06
C ILE A 516 19.57 -2.27 -39.32
N ASP A 517 19.56 -0.96 -39.56
CA ASP A 517 20.79 -0.23 -39.85
C ASP A 517 21.65 0.00 -38.62
N ASN A 518 21.15 -0.30 -37.42
CA ASN A 518 21.90 -0.09 -36.19
C ASN A 518 22.85 -1.23 -35.86
N ILE A 519 22.87 -2.30 -36.65
CA ILE A 519 23.75 -3.42 -36.40
C ILE A 519 25.19 -3.03 -36.75
N THR A 520 26.11 -3.30 -35.83
CA THR A 520 27.50 -2.96 -36.03
C THR A 520 28.13 -3.88 -37.09
N GLU A 521 29.27 -3.43 -37.62
CA GLU A 521 29.95 -4.21 -38.67
C GLU A 521 30.53 -5.49 -38.09
N GLU A 522 31.02 -5.46 -36.86
CA GLU A 522 31.54 -6.66 -36.23
C GLU A 522 30.46 -7.72 -36.03
N ARG A 523 29.27 -7.28 -35.61
CA ARG A 523 28.15 -8.20 -35.45
C ARG A 523 27.73 -8.80 -36.79
N LYS A 524 27.72 -7.98 -37.85
CA LYS A 524 27.38 -8.47 -39.18
C LYS A 524 28.39 -9.51 -39.65
N LYS A 525 29.68 -9.24 -39.44
CA LYS A 525 30.72 -10.19 -39.83
C LYS A 525 30.61 -11.48 -39.02
N TYR A 526 30.30 -11.37 -37.73
CA TYR A 526 30.15 -12.55 -36.88
C TYR A 526 28.98 -13.40 -37.36
N LEU A 527 27.84 -12.77 -37.66
CA LEU A 527 26.68 -13.51 -38.14
C LEU A 527 26.95 -14.17 -39.49
N PHE A 528 27.61 -13.45 -40.40
CA PHE A 528 27.91 -14.02 -41.71
C PHE A 528 28.87 -15.20 -41.60
N SER A 529 29.90 -15.08 -40.76
CA SER A 529 30.83 -16.18 -40.57
C SER A 529 30.17 -17.38 -39.89
N ARG A 530 29.27 -17.11 -38.94
CA ARG A 530 28.58 -18.20 -38.25
C ARG A 530 27.66 -18.95 -39.20
N ASP A 531 26.97 -18.23 -40.10
CA ASP A 531 26.10 -18.90 -41.06
C ASP A 531 26.89 -19.59 -42.17
N ASN A 532 28.05 -19.06 -42.55
CA ASN A 532 28.85 -19.71 -43.58
C ASN A 532 29.59 -20.92 -43.05
N GLU A 533 29.98 -20.91 -41.78
CA GLU A 533 30.69 -22.06 -41.21
C GLU A 533 29.78 -23.27 -41.09
N ILE A 534 28.54 -23.07 -40.65
CA ILE A 534 27.60 -24.17 -40.48
C ILE A 534 26.90 -24.46 -41.80
N VAL B 107 -28.01 -47.02 -23.10
CA VAL B 107 -27.70 -48.42 -22.83
C VAL B 107 -26.89 -48.53 -21.54
N GLU B 108 -27.55 -49.00 -20.47
CA GLU B 108 -26.87 -49.13 -19.18
C GLU B 108 -25.91 -50.32 -19.17
N LYS B 109 -26.21 -51.36 -19.96
CA LYS B 109 -25.36 -52.54 -19.99
C LYS B 109 -23.96 -52.23 -20.53
N ARG B 110 -23.89 -51.42 -21.59
CA ARG B 110 -22.59 -51.05 -22.14
C ARG B 110 -21.77 -50.25 -21.13
N ALA B 111 -22.42 -49.34 -20.41
CA ALA B 111 -21.75 -48.59 -19.36
C ALA B 111 -21.27 -49.52 -18.24
N SER B 112 -22.08 -50.54 -17.91
CA SER B 112 -21.69 -51.47 -16.85
C SER B 112 -20.45 -52.27 -17.25
N MET B 113 -20.41 -52.78 -18.48
CA MET B 113 -19.20 -53.49 -18.93
C MET B 113 -18.01 -52.56 -19.07
N LEU B 114 -18.22 -51.31 -19.49
CA LEU B 114 -17.11 -50.37 -19.58
C LEU B 114 -16.51 -50.09 -18.20
N LEU B 115 -17.37 -49.86 -17.20
CA LEU B 115 -16.87 -49.61 -15.85
C LEU B 115 -16.25 -50.87 -15.25
N PHE B 116 -16.79 -52.06 -15.58
CA PHE B 116 -16.17 -53.30 -15.12
C PHE B 116 -14.77 -53.46 -15.70
N GLU B 117 -14.59 -53.15 -16.98
CA GLU B 117 -13.25 -53.22 -17.58
C GLU B 117 -12.32 -52.20 -16.96
N CYS B 118 -12.81 -50.98 -16.71
CA CYS B 118 -11.97 -49.95 -16.11
C CYS B 118 -11.56 -50.33 -14.69
N ALA B 119 -12.45 -50.95 -13.93
CA ALA B 119 -12.10 -51.41 -12.59
C ALA B 119 -11.14 -52.60 -12.65
N GLU B 120 -11.32 -53.50 -13.62
CA GLU B 120 -10.48 -54.70 -13.69
C GLU B 120 -9.05 -54.35 -14.08
N MET B 121 -8.88 -53.48 -15.07
CA MET B 121 -7.53 -53.08 -15.45
C MET B 121 -6.98 -51.95 -14.58
N ARG B 122 -7.80 -51.38 -13.70
CA ARG B 122 -7.40 -50.36 -12.73
C ARG B 122 -6.78 -49.14 -13.42
N VAL B 123 -7.45 -48.66 -14.46
CA VAL B 123 -7.04 -47.43 -15.10
C VAL B 123 -7.39 -46.24 -14.20
N SER B 124 -6.66 -45.14 -14.39
CA SER B 124 -6.90 -43.97 -13.55
C SER B 124 -8.09 -43.17 -14.05
N ASP B 125 -7.98 -42.58 -15.25
CA ASP B 125 -9.06 -41.83 -15.87
C ASP B 125 -9.42 -42.43 -17.21
N LEU B 126 -10.67 -42.20 -17.62
CA LEU B 126 -11.22 -42.73 -18.86
C LEU B 126 -11.72 -41.57 -19.71
N HIS B 127 -11.23 -41.48 -20.94
CA HIS B 127 -11.61 -40.42 -21.87
C HIS B 127 -12.42 -41.02 -23.01
N ILE B 128 -13.51 -40.35 -23.38
CA ILE B 128 -14.31 -40.72 -24.53
C ILE B 128 -14.48 -39.48 -25.40
N LYS B 129 -13.99 -39.54 -26.63
CA LYS B 129 -14.11 -38.44 -27.58
C LYS B 129 -15.05 -38.88 -28.70
N VAL B 130 -16.17 -38.17 -28.85
CA VAL B 130 -17.21 -38.52 -29.81
C VAL B 130 -17.17 -37.50 -30.94
N TYR B 131 -16.83 -37.97 -32.13
CA TYR B 131 -16.79 -37.16 -33.34
C TYR B 131 -18.09 -37.36 -34.13
N ASP B 132 -18.13 -36.80 -35.33
CA ASP B 132 -19.32 -36.94 -36.16
C ASP B 132 -19.47 -38.36 -36.72
N ALA B 133 -18.36 -39.04 -36.96
CA ALA B 133 -18.38 -40.37 -37.58
C ALA B 133 -18.11 -41.49 -36.58
N GLU B 134 -16.99 -41.42 -35.86
CA GLU B 134 -16.62 -42.48 -34.93
C GLU B 134 -16.10 -41.86 -33.64
N ALA B 135 -16.22 -42.62 -32.55
CA ALA B 135 -15.80 -42.19 -31.23
C ALA B 135 -14.65 -43.06 -30.75
N ASP B 136 -13.70 -42.44 -30.06
CA ASP B 136 -12.51 -43.10 -29.55
C ASP B 136 -12.56 -43.17 -28.04
N ILE B 137 -12.06 -44.27 -27.48
CA ILE B 137 -12.00 -44.50 -26.04
C ILE B 137 -10.53 -44.63 -25.65
N TYR B 138 -10.11 -43.81 -24.69
CA TYR B 138 -8.75 -43.80 -24.18
C TYR B 138 -8.75 -44.04 -22.68
N ILE B 139 -7.69 -44.67 -22.19
CA ILE B 139 -7.53 -44.95 -20.78
C ILE B 139 -6.15 -44.45 -20.34
N ARG B 140 -6.08 -43.86 -19.16
CA ARG B 140 -4.82 -43.40 -18.59
C ARG B 140 -4.37 -44.43 -17.56
N LYS B 141 -3.62 -45.42 -18.02
CA LYS B 141 -3.10 -46.49 -17.17
C LYS B 141 -1.62 -46.27 -16.94
N ASP B 142 -1.22 -46.16 -15.68
CA ASP B 142 0.16 -45.92 -15.26
C ASP B 142 0.73 -44.65 -15.91
N GLY B 143 -0.10 -43.61 -15.98
CA GLY B 143 0.31 -42.34 -16.57
C GLY B 143 0.18 -42.23 -18.07
N ASP B 144 0.67 -43.22 -18.80
CA ASP B 144 0.59 -43.18 -20.26
C ASP B 144 -0.84 -43.45 -20.72
N MET B 145 -1.22 -42.80 -21.81
CA MET B 145 -2.55 -42.95 -22.40
C MET B 145 -2.51 -43.99 -23.51
N GLU B 146 -3.49 -44.88 -23.51
CA GLU B 146 -3.58 -45.94 -24.51
C GLU B 146 -4.96 -45.91 -25.15
N LEU B 147 -5.03 -46.38 -26.39
CA LEU B 147 -6.28 -46.44 -27.14
C LEU B 147 -7.00 -47.74 -26.82
N LEU B 148 -8.19 -47.64 -26.23
CA LEU B 148 -8.95 -48.83 -25.87
C LEU B 148 -9.75 -49.35 -27.05
N ARG B 149 -10.68 -48.56 -27.58
CA ARG B 149 -11.58 -49.02 -28.61
C ARG B 149 -12.04 -47.85 -29.46
N GLN B 150 -12.63 -48.19 -30.61
CA GLN B 150 -13.25 -47.21 -31.50
C GLN B 150 -14.64 -47.74 -31.86
N ILE B 151 -15.66 -46.93 -31.58
CA ILE B 151 -17.05 -47.34 -31.73
C ILE B 151 -17.78 -46.27 -32.53
N GLU B 152 -19.09 -46.49 -32.72
CA GLU B 152 -19.92 -45.53 -33.44
C GLU B 152 -20.32 -44.38 -32.52
N SER B 153 -20.80 -43.31 -33.14
CA SER B 153 -21.10 -42.09 -32.38
C SER B 153 -22.39 -42.22 -31.58
N ASN B 154 -23.40 -42.88 -32.14
CA ASN B 154 -24.70 -42.96 -31.48
C ASN B 154 -24.62 -43.77 -30.19
N THR B 155 -23.91 -44.90 -30.22
CA THR B 155 -23.76 -45.72 -29.03
C THR B 155 -23.00 -44.96 -27.94
N ALA B 156 -21.93 -44.26 -28.32
CA ALA B 156 -21.15 -43.49 -27.35
C ALA B 156 -21.98 -42.36 -26.76
N HIS B 157 -22.82 -41.71 -27.58
CA HIS B 157 -23.73 -40.70 -27.06
C HIS B 157 -24.71 -41.31 -26.06
N SER B 158 -25.19 -42.52 -26.35
CA SER B 158 -26.08 -43.21 -25.42
C SER B 158 -25.40 -43.49 -24.08
N ILE B 159 -24.15 -43.97 -24.12
CA ILE B 159 -23.41 -44.22 -22.87
C ILE B 159 -23.18 -42.93 -22.11
N LEU B 160 -22.83 -41.84 -22.81
CA LEU B 160 -22.63 -40.56 -22.13
C LEU B 160 -23.92 -40.05 -21.48
N ALA B 161 -25.04 -40.17 -22.18
CA ALA B 161 -26.33 -39.77 -21.60
C ALA B 161 -26.69 -40.63 -20.39
N SER B 162 -26.44 -41.94 -20.48
CA SER B 162 -26.73 -42.82 -19.35
C SER B 162 -25.84 -42.50 -18.15
N LEU B 163 -24.56 -42.17 -18.40
CA LEU B 163 -23.67 -41.79 -17.31
C LEU B 163 -24.10 -40.47 -16.67
N TYR B 164 -24.55 -39.50 -17.46
CA TYR B 164 -24.96 -38.24 -16.87
C TYR B 164 -26.28 -38.37 -16.12
N ASN B 165 -27.21 -39.17 -16.63
CA ASN B 165 -28.53 -39.28 -16.00
C ASN B 165 -28.47 -40.03 -14.68
N ASN B 166 -27.54 -40.97 -14.53
CA ASN B 166 -27.45 -41.77 -13.31
C ASN B 166 -26.68 -41.09 -12.19
N ALA B 167 -26.11 -39.92 -12.44
CA ALA B 167 -25.34 -39.23 -11.42
C ALA B 167 -26.26 -38.57 -10.40
N ASP B 168 -25.64 -37.95 -9.40
CA ASP B 168 -26.37 -37.25 -8.33
C ASP B 168 -26.78 -35.84 -8.73
N ASP B 169 -26.46 -35.42 -9.96
CA ASP B 169 -26.75 -34.07 -10.44
C ASP B 169 -28.01 -34.00 -11.29
N SER B 170 -29.04 -34.74 -10.89
CA SER B 170 -30.32 -34.73 -11.60
C SER B 170 -30.91 -33.32 -11.59
N ASP B 171 -31.69 -33.03 -12.65
CA ASP B 171 -32.07 -31.75 -13.24
C ASP B 171 -30.91 -31.22 -14.07
N ALA B 172 -31.14 -30.12 -14.80
CA ALA B 172 -30.18 -29.58 -15.78
C ALA B 172 -29.76 -30.68 -16.76
N THR B 173 -30.76 -31.10 -17.54
CA THR B 173 -30.68 -32.31 -18.35
C THR B 173 -29.52 -32.28 -19.34
N TYR B 174 -29.17 -33.47 -19.83
CA TYR B 174 -28.03 -33.66 -20.72
C TYR B 174 -28.28 -32.94 -22.04
N LYS B 175 -27.49 -31.89 -22.30
CA LYS B 175 -27.59 -31.14 -23.53
C LYS B 175 -26.20 -30.99 -24.14
N ILE B 176 -26.17 -30.97 -25.48
CA ILE B 176 -24.93 -30.81 -26.23
C ILE B 176 -24.49 -29.36 -26.10
N ASN B 177 -23.26 -29.07 -26.53
CA ASN B 177 -22.55 -27.80 -26.39
C ASN B 177 -22.77 -27.13 -25.04
N ALA B 178 -22.54 -27.87 -23.96
CA ALA B 178 -22.59 -27.35 -22.61
C ALA B 178 -21.54 -28.04 -21.75
N TYR B 179 -20.90 -27.26 -20.87
CA TYR B 179 -19.92 -27.79 -19.93
C TYR B 179 -20.63 -28.23 -18.66
N GLN B 180 -20.60 -29.53 -18.37
CA GLN B 180 -21.38 -30.07 -17.26
C GLN B 180 -20.50 -30.92 -16.36
N ALA B 181 -20.60 -30.69 -15.06
CA ALA B 181 -19.88 -31.48 -14.06
C ALA B 181 -20.86 -32.33 -13.26
N ALA B 182 -20.43 -33.54 -12.91
CA ALA B 182 -21.29 -34.46 -12.18
C ALA B 182 -20.43 -35.41 -11.37
N ARG B 183 -21.07 -36.15 -10.47
CA ARG B 183 -20.38 -37.13 -9.64
C ARG B 183 -21.29 -38.33 -9.42
N ILE B 184 -20.70 -39.52 -9.48
CA ILE B 184 -21.41 -40.78 -9.24
C ILE B 184 -20.82 -41.42 -7.99
N VAL B 185 -21.67 -41.72 -7.02
CA VAL B 185 -21.24 -42.34 -5.76
C VAL B 185 -21.70 -43.80 -5.77
N ALA B 186 -20.79 -44.70 -5.41
CA ALA B 186 -21.09 -46.12 -5.41
C ALA B 186 -22.10 -46.47 -4.33
N SER B 187 -23.04 -47.33 -4.67
CA SER B 187 -24.10 -47.83 -3.80
C SER B 187 -25.00 -46.73 -3.25
N LYS B 188 -24.97 -45.54 -3.84
CA LYS B 188 -25.80 -44.43 -3.39
C LYS B 188 -26.51 -43.79 -4.57
N SER B 189 -25.92 -43.90 -5.75
CA SER B 189 -26.43 -43.27 -6.96
C SER B 189 -27.11 -44.33 -7.82
N ARG B 190 -28.39 -44.59 -7.51
CA ARG B 190 -29.26 -45.49 -8.28
C ARG B 190 -28.64 -46.88 -8.33
N LEU B 191 -28.24 -47.39 -9.49
CA LEU B 191 -27.72 -48.74 -9.60
C LEU B 191 -26.34 -48.84 -8.96
N ALA B 192 -25.98 -50.07 -8.59
CA ALA B 192 -24.76 -50.33 -7.84
C ALA B 192 -23.53 -50.21 -8.74
N LEU B 193 -22.37 -50.17 -8.09
CA LEU B 193 -21.07 -50.03 -8.73
C LEU B 193 -20.14 -51.11 -8.20
N PRO B 194 -19.05 -51.39 -8.90
CA PRO B 194 -18.03 -52.32 -8.37
C PRO B 194 -17.51 -51.86 -7.02
N PRO B 195 -17.24 -52.79 -6.11
CA PRO B 195 -16.83 -52.40 -4.75
C PRO B 195 -15.47 -51.71 -4.68
N VAL B 196 -14.63 -51.85 -5.70
CA VAL B 196 -13.32 -51.21 -5.67
C VAL B 196 -13.42 -49.71 -5.94
N ILE B 197 -14.52 -49.26 -6.54
CA ILE B 197 -14.70 -47.86 -6.91
C ILE B 197 -15.60 -47.19 -5.89
N GLN B 198 -15.19 -46.01 -5.40
CA GLN B 198 -16.01 -45.22 -4.48
C GLN B 198 -16.78 -44.13 -5.21
N ALA B 199 -16.07 -43.25 -5.91
CA ALA B 199 -16.68 -42.12 -6.59
C ALA B 199 -16.07 -41.94 -7.96
N VAL B 200 -16.89 -41.49 -8.91
CA VAL B 200 -16.46 -41.22 -10.28
C VAL B 200 -16.84 -39.78 -10.58
N ARG B 201 -15.85 -38.94 -10.88
CA ARG B 201 -16.12 -37.56 -11.23
C ARG B 201 -16.20 -37.42 -12.75
N LEU B 202 -17.33 -36.90 -13.23
CA LEU B 202 -17.61 -36.81 -14.66
C LEU B 202 -17.57 -35.36 -15.11
N GLN B 203 -16.90 -35.12 -16.23
CA GLN B 203 -16.84 -33.80 -16.85
C GLN B 203 -17.20 -33.93 -18.32
N PHE B 204 -18.14 -33.11 -18.77
CA PHE B 204 -18.64 -33.14 -20.14
C PHE B 204 -18.32 -31.80 -20.80
N ASN B 205 -17.58 -31.85 -21.90
CA ASN B 205 -17.18 -30.67 -22.66
C ASN B 205 -17.68 -30.78 -24.09
N PRO B 206 -18.05 -29.66 -24.70
CA PRO B 206 -18.36 -29.69 -26.15
C PRO B 206 -17.11 -29.94 -26.97
N LEU B 207 -17.31 -30.51 -28.14
CA LEU B 207 -16.21 -30.83 -29.05
C LEU B 207 -16.70 -30.70 -30.48
N GLY B 208 -16.37 -29.58 -31.12
CA GLY B 208 -16.76 -29.38 -32.51
C GLY B 208 -18.28 -29.25 -32.66
N GLN B 209 -18.78 -29.72 -33.78
CA GLN B 209 -20.21 -29.76 -34.05
C GLN B 209 -20.68 -31.20 -34.06
N GLY B 210 -21.65 -31.52 -33.22
CA GLY B 210 -22.13 -32.88 -33.09
C GLY B 210 -21.12 -33.84 -32.49
N GLY B 211 -20.36 -33.38 -31.50
CA GLY B 211 -19.40 -34.22 -30.83
C GLY B 211 -19.35 -33.91 -29.34
N ARG B 212 -18.79 -34.83 -28.57
CA ARG B 212 -18.75 -34.70 -27.13
C ARG B 212 -17.40 -35.16 -26.60
N TYR B 213 -17.15 -34.87 -25.32
CA TYR B 213 -15.88 -35.20 -24.69
C TYR B 213 -16.13 -35.47 -23.22
N LEU B 214 -16.04 -36.74 -22.82
CA LEU B 214 -16.29 -37.16 -21.45
C LEU B 214 -14.99 -37.62 -20.81
N ILE B 215 -14.74 -37.19 -19.58
CA ILE B 215 -13.59 -37.64 -18.81
C ILE B 215 -14.08 -38.08 -17.43
N ALA B 216 -13.84 -39.34 -17.08
CA ALA B 216 -14.22 -39.90 -15.80
C ALA B 216 -12.97 -40.19 -14.99
N ARG B 217 -12.93 -39.66 -13.77
CA ARG B 217 -11.80 -39.86 -12.86
C ARG B 217 -12.25 -40.77 -11.73
N PHE B 218 -11.77 -42.02 -11.76
CA PHE B 218 -12.16 -43.01 -10.78
C PHE B 218 -11.42 -42.80 -9.46
N LEU B 219 -12.08 -43.17 -8.36
CA LEU B 219 -11.50 -43.18 -7.04
C LEU B 219 -11.58 -44.59 -6.48
N TYR B 220 -10.46 -45.10 -5.98
CA TYR B 220 -10.36 -46.50 -5.59
C TYR B 220 -10.20 -46.64 -4.08
N THR B 221 -10.72 -47.75 -3.56
CA THR B 221 -10.61 -48.04 -2.14
C THR B 221 -9.16 -48.31 -1.74
N ASP B 222 -8.42 -49.04 -2.58
CA ASP B 222 -7.02 -49.41 -2.35
C ASP B 222 -6.81 -50.13 -1.02
N ASP B 231 9.64 -53.43 3.29
CA ASP B 231 8.65 -52.91 2.36
C ASP B 231 7.90 -51.64 2.85
N PRO B 232 7.48 -51.56 4.13
CA PRO B 232 6.92 -50.28 4.59
C PRO B 232 7.93 -49.15 4.66
N THR B 233 9.24 -49.44 4.66
CA THR B 233 10.24 -48.40 4.82
C THR B 233 10.58 -47.69 3.51
N ARG B 234 10.73 -48.45 2.42
CA ARG B 234 11.09 -47.89 1.12
C ARG B 234 10.10 -48.36 0.06
N PHE B 235 9.51 -47.40 -0.64
CA PHE B 235 8.66 -47.65 -1.81
C PHE B 235 9.35 -47.18 -3.08
N GLY B 236 10.66 -47.41 -3.16
CA GLY B 236 11.48 -46.83 -4.19
C GLY B 236 12.29 -45.63 -3.75
N PHE B 237 12.23 -45.27 -2.47
CA PHE B 237 12.98 -44.15 -1.93
C PHE B 237 14.45 -44.51 -1.77
N HIS B 238 15.29 -43.47 -1.78
CA HIS B 238 16.69 -43.62 -1.42
C HIS B 238 16.83 -43.67 0.10
N HIS B 239 17.96 -44.22 0.57
CA HIS B 239 18.15 -44.36 2.00
C HIS B 239 18.32 -43.00 2.69
N SER B 240 18.85 -42.01 1.97
CA SER B 240 18.91 -40.65 2.50
C SER B 240 17.51 -40.10 2.75
N HIS B 241 16.58 -40.38 1.82
CA HIS B 241 15.20 -39.96 2.01
C HIS B 241 14.56 -40.65 3.21
N ALA B 242 14.87 -41.93 3.42
CA ALA B 242 14.36 -42.64 4.58
C ALA B 242 14.89 -42.05 5.89
N GLU B 243 16.19 -41.72 5.92
CA GLU B 243 16.76 -41.10 7.11
C GLU B 243 16.15 -39.72 7.37
N SER B 244 15.94 -38.94 6.30
CA SER B 244 15.30 -37.64 6.46
C SER B 244 13.86 -37.79 6.96
N PHE B 245 13.15 -38.80 6.45
CA PHE B 245 11.78 -39.05 6.91
C PHE B 245 11.76 -39.41 8.39
N SER B 246 12.71 -40.24 8.83
CA SER B 246 12.80 -40.57 10.25
C SER B 246 13.10 -39.33 11.08
N ARG B 247 13.99 -38.46 10.59
CA ARG B 247 14.32 -37.25 11.33
C ARG B 247 13.12 -36.32 11.46
N MET B 248 12.35 -36.16 10.39
CA MET B 248 11.14 -35.31 10.49
C MET B 248 10.05 -35.98 11.31
N ARG B 249 10.00 -37.31 11.35
CA ARG B 249 9.03 -37.98 12.19
C ARG B 249 9.38 -37.85 13.67
N ASN B 250 10.68 -37.75 13.99
CA ASN B 250 11.06 -37.60 15.39
C ASN B 250 10.74 -36.21 15.93
N LEU B 251 10.65 -35.21 15.06
CA LEU B 251 10.37 -33.85 15.52
C LEU B 251 8.90 -33.71 15.93
N PRO B 252 8.62 -33.09 17.06
CA PRO B 252 7.22 -32.98 17.52
C PRO B 252 6.49 -31.76 16.99
N ILE B 253 7.22 -30.76 16.50
CA ILE B 253 6.65 -29.49 16.10
C ILE B 253 7.18 -29.11 14.73
N GLY B 254 6.29 -28.75 13.83
CA GLY B 254 6.69 -28.29 12.51
C GLY B 254 5.62 -28.60 11.49
N ILE B 255 5.84 -28.10 10.28
CA ILE B 255 4.96 -28.34 9.14
C ILE B 255 5.75 -29.00 8.02
N ASN B 256 5.19 -30.05 7.45
CA ASN B 256 5.80 -30.80 6.35
C ASN B 256 4.87 -30.73 5.15
N ILE B 257 5.44 -30.43 3.97
CA ILE B 257 4.67 -30.27 2.75
C ILE B 257 5.14 -31.31 1.74
N ILE B 258 4.21 -32.10 1.22
CA ILE B 258 4.49 -33.06 0.16
C ILE B 258 4.02 -32.45 -1.16
N SER B 259 4.91 -32.37 -2.14
CA SER B 259 4.60 -31.72 -3.40
C SER B 259 4.75 -32.69 -4.56
N GLY B 260 4.04 -32.39 -5.64
CA GLY B 260 4.07 -33.20 -6.83
C GLY B 260 2.80 -33.08 -7.64
N PRO B 261 2.76 -33.74 -8.79
CA PRO B 261 1.54 -33.73 -9.62
C PRO B 261 0.49 -34.66 -9.04
N THR B 262 -0.65 -34.72 -9.72
CA THR B 262 -1.76 -35.54 -9.23
C THR B 262 -1.50 -37.03 -9.43
N GLY B 263 -0.58 -37.37 -10.34
CA GLY B 263 -0.28 -38.77 -10.59
C GLY B 263 0.70 -39.39 -9.61
N SER B 264 1.48 -38.56 -8.92
CA SER B 264 2.49 -39.08 -8.00
C SER B 264 1.84 -39.65 -6.74
N GLY B 265 2.60 -40.48 -6.03
CA GLY B 265 2.10 -41.15 -4.85
C GLY B 265 2.27 -40.36 -3.57
N LYS B 266 1.47 -39.32 -3.38
CA LYS B 266 1.53 -38.50 -2.19
C LYS B 266 0.70 -39.06 -1.05
N SER B 267 -0.53 -39.49 -1.36
CA SER B 267 -1.42 -40.03 -0.33
C SER B 267 -0.87 -41.33 0.26
N THR B 268 -0.32 -42.20 -0.59
CA THR B 268 0.28 -43.44 -0.10
C THR B 268 1.49 -43.15 0.77
N THR B 269 2.31 -42.17 0.37
CA THR B 269 3.47 -41.79 1.18
C THR B 269 3.05 -41.26 2.53
N LEU B 270 2.03 -40.40 2.58
CA LEU B 270 1.55 -39.87 3.84
C LEU B 270 0.95 -40.97 4.71
N LYS B 271 0.21 -41.90 4.10
CA LYS B 271 -0.35 -43.02 4.85
C LYS B 271 0.74 -43.88 5.47
N ASN B 272 1.78 -44.19 4.70
CA ASN B 272 2.87 -45.01 5.22
C ASN B 272 3.64 -44.28 6.31
N LEU B 273 3.87 -42.97 6.13
CA LEU B 273 4.58 -42.19 7.13
C LEU B 273 3.79 -42.12 8.44
N LEU B 274 2.48 -41.92 8.36
CA LEU B 274 1.67 -41.90 9.58
C LEU B 274 1.55 -43.27 10.23
N GLU B 275 1.48 -44.35 9.45
CA GLU B 275 1.49 -45.69 10.02
C GLU B 275 2.79 -45.99 10.75
N LEU B 276 3.92 -45.57 10.18
CA LEU B 276 5.20 -45.74 10.86
C LEU B 276 5.28 -44.87 12.12
N LEU B 277 4.77 -43.64 12.04
CA LEU B 277 4.87 -42.72 13.16
C LEU B 277 4.00 -43.15 14.34
N TYR B 278 2.83 -43.74 14.05
CA TYR B 278 1.97 -44.21 15.13
C TYR B 278 2.64 -45.35 15.91
N ILE B 279 3.33 -46.24 15.20
CA ILE B 279 4.05 -47.32 15.88
C ILE B 279 5.26 -46.76 16.63
N GLU B 280 5.96 -45.78 16.04
CA GLU B 280 7.15 -45.25 16.67
C GLU B 280 6.85 -44.47 17.95
N LYS B 281 5.67 -43.85 18.04
CA LYS B 281 5.29 -43.06 19.20
C LYS B 281 4.69 -43.90 20.32
N LYS B 282 4.58 -45.21 20.13
CA LYS B 282 4.06 -46.15 21.14
C LYS B 282 2.62 -45.80 21.54
N LYS B 283 1.85 -45.27 20.57
CA LYS B 283 0.44 -44.94 20.73
C LYS B 283 0.20 -43.95 21.88
N LYS B 284 1.16 -43.06 22.12
CA LYS B 284 1.04 -42.04 23.15
C LYS B 284 0.66 -40.68 22.59
N VAL B 285 0.30 -40.62 21.30
CA VAL B 285 -0.03 -39.36 20.65
C VAL B 285 -1.36 -39.52 19.92
N ASN B 286 -2.02 -38.40 19.68
CA ASN B 286 -3.29 -38.37 18.95
C ASN B 286 -3.05 -37.82 17.55
N ILE B 287 -3.53 -38.54 16.54
CA ILE B 287 -3.42 -38.14 15.15
C ILE B 287 -4.82 -37.95 14.60
N ILE B 288 -5.05 -36.83 13.93
CA ILE B 288 -6.34 -36.51 13.32
C ILE B 288 -6.09 -36.11 11.87
N SER B 289 -6.80 -36.77 10.95
CA SER B 289 -6.68 -36.50 9.52
C SER B 289 -7.99 -35.96 8.98
N ILE B 290 -7.89 -35.01 8.06
CA ILE B 290 -9.06 -34.41 7.41
C ILE B 290 -8.93 -34.68 5.92
N GLU B 291 -9.89 -35.41 5.35
CA GLU B 291 -9.89 -35.73 3.94
C GLU B 291 -11.33 -35.67 3.43
N ASP B 292 -11.51 -35.12 2.24
CA ASP B 292 -12.86 -35.06 1.70
C ASP B 292 -13.26 -36.46 1.21
N PRO B 293 -12.44 -37.19 0.44
CA PRO B 293 -12.65 -38.63 0.34
C PRO B 293 -11.83 -39.38 1.36
N PRO B 294 -12.45 -40.25 2.15
CA PRO B 294 -11.66 -41.16 3.02
C PRO B 294 -11.15 -42.37 2.24
N GLU B 295 -10.26 -42.10 1.29
CA GLU B 295 -9.85 -43.13 0.33
C GLU B 295 -8.91 -44.15 0.94
N TYR B 296 -7.99 -43.73 1.80
CA TYR B 296 -6.98 -44.60 2.38
C TYR B 296 -7.23 -44.77 3.87
N GLU B 297 -7.30 -46.02 4.32
CA GLU B 297 -7.50 -46.32 5.72
C GLU B 297 -6.15 -46.38 6.43
N ILE B 298 -5.99 -45.56 7.46
CA ILE B 298 -4.75 -45.47 8.23
C ILE B 298 -5.06 -45.81 9.68
N ASP B 299 -4.23 -46.66 10.28
CA ASP B 299 -4.48 -47.11 11.64
C ASP B 299 -4.21 -45.99 12.65
N GLY B 300 -5.17 -45.79 13.55
CA GLY B 300 -5.03 -44.78 14.59
C GLY B 300 -4.95 -43.36 14.10
N THR B 301 -5.79 -42.98 13.14
CA THR B 301 -5.73 -41.65 12.55
C THR B 301 -7.07 -40.92 12.53
N ALA B 302 -8.19 -41.65 12.50
CA ALA B 302 -9.54 -41.09 12.66
C ALA B 302 -9.83 -40.01 11.62
N GLN B 303 -9.89 -40.47 10.36
CA GLN B 303 -10.16 -39.58 9.24
C GLN B 303 -11.51 -38.90 9.39
N LEU B 304 -11.52 -37.58 9.18
CA LEU B 304 -12.75 -36.80 9.30
C LEU B 304 -13.24 -36.44 7.91
N PRO B 305 -14.37 -36.99 7.45
CA PRO B 305 -14.85 -36.68 6.11
C PRO B 305 -15.63 -35.37 6.07
N ILE B 306 -15.91 -34.91 4.86
CA ILE B 306 -16.77 -33.77 4.61
C ILE B 306 -18.15 -34.32 4.25
N THR B 307 -19.12 -34.09 5.12
CA THR B 307 -20.43 -34.72 5.01
C THR B 307 -21.45 -33.86 4.27
N ASN B 308 -21.73 -32.66 4.78
CA ASN B 308 -22.74 -31.78 4.18
C ASN B 308 -22.08 -30.89 3.14
N VAL B 309 -21.65 -31.52 2.04
CA VAL B 309 -20.95 -30.81 0.98
C VAL B 309 -21.88 -29.85 0.24
N GLU B 310 -23.15 -30.25 0.03
CA GLU B 310 -24.17 -29.46 -0.66
C GLU B 310 -23.66 -29.17 -2.07
N THR B 311 -23.54 -27.92 -2.50
CA THR B 311 -23.05 -27.61 -3.82
C THR B 311 -21.51 -27.60 -3.83
N GLU B 312 -20.94 -27.45 -5.01
CA GLU B 312 -19.48 -27.46 -5.14
C GLU B 312 -18.86 -26.18 -4.60
N ALA B 313 -19.57 -25.05 -4.66
CA ALA B 313 -19.04 -23.80 -4.14
C ALA B 313 -18.98 -23.76 -2.62
N GLN B 314 -19.80 -24.57 -1.95
CA GLN B 314 -19.84 -24.61 -0.49
C GLN B 314 -18.86 -25.62 0.09
N ARG B 315 -18.12 -26.35 -0.76
CA ARG B 315 -17.22 -27.38 -0.27
C ARG B 315 -16.07 -26.78 0.53
N GLY B 316 -15.55 -25.63 0.11
CA GLY B 316 -14.45 -25.00 0.82
C GLY B 316 -14.82 -24.54 2.21
N GLU B 317 -16.04 -24.02 2.38
CA GLU B 317 -16.50 -23.59 3.69
C GLU B 317 -16.61 -24.77 4.65
N GLU B 318 -17.13 -25.90 4.18
CA GLU B 318 -17.19 -27.09 5.03
C GLU B 318 -15.81 -27.67 5.30
N TYR B 319 -14.88 -27.54 4.36
CA TYR B 319 -13.51 -27.96 4.62
C TYR B 319 -12.88 -27.10 5.71
N ARG B 320 -13.10 -25.79 5.66
CA ARG B 320 -12.61 -24.90 6.72
C ARG B 320 -13.27 -25.22 8.05
N LYS B 321 -14.57 -25.54 8.03
CA LYS B 321 -15.26 -25.92 9.26
C LYS B 321 -14.68 -27.20 9.85
N ALA B 322 -14.36 -28.18 9.00
CA ALA B 322 -13.74 -29.41 9.48
C ALA B 322 -12.35 -29.15 10.05
N ILE B 323 -11.58 -28.26 9.41
CA ILE B 323 -10.25 -27.92 9.92
C ILE B 323 -10.36 -27.25 11.29
N THR B 324 -11.29 -26.31 11.44
CA THR B 324 -11.46 -25.63 12.72
C THR B 324 -11.97 -26.58 13.80
N ALA B 325 -12.85 -27.52 13.43
CA ALA B 325 -13.33 -28.51 14.39
C ALA B 325 -12.20 -29.45 14.83
N ALA B 326 -11.31 -29.81 13.90
CA ALA B 326 -10.15 -30.61 14.27
C ALA B 326 -9.20 -29.84 15.16
N LEU B 327 -9.05 -28.53 14.92
CA LEU B 327 -8.22 -27.71 15.79
C LEU B 327 -8.83 -27.52 17.17
N ARG B 328 -10.16 -27.52 17.27
CA ARG B 328 -10.83 -27.47 18.56
C ARG B 328 -10.75 -28.79 19.32
N SER B 329 -10.32 -29.86 18.66
CA SER B 329 -10.07 -31.16 19.26
C SER B 329 -8.69 -31.17 19.93
N ASP B 330 -8.18 -32.36 20.24
CA ASP B 330 -6.77 -32.50 20.57
C ASP B 330 -6.02 -32.97 19.33
N PRO B 331 -5.54 -32.05 18.50
CA PRO B 331 -5.02 -32.44 17.19
C PRO B 331 -3.66 -33.11 17.26
N ASP B 332 -2.73 -32.52 18.02
CA ASP B 332 -1.32 -32.88 18.01
C ASP B 332 -0.80 -32.90 16.58
N ILE B 333 -0.88 -34.06 15.94
CA ILE B 333 -0.48 -34.22 14.55
C ILE B 333 -1.71 -34.13 13.66
N ILE B 334 -1.65 -33.29 12.64
CA ILE B 334 -2.77 -33.04 11.74
C ILE B 334 -2.35 -33.43 10.33
N MET B 335 -3.22 -34.15 9.62
CA MET B 335 -2.99 -34.49 8.21
C MET B 335 -4.17 -34.07 7.37
N PRO B 336 -4.24 -32.82 6.93
CA PRO B 336 -5.25 -32.44 5.93
C PRO B 336 -4.99 -33.13 4.60
N GLY B 337 -6.08 -33.36 3.86
CA GLY B 337 -5.96 -34.04 2.58
C GLY B 337 -5.16 -33.24 1.56
N GLU B 338 -5.48 -31.95 1.42
CA GLU B 338 -4.85 -31.10 0.43
C GLU B 338 -4.93 -29.65 0.90
N ALA B 339 -3.92 -28.87 0.53
CA ALA B 339 -3.90 -27.44 0.75
C ALA B 339 -4.26 -26.77 -0.58
N ARG B 340 -5.46 -26.20 -0.65
CA ARG B 340 -6.00 -25.71 -1.92
C ARG B 340 -6.09 -24.19 -1.97
N ASP B 341 -6.76 -23.56 -1.02
CA ASP B 341 -6.98 -22.12 -1.03
C ASP B 341 -6.15 -21.45 0.06
N ALA B 342 -6.27 -20.12 0.15
CA ALA B 342 -5.46 -19.36 1.08
C ALA B 342 -5.92 -19.53 2.52
N GLU B 343 -7.23 -19.71 2.74
CA GLU B 343 -7.75 -19.80 4.11
C GLU B 343 -7.27 -21.07 4.81
N VAL B 344 -7.29 -22.20 4.11
CA VAL B 344 -6.84 -23.45 4.70
C VAL B 344 -5.34 -23.40 5.00
N ILE B 345 -4.56 -22.82 4.08
CA ILE B 345 -3.11 -22.71 4.31
C ILE B 345 -2.83 -21.77 5.48
N ASN B 346 -3.60 -20.68 5.60
CA ASN B 346 -3.43 -19.78 6.74
C ASN B 346 -3.78 -20.48 8.05
N LEU B 347 -4.85 -21.28 8.05
CA LEU B 347 -5.20 -22.04 9.25
C LEU B 347 -4.11 -23.05 9.61
N LEU B 348 -3.54 -23.72 8.61
CA LEU B 348 -2.48 -24.69 8.87
C LEU B 348 -1.22 -24.02 9.39
N PHE B 349 -0.88 -22.84 8.86
CA PHE B 349 0.29 -22.13 9.36
C PHE B 349 0.06 -21.59 10.76
N THR B 350 -1.18 -21.19 11.07
CA THR B 350 -1.52 -20.79 12.43
C THR B 350 -1.40 -21.97 13.39
N ALA B 351 -1.85 -23.15 12.95
CA ALA B 351 -1.71 -24.34 13.79
C ALA B 351 -0.26 -24.76 13.95
N ALA B 352 0.58 -24.49 12.95
CA ALA B 352 1.99 -24.85 13.05
C ALA B 352 2.74 -24.01 14.07
N MET B 353 2.38 -22.73 14.21
CA MET B 353 2.99 -21.86 15.20
C MET B 353 2.35 -22.00 16.57
N THR B 354 1.32 -22.83 16.71
CA THR B 354 0.65 -23.05 17.98
C THR B 354 1.25 -24.21 18.78
N GLY B 355 1.83 -25.19 18.10
CA GLY B 355 2.37 -26.35 18.77
C GLY B 355 1.82 -27.67 18.24
N HIS B 356 1.43 -27.66 16.97
CA HIS B 356 0.90 -28.85 16.29
C HIS B 356 1.78 -29.21 15.11
N GLN B 357 1.80 -30.49 14.76
CA GLN B 357 2.52 -30.98 13.60
C GLN B 357 1.56 -31.16 12.44
N VAL B 358 1.92 -30.63 11.27
CA VAL B 358 1.05 -30.63 10.11
C VAL B 358 1.75 -31.36 8.96
N TRP B 359 1.06 -32.35 8.41
CA TRP B 359 1.48 -33.04 7.19
C TRP B 359 0.44 -32.74 6.12
N THR B 360 0.87 -32.18 5.00
CA THR B 360 -0.07 -31.74 3.98
C THR B 360 0.46 -32.09 2.59
N SER B 361 -0.44 -32.03 1.62
CA SER B 361 -0.12 -32.27 0.21
C SER B 361 -0.36 -31.00 -0.58
N LEU B 362 0.52 -30.72 -1.53
CA LEU B 362 0.45 -29.50 -2.32
C LEU B 362 0.84 -29.83 -3.77
N HIS B 363 0.34 -29.01 -4.70
CA HIS B 363 0.68 -29.13 -6.10
C HIS B 363 1.79 -28.15 -6.43
N ALA B 364 2.93 -28.66 -6.87
CA ALA B 364 4.08 -27.81 -7.18
C ALA B 364 4.96 -28.51 -8.19
N ASN B 365 5.84 -27.73 -8.83
CA ASN B 365 6.73 -28.26 -9.85
C ASN B 365 8.05 -28.74 -9.29
N ASN B 366 8.48 -28.20 -8.14
CA ASN B 366 9.78 -28.50 -7.59
C ASN B 366 9.69 -28.49 -6.08
N ALA B 367 10.69 -29.09 -5.43
CA ALA B 367 10.75 -29.08 -3.98
C ALA B 367 10.96 -27.67 -3.44
N LEU B 368 11.82 -26.89 -4.09
CA LEU B 368 12.04 -25.51 -3.68
C LEU B 368 11.01 -24.54 -4.25
N ALA B 369 10.10 -25.02 -5.10
CA ALA B 369 9.04 -24.19 -5.66
C ALA B 369 7.79 -24.20 -4.79
N ILE B 370 7.83 -24.87 -3.64
CA ILE B 370 6.70 -24.82 -2.70
C ILE B 370 6.53 -23.41 -2.16
N PHE B 371 7.63 -22.71 -1.92
CA PHE B 371 7.57 -21.35 -1.40
C PHE B 371 6.94 -20.39 -2.39
N ASP B 372 7.13 -20.62 -3.70
CA ASP B 372 6.46 -19.80 -4.70
C ASP B 372 4.95 -19.97 -4.63
N ARG B 373 4.48 -21.22 -4.47
CA ARG B 373 3.05 -21.46 -4.32
C ARG B 373 2.51 -20.84 -3.05
N LEU B 374 3.26 -20.93 -1.95
CA LEU B 374 2.80 -20.36 -0.69
C LEU B 374 2.74 -18.83 -0.75
N LYS B 375 3.70 -18.20 -1.44
CA LYS B 375 3.64 -16.76 -1.62
C LYS B 375 2.53 -16.37 -2.59
N ASP B 376 2.22 -17.24 -3.56
CA ASP B 376 1.06 -17.01 -4.42
C ASP B 376 -0.23 -17.03 -3.61
N GLN B 377 -0.35 -17.96 -2.66
CA GLN B 377 -1.55 -18.05 -1.85
C GLN B 377 -1.65 -16.90 -0.84
N GLY B 378 -0.51 -16.40 -0.36
CA GLY B 378 -0.54 -15.26 0.53
C GLY B 378 0.26 -15.40 1.81
N VAL B 379 1.12 -16.41 1.89
CA VAL B 379 1.93 -16.62 3.09
C VAL B 379 3.02 -15.56 3.16
N ASP B 380 3.17 -14.93 4.33
CA ASP B 380 4.13 -13.86 4.51
C ASP B 380 5.55 -14.42 4.58
N GLU B 381 6.52 -13.51 4.54
CA GLU B 381 7.92 -13.91 4.49
C GLU B 381 8.43 -14.42 5.82
N PHE B 382 7.99 -13.82 6.94
CA PHE B 382 8.48 -14.24 8.25
C PHE B 382 7.95 -15.61 8.65
N LYS B 383 6.84 -16.05 8.05
CA LYS B 383 6.38 -17.42 8.28
C LYS B 383 7.31 -18.42 7.60
N LEU B 384 7.80 -18.08 6.41
CA LEU B 384 8.67 -18.96 5.64
C LEU B 384 10.13 -18.84 6.03
N THR B 385 10.51 -17.81 6.80
CA THR B 385 11.90 -17.64 7.18
C THR B 385 12.33 -18.61 8.28
N ASP B 386 11.41 -19.00 9.16
CA ASP B 386 11.75 -19.84 10.32
C ASP B 386 12.13 -21.25 9.89
N PRO B 387 13.34 -21.74 10.23
CA PRO B 387 13.70 -23.11 9.86
C PRO B 387 13.05 -24.16 10.77
N GLU B 388 12.71 -23.76 12.00
CA GLU B 388 12.07 -24.69 12.92
C GLU B 388 10.62 -24.95 12.55
N LEU B 389 9.99 -24.02 11.83
CA LEU B 389 8.60 -24.22 11.41
C LEU B 389 8.52 -25.14 10.21
N ILE B 390 9.14 -24.76 9.09
CA ILE B 390 9.10 -25.54 7.86
C ILE B 390 10.11 -26.67 8.04
N THR B 391 9.63 -27.82 8.53
CA THR B 391 10.55 -28.89 8.89
C THR B 391 11.10 -29.62 7.67
N GLY B 392 10.26 -29.91 6.68
CA GLY B 392 10.72 -30.67 5.53
C GLY B 392 9.89 -30.39 4.30
N LEU B 393 10.52 -30.55 3.13
CA LEU B 393 9.86 -30.38 1.85
C LEU B 393 10.16 -31.59 0.98
N VAL B 394 9.13 -32.20 0.40
CA VAL B 394 9.27 -33.41 -0.39
C VAL B 394 8.63 -33.17 -1.75
N ALA B 395 9.36 -33.53 -2.82
CA ALA B 395 8.81 -33.53 -4.17
C ALA B 395 8.91 -34.93 -4.75
N GLN B 396 7.83 -35.39 -5.38
CA GLN B 396 7.68 -36.78 -5.77
C GLN B 396 7.22 -36.89 -7.23
N ARG B 397 7.71 -37.91 -7.92
CA ARG B 397 7.23 -38.31 -9.23
C ARG B 397 7.19 -39.83 -9.29
N LEU B 398 6.35 -40.36 -10.17
CA LEU B 398 6.21 -41.80 -10.37
C LEU B 398 6.62 -42.17 -11.78
N VAL B 399 7.49 -43.18 -11.91
CA VAL B 399 7.93 -43.67 -13.20
C VAL B 399 7.72 -45.18 -13.24
N ARG B 400 7.83 -45.73 -14.44
CA ARG B 400 7.58 -47.16 -14.64
C ARG B 400 8.87 -47.96 -14.44
N LYS B 401 8.74 -49.11 -13.79
CA LYS B 401 9.87 -49.96 -13.45
C LYS B 401 10.04 -51.04 -14.52
N LEU B 402 11.25 -51.17 -15.04
CA LEU B 402 11.52 -52.19 -16.04
C LEU B 402 11.47 -53.58 -15.42
N CYS B 403 11.07 -54.55 -16.24
CA CYS B 403 11.04 -55.95 -15.79
C CYS B 403 12.45 -56.45 -15.53
N ALA B 404 12.67 -57.01 -14.35
CA ALA B 404 14.01 -57.44 -13.95
C ALA B 404 14.41 -58.79 -14.53
N GLN B 405 13.48 -59.51 -15.16
CA GLN B 405 13.80 -60.83 -15.68
C GLN B 405 14.26 -60.78 -17.13
N CYS B 406 13.54 -60.03 -17.98
CA CYS B 406 13.93 -59.89 -19.38
C CYS B 406 15.27 -59.17 -19.49
N SER B 407 15.30 -57.89 -19.11
CA SER B 407 16.52 -57.10 -18.93
C SER B 407 17.44 -57.14 -20.16
N ILE B 408 16.93 -56.62 -21.27
CA ILE B 408 17.74 -56.52 -22.48
C ILE B 408 18.67 -55.32 -22.37
N THR B 409 19.81 -55.40 -23.05
CA THR B 409 20.85 -54.39 -22.94
C THR B 409 20.68 -53.35 -24.06
N LEU B 410 21.64 -52.45 -24.17
CA LEU B 410 21.60 -51.42 -25.22
C LEU B 410 21.84 -52.04 -26.60
N THR B 411 22.76 -53.00 -26.69
CA THR B 411 23.05 -53.63 -27.97
C THR B 411 21.85 -54.42 -28.48
N GLU B 412 21.16 -55.14 -27.60
CA GLU B 412 19.97 -55.88 -27.99
C GLU B 412 18.86 -54.93 -28.43
N TYR B 413 18.70 -53.81 -27.74
CA TYR B 413 17.70 -52.83 -28.12
C TYR B 413 18.02 -52.20 -29.47
N ILE B 414 19.29 -51.94 -29.74
CA ILE B 414 19.69 -51.38 -31.03
C ILE B 414 19.46 -52.39 -32.14
N ALA B 415 19.82 -53.66 -31.91
CA ALA B 415 19.63 -54.68 -32.93
C ALA B 415 18.16 -54.98 -33.18
N SER B 416 17.33 -54.88 -32.15
CA SER B 416 15.89 -55.13 -32.32
C SER B 416 15.25 -54.04 -33.17
N GLY B 417 15.62 -52.80 -32.94
CA GLY B 417 15.07 -51.67 -33.67
C GLY B 417 15.03 -50.43 -32.81
N GLY B 418 15.05 -49.28 -33.48
CA GLY B 418 15.03 -48.01 -32.80
C GLY B 418 16.42 -47.54 -32.38
N GLY B 419 16.49 -46.28 -31.99
CA GLY B 419 17.74 -45.69 -31.58
C GLY B 419 17.52 -44.55 -30.61
N ILE B 420 18.50 -44.32 -29.75
CA ILE B 420 18.43 -43.24 -28.77
C ILE B 420 18.90 -41.93 -29.41
N SER B 421 18.48 -40.82 -28.81
CA SER B 421 18.82 -39.49 -29.31
C SER B 421 20.21 -39.10 -28.82
N ASP B 422 20.58 -37.83 -29.06
CA ASP B 422 21.89 -37.37 -28.64
C ASP B 422 21.96 -37.15 -27.13
N THR B 423 20.89 -36.59 -26.54
CA THR B 423 20.85 -36.38 -25.10
C THR B 423 20.81 -37.70 -24.35
N ASP B 424 20.04 -38.67 -24.86
CA ASP B 424 20.01 -39.98 -24.24
C ASP B 424 21.37 -40.66 -24.31
N ARG B 425 22.06 -40.53 -25.45
CA ARG B 425 23.41 -41.07 -25.56
C ARG B 425 24.37 -40.38 -24.60
N LYS B 426 24.23 -39.07 -24.42
CA LYS B 426 25.07 -38.34 -23.47
C LYS B 426 24.84 -38.81 -22.05
N ILE B 427 23.57 -39.08 -21.70
CA ILE B 427 23.26 -39.61 -20.37
C ILE B 427 23.86 -41.00 -20.21
N ILE B 428 23.71 -41.85 -21.24
CA ILE B 428 24.15 -43.24 -21.16
C ILE B 428 25.68 -43.34 -21.08
N SER B 429 26.40 -42.43 -21.76
CA SER B 429 27.84 -42.49 -21.99
C SER B 429 28.70 -42.84 -20.79
N GLY B 430 28.25 -42.49 -19.59
CA GLY B 430 29.01 -42.86 -18.40
C GLY B 430 29.04 -44.36 -18.17
N HIS B 431 27.88 -45.02 -18.29
CA HIS B 431 27.77 -46.47 -18.05
C HIS B 431 26.95 -47.04 -19.20
N GLU B 432 27.61 -47.77 -20.09
CA GLU B 432 26.94 -48.30 -21.28
C GLU B 432 26.20 -49.60 -20.96
N THR B 433 26.89 -50.58 -20.39
CA THR B 433 26.31 -51.90 -20.19
C THR B 433 25.39 -51.96 -18.97
N SER B 434 25.46 -50.98 -18.07
CA SER B 434 24.66 -51.04 -16.85
C SER B 434 23.19 -50.75 -17.11
N VAL B 435 22.89 -49.96 -18.14
CA VAL B 435 21.51 -49.56 -18.41
C VAL B 435 20.77 -50.71 -19.08
N ARG B 436 19.45 -50.72 -18.91
CA ARG B 436 18.57 -51.73 -19.47
C ARG B 436 17.43 -51.06 -20.22
N PHE B 437 16.83 -51.81 -21.14
CA PHE B 437 15.77 -51.31 -22.00
C PHE B 437 14.58 -52.26 -21.99
N PRO B 438 13.38 -51.74 -22.24
CA PRO B 438 12.19 -52.61 -22.22
C PRO B 438 12.20 -53.65 -23.31
N ASN B 439 11.54 -54.79 -23.03
CA ASN B 439 11.46 -55.91 -23.97
C ASN B 439 10.02 -56.10 -24.41
N PRO B 440 9.65 -55.68 -25.63
CA PRO B 440 8.27 -55.85 -26.12
C PRO B 440 8.08 -57.20 -26.81
N ARG B 441 8.40 -58.28 -26.10
CA ARG B 441 8.28 -59.63 -26.62
C ARG B 441 7.00 -60.33 -26.17
N ALA B 442 6.16 -59.66 -25.39
CA ALA B 442 4.90 -60.21 -24.88
C ALA B 442 5.14 -61.51 -24.10
N LYS B 443 6.10 -61.48 -23.18
CA LYS B 443 6.43 -62.66 -22.40
C LYS B 443 5.36 -62.93 -21.35
N LYS B 444 5.44 -64.12 -20.74
CA LYS B 444 4.48 -64.51 -19.72
C LYS B 444 4.72 -63.80 -18.39
N CYS B 445 5.96 -63.41 -18.10
CA CYS B 445 6.27 -62.82 -16.81
C CYS B 445 5.70 -61.40 -16.70
N CYS B 446 5.83 -60.60 -17.75
CA CYS B 446 5.36 -59.22 -17.74
C CYS B 446 4.35 -59.03 -18.87
N ARG B 447 3.23 -58.38 -18.55
CA ARG B 447 2.20 -58.13 -19.56
C ARG B 447 2.69 -57.17 -20.63
N ASP B 448 3.39 -56.10 -20.23
CA ASP B 448 3.91 -55.11 -21.15
C ASP B 448 5.38 -54.78 -20.94
N GLY B 449 6.03 -55.37 -19.94
CA GLY B 449 7.41 -55.08 -19.65
C GLY B 449 7.64 -53.92 -18.70
N TYR B 450 6.58 -53.28 -18.22
CA TYR B 450 6.70 -52.11 -17.35
C TYR B 450 6.28 -52.37 -15.91
N ASN B 451 5.90 -53.61 -15.57
CA ASN B 451 5.69 -54.07 -14.20
C ASN B 451 4.81 -53.14 -13.36
N GLY B 452 5.40 -52.54 -12.34
CA GLY B 452 4.69 -51.59 -11.50
C GLY B 452 5.22 -50.18 -11.67
N ARG B 453 5.44 -49.47 -10.57
CA ARG B 453 5.93 -48.10 -10.62
C ARG B 453 6.80 -47.82 -9.41
N THR B 454 7.75 -46.91 -9.59
CA THR B 454 8.68 -46.49 -8.55
C THR B 454 8.62 -44.98 -8.36
N ILE B 455 9.01 -44.54 -7.17
CA ILE B 455 8.99 -43.13 -6.80
C ILE B 455 10.39 -42.56 -6.95
N LEU B 456 10.50 -41.45 -7.67
CA LEU B 456 11.69 -40.61 -7.69
C LEU B 456 11.38 -39.35 -6.93
N ALA B 457 12.14 -39.07 -5.87
CA ALA B 457 11.77 -38.00 -4.95
C ALA B 457 13.00 -37.24 -4.51
N GLU B 458 12.76 -36.02 -4.01
CA GLU B 458 13.77 -35.22 -3.36
C GLU B 458 13.21 -34.71 -2.04
N VAL B 459 14.01 -34.84 -0.98
CA VAL B 459 13.63 -34.41 0.36
C VAL B 459 14.64 -33.38 0.85
N ILE B 460 14.14 -32.23 1.31
CA ILE B 460 14.96 -31.14 1.79
C ILE B 460 14.59 -30.86 3.24
N GLU B 461 15.61 -30.76 4.10
CA GLU B 461 15.43 -30.31 5.47
C GLU B 461 16.05 -28.92 5.59
N PRO B 462 15.24 -27.86 5.58
CA PRO B 462 15.81 -26.51 5.48
C PRO B 462 16.57 -26.08 6.73
N ASP B 463 17.54 -25.20 6.51
CA ASP B 463 18.28 -24.51 7.56
C ASP B 463 17.96 -23.02 7.50
N SER B 464 18.64 -22.25 8.34
CA SER B 464 18.43 -20.80 8.35
C SER B 464 18.99 -20.15 7.09
N LYS B 465 20.21 -20.55 6.69
CA LYS B 465 20.85 -19.94 5.53
C LYS B 465 20.11 -20.25 4.25
N LEU B 466 19.63 -21.49 4.09
CA LEU B 466 18.91 -21.86 2.88
C LEU B 466 17.61 -21.09 2.75
N LEU B 467 16.86 -20.95 3.86
CA LEU B 467 15.62 -20.18 3.82
C LEU B 467 15.89 -18.70 3.61
N ARG B 468 16.98 -18.18 4.16
CA ARG B 468 17.35 -16.78 3.91
C ARG B 468 17.69 -16.56 2.44
N LEU B 469 18.39 -17.52 1.82
CA LEU B 469 18.72 -17.39 0.41
C LEU B 469 17.47 -17.51 -0.46
N VAL B 470 16.55 -18.39 -0.08
CA VAL B 470 15.30 -18.54 -0.84
C VAL B 470 14.46 -17.27 -0.73
N ALA B 471 14.35 -16.70 0.46
CA ALA B 471 13.52 -15.51 0.67
C ALA B 471 14.07 -14.28 -0.05
N GLU B 472 15.37 -14.24 -0.32
CA GLU B 472 15.98 -13.10 -1.00
C GLU B 472 15.90 -13.20 -2.52
N GLY B 473 15.33 -14.28 -3.05
CA GLY B 473 15.21 -14.45 -4.48
C GLY B 473 16.41 -15.04 -5.18
N LYS B 474 17.44 -15.45 -4.43
CA LYS B 474 18.64 -16.05 -5.02
C LYS B 474 18.37 -17.53 -5.22
N ARG B 475 17.75 -17.87 -6.36
CA ARG B 475 17.40 -19.25 -6.63
C ARG B 475 18.64 -20.11 -6.89
N GLU B 476 19.56 -19.60 -7.72
CA GLU B 476 20.76 -20.37 -8.04
C GLU B 476 21.66 -20.53 -6.82
N ASP B 477 21.80 -19.49 -6.02
CA ASP B 477 22.61 -19.57 -4.80
C ASP B 477 22.01 -20.56 -3.80
N ALA B 478 20.69 -20.53 -3.65
CA ALA B 478 20.02 -21.46 -2.75
C ALA B 478 20.16 -22.90 -3.23
N GLN B 479 20.04 -23.13 -4.54
CA GLN B 479 20.21 -24.47 -5.08
C GLN B 479 21.65 -24.96 -4.89
N HIS B 480 22.63 -24.08 -5.10
CA HIS B 480 24.02 -24.47 -4.89
C HIS B 480 24.30 -24.77 -3.42
N TYR B 481 23.74 -23.97 -2.51
CA TYR B 481 23.91 -24.22 -1.08
C TYR B 481 23.27 -25.54 -0.66
N TRP B 482 22.09 -25.85 -1.20
CA TRP B 482 21.43 -27.11 -0.88
C TRP B 482 22.20 -28.30 -1.44
N LEU B 483 22.69 -28.20 -2.67
CA LEU B 483 23.34 -29.34 -3.30
C LEU B 483 24.75 -29.57 -2.78
N THR B 484 25.45 -28.52 -2.36
CA THR B 484 26.84 -28.66 -1.92
C THR B 484 26.97 -28.74 -0.40
N SER B 485 26.47 -27.73 0.31
CA SER B 485 26.66 -27.67 1.76
C SER B 485 25.77 -28.67 2.49
N LEU B 486 24.53 -28.84 2.04
CA LEU B 486 23.58 -29.71 2.72
C LEU B 486 23.58 -31.14 2.17
N HIS B 487 24.43 -31.43 1.18
CA HIS B 487 24.55 -32.75 0.56
C HIS B 487 23.21 -33.25 0.01
N GLY B 488 22.48 -32.35 -0.65
CA GLY B 488 21.19 -32.69 -1.19
C GLY B 488 21.27 -33.45 -2.50
N MET B 489 20.11 -33.91 -2.95
CA MET B 489 19.98 -34.63 -4.21
C MET B 489 18.65 -34.27 -4.85
N ALA B 490 18.70 -33.86 -6.12
CA ALA B 490 17.51 -33.42 -6.83
C ALA B 490 16.82 -34.58 -7.51
N LEU B 491 15.72 -34.28 -8.20
CA LEU B 491 14.99 -35.32 -8.95
C LEU B 491 15.83 -35.87 -10.10
N LYS B 492 16.56 -34.99 -10.79
CA LYS B 492 17.36 -35.42 -11.94
C LYS B 492 18.49 -36.36 -11.52
N GLU B 493 19.11 -36.12 -10.37
CA GLU B 493 20.20 -36.98 -9.92
C GLU B 493 19.68 -38.36 -9.51
N HIS B 494 18.54 -38.41 -8.82
CA HIS B 494 17.94 -39.69 -8.47
C HIS B 494 17.50 -40.45 -9.72
N ALA B 495 16.95 -39.74 -10.70
CA ALA B 495 16.57 -40.38 -11.97
C ALA B 495 17.80 -40.93 -12.69
N TRP B 496 18.90 -40.18 -12.69
CA TRP B 496 20.13 -40.66 -13.32
C TRP B 496 20.67 -41.89 -12.60
N LEU B 497 20.62 -41.88 -11.27
CA LEU B 497 21.08 -43.04 -10.51
C LEU B 497 20.22 -44.27 -10.77
N LYS B 498 18.90 -44.10 -10.90
CA LYS B 498 18.04 -45.23 -11.22
C LYS B 498 18.23 -45.70 -12.66
N ILE B 499 18.57 -44.79 -13.57
CA ILE B 499 18.92 -45.19 -14.94
C ILE B 499 20.19 -46.03 -14.94
N ILE B 500 21.21 -45.59 -14.20
CA ILE B 500 22.47 -46.31 -14.15
C ILE B 500 22.29 -47.67 -13.49
N SER B 501 21.48 -47.73 -12.42
CA SER B 501 21.22 -49.01 -11.75
C SER B 501 20.45 -49.97 -12.64
N GLY B 502 19.67 -49.45 -13.58
CA GLY B 502 18.91 -50.27 -14.50
C GLY B 502 17.47 -50.53 -14.12
N GLU B 503 16.96 -49.83 -13.10
CA GLU B 503 15.57 -50.06 -12.68
C GLU B 503 14.59 -49.47 -13.69
N ILE B 504 14.88 -48.27 -14.21
CA ILE B 504 13.97 -47.57 -15.12
C ILE B 504 14.72 -47.26 -16.40
N CYS B 505 13.94 -46.95 -17.44
CA CYS B 505 14.50 -46.61 -18.74
C CYS B 505 14.79 -45.12 -18.82
N VAL B 506 15.73 -44.77 -19.71
CA VAL B 506 16.12 -43.37 -19.88
C VAL B 506 14.99 -42.57 -20.51
N MET B 507 14.22 -43.18 -21.42
CA MET B 507 13.17 -42.45 -22.13
C MET B 507 12.05 -42.01 -21.20
N ASP B 508 11.62 -42.91 -20.31
CA ASP B 508 10.58 -42.55 -19.34
C ASP B 508 11.05 -41.46 -18.40
N ALA B 509 12.31 -41.53 -17.97
CA ALA B 509 12.86 -40.53 -17.06
C ALA B 509 12.95 -39.17 -17.72
N VAL B 510 13.41 -39.12 -18.98
CA VAL B 510 13.50 -37.82 -19.65
C VAL B 510 12.14 -37.30 -20.08
N ASN B 511 11.14 -38.18 -20.20
CA ASN B 511 9.78 -37.69 -20.41
C ASN B 511 9.20 -37.12 -19.13
N LYS B 512 9.48 -37.74 -17.98
CA LYS B 512 8.90 -37.28 -16.72
C LYS B 512 9.68 -36.09 -16.15
N ILE B 513 11.01 -36.17 -16.14
CA ILE B 513 11.86 -35.14 -15.54
C ILE B 513 12.80 -34.60 -16.60
N SER B 514 12.91 -33.28 -16.67
CA SER B 514 13.80 -32.61 -17.61
C SER B 514 15.07 -32.17 -16.89
N GLY B 515 16.16 -32.08 -17.65
CA GLY B 515 17.43 -31.64 -17.11
C GLY B 515 18.36 -32.74 -16.63
N ILE B 516 18.10 -33.99 -17.01
CA ILE B 516 18.97 -35.09 -16.61
C ILE B 516 20.33 -34.97 -17.29
N ASP B 517 20.34 -34.53 -18.54
CA ASP B 517 21.59 -34.40 -19.29
C ASP B 517 22.43 -33.20 -18.85
N ASN B 518 21.90 -32.32 -18.01
CA ASN B 518 22.63 -31.14 -17.56
C ASN B 518 23.56 -31.41 -16.38
N ILE B 519 23.57 -32.64 -15.86
CA ILE B 519 24.44 -32.97 -14.73
C ILE B 519 25.88 -33.05 -15.22
N THR B 520 26.78 -32.39 -14.50
CA THR B 520 28.19 -32.38 -14.87
C THR B 520 28.82 -33.74 -14.59
N GLU B 521 29.98 -33.98 -15.22
CA GLU B 521 30.67 -35.25 -15.05
C GLU B 521 31.22 -35.40 -13.64
N GLU B 522 31.68 -34.30 -13.04
CA GLU B 522 32.18 -34.35 -11.66
C GLU B 522 31.07 -34.71 -10.68
N ARG B 523 29.87 -34.14 -10.88
CA ARG B 523 28.74 -34.49 -10.02
C ARG B 523 28.35 -35.96 -10.20
N LYS B 524 28.37 -36.46 -11.43
CA LYS B 524 28.05 -37.86 -11.67
C LYS B 524 29.06 -38.78 -10.99
N LYS B 525 30.35 -38.45 -11.09
CA LYS B 525 31.38 -39.25 -10.42
C LYS B 525 31.22 -39.19 -8.91
N TYR B 526 30.89 -38.02 -8.37
CA TYR B 526 30.72 -37.87 -6.93
C TYR B 526 29.55 -38.73 -6.46
N LEU B 527 28.43 -38.69 -7.18
CA LEU B 527 27.26 -39.49 -6.81
C LEU B 527 27.55 -40.98 -6.90
N PHE B 528 28.23 -41.41 -7.97
CA PHE B 528 28.56 -42.83 -8.12
C PHE B 528 29.50 -43.31 -7.02
N SER B 529 30.51 -42.50 -6.68
CA SER B 529 31.43 -42.87 -5.61
C SER B 529 30.73 -42.89 -4.25
N ARG B 530 29.82 -41.95 -4.02
CA ARG B 530 29.09 -41.91 -2.76
C ARG B 530 28.18 -43.13 -2.61
N ASP B 531 27.53 -43.54 -3.69
CA ASP B 531 26.67 -44.72 -3.60
C ASP B 531 27.46 -46.01 -3.54
N ASN B 532 28.64 -46.06 -4.17
CA ASN B 532 29.45 -47.27 -4.11
C ASN B 532 30.17 -47.42 -2.77
N GLU B 533 30.53 -46.30 -2.13
CA GLU B 533 31.21 -46.38 -0.84
C GLU B 533 30.28 -46.89 0.25
N ILE B 534 29.04 -46.42 0.27
CA ILE B 534 28.08 -46.82 1.27
C ILE B 534 27.39 -48.12 0.86
N VAL C 107 -28.22 -43.78 28.54
CA VAL C 107 -27.94 -44.24 29.90
C VAL C 107 -27.15 -43.17 30.66
N GLU C 108 -27.84 -42.49 31.59
CA GLU C 108 -27.19 -41.44 32.35
C GLU C 108 -26.25 -42.01 33.41
N LYS C 109 -26.54 -43.22 33.90
CA LYS C 109 -25.71 -43.82 34.94
C LYS C 109 -24.30 -44.12 34.43
N ARG C 110 -24.19 -44.63 33.20
CA ARG C 110 -22.88 -44.92 32.62
C ARG C 110 -22.08 -43.63 32.46
N ALA C 111 -22.73 -42.56 32.02
CA ALA C 111 -22.06 -41.26 31.92
C ALA C 111 -21.62 -40.76 33.29
N SER C 112 -22.44 -40.98 34.32
CA SER C 112 -22.09 -40.54 35.66
C SER C 112 -20.86 -41.27 36.19
N MET C 113 -20.80 -42.60 36.01
CA MET C 113 -19.59 -43.32 36.43
C MET C 113 -18.38 -42.96 35.58
N LEU C 114 -18.56 -42.71 34.28
CA LEU C 114 -17.44 -42.30 33.44
C LEU C 114 -16.86 -40.96 33.90
N LEU C 115 -17.74 -40.00 34.18
CA LEU C 115 -17.27 -38.70 34.66
C LEU C 115 -16.68 -38.79 36.07
N PHE C 116 -17.22 -39.68 36.91
CA PHE C 116 -16.64 -39.89 38.23
C PHE C 116 -15.22 -40.46 38.11
N GLU C 117 -15.01 -41.43 37.21
CA GLU C 117 -13.67 -41.96 37.00
C GLU C 117 -12.73 -40.89 36.44
N CYS C 118 -13.21 -40.09 35.50
CA CYS C 118 -12.37 -39.03 34.93
C CYS C 118 -11.99 -38.00 35.98
N ALA C 119 -12.91 -37.66 36.88
CA ALA C 119 -12.58 -36.73 37.95
C ALA C 119 -11.64 -37.35 38.98
N GLU C 120 -11.82 -38.64 39.27
CA GLU C 120 -10.99 -39.30 40.28
C GLU C 120 -9.55 -39.45 39.82
N MET C 121 -9.35 -39.88 38.57
CA MET C 121 -7.98 -39.99 38.07
C MET C 121 -7.43 -38.66 37.54
N ARG C 122 -8.27 -37.62 37.46
CA ARG C 122 -7.87 -36.27 37.07
C ARG C 122 -7.22 -36.24 35.69
N VAL C 123 -7.86 -36.92 34.74
CA VAL C 123 -7.42 -36.85 33.36
C VAL C 123 -7.76 -35.48 32.78
N SER C 124 -7.03 -35.09 31.74
CA SER C 124 -7.27 -33.78 31.15
C SER C 124 -8.44 -33.82 30.17
N ASP C 125 -8.29 -34.56 29.08
CA ASP C 125 -9.35 -34.73 28.08
C ASP C 125 -9.69 -36.21 27.92
N LEU C 126 -10.93 -36.46 27.49
CA LEU C 126 -11.46 -37.80 27.32
C LEU C 126 -11.93 -37.95 25.88
N HIS C 127 -11.41 -38.97 25.20
CA HIS C 127 -11.75 -39.25 23.81
C HIS C 127 -12.55 -40.54 23.74
N ILE C 128 -13.63 -40.54 22.95
CA ILE C 128 -14.41 -41.74 22.67
C ILE C 128 -14.54 -41.86 21.17
N LYS C 129 -14.03 -42.96 20.62
CA LYS C 129 -14.12 -43.23 19.19
C LYS C 129 -15.05 -44.42 18.98
N VAL C 130 -16.14 -44.22 18.27
CA VAL C 130 -17.17 -45.23 18.07
C VAL C 130 -17.09 -45.70 16.62
N TYR C 131 -16.74 -46.97 16.45
CA TYR C 131 -16.66 -47.60 15.13
C TYR C 131 -17.94 -48.39 14.89
N ASP C 132 -17.96 -49.16 13.80
CA ASP C 132 -19.13 -49.96 13.47
C ASP C 132 -19.30 -51.16 14.42
N ALA C 133 -18.18 -51.70 14.92
CA ALA C 133 -18.22 -52.90 15.76
C ALA C 133 -17.99 -52.59 17.23
N GLU C 134 -16.87 -51.93 17.57
CA GLU C 134 -16.54 -51.64 18.96
C GLU C 134 -16.04 -50.21 19.08
N ALA C 135 -16.19 -49.65 20.27
CA ALA C 135 -15.79 -48.29 20.57
C ALA C 135 -14.66 -48.29 21.60
N ASP C 136 -13.72 -47.37 21.41
CA ASP C 136 -12.54 -47.25 22.28
C ASP C 136 -12.62 -45.97 23.08
N ILE C 137 -12.15 -46.04 24.33
CA ILE C 137 -12.12 -44.91 25.24
C ILE C 137 -10.66 -44.62 25.58
N TYR C 138 -10.25 -43.37 25.37
CA TYR C 138 -8.90 -42.92 25.63
C TYR C 138 -8.94 -41.74 26.60
N ILE C 139 -7.89 -41.62 27.41
CA ILE C 139 -7.76 -40.54 28.37
C ILE C 139 -6.38 -39.89 28.18
N ARG C 140 -6.34 -38.57 28.26
CA ARG C 140 -5.07 -37.84 28.17
C ARG C 140 -4.66 -37.46 29.59
N LYS C 141 -3.90 -38.35 30.24
CA LYS C 141 -3.43 -38.14 31.59
C LYS C 141 -1.95 -37.82 31.56
N ASP C 142 -1.58 -36.66 32.11
CA ASP C 142 -0.19 -36.17 32.12
C ASP C 142 0.40 -36.09 30.72
N GLY C 143 -0.41 -35.64 29.77
CA GLY C 143 0.03 -35.51 28.38
C GLY C 143 -0.08 -36.74 27.53
N ASP C 144 0.42 -37.87 28.03
CA ASP C 144 0.36 -39.12 27.28
C ASP C 144 -1.06 -39.66 27.24
N MET C 145 -1.41 -40.29 26.12
CA MET C 145 -2.72 -40.89 25.94
C MET C 145 -2.68 -42.37 26.28
N GLU C 146 -3.67 -42.83 27.04
CA GLU C 146 -3.76 -44.22 27.45
C GLU C 146 -5.12 -44.78 27.07
N LEU C 147 -5.17 -46.09 26.85
CA LEU C 147 -6.41 -46.77 26.50
C LEU C 147 -7.16 -47.16 27.76
N LEU C 148 -8.35 -46.60 27.95
CA LEU C 148 -9.14 -46.90 29.14
C LEU C 148 -9.91 -48.20 29.00
N ARG C 149 -10.82 -48.26 28.02
CA ARG C 149 -11.72 -49.39 27.89
C ARG C 149 -12.15 -49.55 26.43
N GLN C 150 -12.72 -50.71 26.14
CA GLN C 150 -13.31 -51.00 24.84
C GLN C 150 -14.69 -51.60 25.07
N ILE C 151 -15.71 -50.95 24.51
CA ILE C 151 -17.10 -51.31 24.75
C ILE C 151 -17.81 -51.48 23.40
N GLU C 152 -19.11 -51.76 23.47
CA GLU C 152 -19.90 -51.91 22.27
C GLU C 152 -20.32 -50.55 21.73
N SER C 153 -20.76 -50.54 20.46
CA SER C 153 -21.05 -49.29 19.79
C SER C 153 -22.37 -48.67 20.27
N ASN C 154 -23.38 -49.50 20.54
CA ASN C 154 -24.69 -48.97 20.92
C ASN C 154 -24.64 -48.26 22.26
N THR C 155 -23.96 -48.85 23.24
CA THR C 155 -23.84 -48.22 24.55
C THR C 155 -23.09 -46.90 24.45
N ALA C 156 -22.00 -46.87 23.67
CA ALA C 156 -21.23 -45.63 23.52
C ALA C 156 -22.05 -44.56 22.81
N HIS C 157 -22.86 -44.96 21.83
CA HIS C 157 -23.78 -44.01 21.19
C HIS C 157 -24.78 -43.45 22.19
N SER C 158 -25.27 -44.32 23.10
CA SER C 158 -26.19 -43.86 24.13
C SER C 158 -25.54 -42.85 25.06
N ILE C 159 -24.30 -43.10 25.47
CA ILE C 159 -23.59 -42.14 26.32
C ILE C 159 -23.35 -40.83 25.60
N LEU C 160 -22.98 -40.89 24.31
CA LEU C 160 -22.78 -39.66 23.55
C LEU C 160 -24.07 -38.85 23.41
N ALA C 161 -25.18 -39.53 23.14
CA ALA C 161 -26.47 -38.84 23.05
C ALA C 161 -26.86 -38.22 24.39
N SER C 162 -26.63 -38.95 25.49
CA SER C 162 -26.95 -38.41 26.81
C SER C 162 -26.08 -37.22 27.15
N LEU C 163 -24.80 -37.25 26.77
CA LEU C 163 -23.93 -36.11 27.00
C LEU C 163 -24.34 -34.90 26.18
N TYR C 164 -24.77 -35.11 24.93
CA TYR C 164 -25.18 -33.96 24.12
C TYR C 164 -26.51 -33.39 24.59
N ASN C 165 -27.44 -34.25 25.00
CA ASN C 165 -28.76 -33.77 25.38
C ASN C 165 -28.76 -33.00 26.69
N ASN C 166 -27.84 -33.33 27.60
CA ASN C 166 -27.78 -32.68 28.90
C ASN C 166 -27.02 -31.36 28.89
N ALA C 167 -26.43 -30.98 27.76
CA ALA C 167 -25.67 -29.75 27.70
C ALA C 167 -26.59 -28.54 27.63
N ASP C 168 -25.99 -27.36 27.60
CA ASP C 168 -26.73 -26.09 27.51
C ASP C 168 -27.11 -25.73 26.07
N ASP C 169 -26.78 -26.59 25.10
CA ASP C 169 -27.02 -26.32 23.68
C ASP C 169 -28.26 -27.04 23.19
N SER C 170 -29.32 -27.08 24.00
CA SER C 170 -30.58 -27.70 23.60
C SER C 170 -31.15 -27.00 22.37
N ASP C 171 -31.90 -27.79 21.59
CA ASP C 171 -32.26 -27.65 20.16
C ASP C 171 -31.07 -28.09 19.31
N ALA C 172 -31.27 -28.17 17.99
CA ALA C 172 -30.28 -28.74 17.06
C ALA C 172 -29.87 -30.14 17.53
N THR C 173 -30.85 -31.04 17.48
CA THR C 173 -30.79 -32.34 18.13
C THR C 173 -29.60 -33.17 17.63
N TYR C 174 -29.26 -34.19 18.42
CA TYR C 174 -28.10 -35.03 18.16
C TYR C 174 -28.32 -35.81 16.88
N LYS C 175 -27.50 -35.52 15.87
CA LYS C 175 -27.56 -36.21 14.59
C LYS C 175 -26.17 -36.65 14.18
N ILE C 176 -26.11 -37.79 13.51
CA ILE C 176 -24.86 -38.36 13.01
C ILE C 176 -24.40 -37.51 11.84
N ASN C 177 -23.15 -37.72 11.40
CA ASN C 177 -22.43 -36.96 10.37
C ASN C 177 -22.66 -35.46 10.46
N ALA C 178 -22.47 -34.90 11.66
CA ALA C 178 -22.53 -33.46 11.89
C ALA C 178 -21.51 -33.05 12.93
N TYR C 179 -20.88 -31.89 12.71
CA TYR C 179 -19.92 -31.34 13.66
C TYR C 179 -20.66 -30.46 14.66
N GLN C 180 -20.66 -30.86 15.93
CA GLN C 180 -21.47 -30.18 16.93
C GLN C 180 -20.62 -29.82 18.14
N ALA C 181 -20.73 -28.57 18.60
CA ALA C 181 -20.05 -28.10 19.79
C ALA C 181 -21.07 -27.85 20.89
N ALA C 182 -20.65 -28.14 22.13
CA ALA C 182 -21.54 -27.97 23.28
C ALA C 182 -20.71 -27.75 24.53
N ARG C 183 -21.38 -27.34 25.60
CA ARG C 183 -20.72 -27.11 26.88
C ARG C 183 -21.65 -27.52 28.00
N ILE C 184 -21.09 -28.16 29.03
CA ILE C 184 -21.81 -28.59 30.21
C ILE C 184 -21.25 -27.83 31.41
N VAL C 185 -22.12 -27.15 32.14
CA VAL C 185 -21.74 -26.37 33.32
C VAL C 185 -22.20 -27.11 34.56
N ALA C 186 -21.31 -27.23 35.54
CA ALA C 186 -21.64 -27.95 36.77
C ALA C 186 -22.68 -27.19 37.58
N SER C 187 -23.63 -27.94 38.14
CA SER C 187 -24.71 -27.45 38.99
C SER C 187 -25.60 -26.42 38.29
N LYS C 188 -25.55 -26.34 36.96
CA LYS C 188 -26.37 -25.39 36.21
C LYS C 188 -27.04 -26.11 35.05
N SER C 189 -26.42 -27.18 34.57
CA SER C 189 -26.90 -27.92 33.39
C SER C 189 -27.58 -29.20 33.88
N ARG C 190 -28.87 -29.07 34.24
CA ARG C 190 -29.74 -30.19 34.60
C ARG C 190 -29.13 -30.92 35.80
N LEU C 191 -28.73 -32.19 35.66
CA LEU C 191 -28.23 -32.95 36.79
C LEU C 191 -26.86 -32.44 37.22
N ALA C 192 -26.51 -32.73 38.48
CA ALA C 192 -25.32 -32.20 39.11
C ALA C 192 -24.07 -32.89 38.58
N LEU C 193 -22.92 -32.31 38.90
CA LEU C 193 -21.60 -32.77 38.49
C LEU C 193 -20.70 -32.85 39.71
N PRO C 194 -19.60 -33.58 39.62
CA PRO C 194 -18.61 -33.59 40.71
C PRO C 194 -18.11 -32.18 41.00
N PRO C 195 -17.87 -31.85 42.28
CA PRO C 195 -17.47 -30.47 42.63
C PRO C 195 -16.12 -30.05 42.09
N VAL C 196 -15.25 -31.01 41.72
CA VAL C 196 -13.94 -30.64 41.21
C VAL C 196 -14.02 -30.12 39.78
N ILE C 197 -15.10 -30.43 39.05
CA ILE C 197 -15.24 -30.05 37.65
C ILE C 197 -16.16 -28.84 37.57
N GLN C 198 -15.75 -27.83 36.81
CA GLN C 198 -16.57 -26.65 36.56
C GLN C 198 -17.31 -26.74 35.24
N ALA C 199 -16.56 -26.90 34.14
CA ALA C 199 -17.16 -26.93 32.81
C ALA C 199 -16.50 -28.02 31.98
N VAL C 200 -17.30 -28.62 31.10
CA VAL C 200 -16.85 -29.67 30.19
C VAL C 200 -17.21 -29.21 28.78
N ARG C 201 -16.20 -29.04 27.93
CA ARG C 201 -16.43 -28.65 26.54
C ARG C 201 -16.48 -29.90 25.66
N LEU C 202 -17.59 -30.07 24.95
CA LEU C 202 -17.85 -31.26 24.15
C LEU C 202 -17.77 -30.93 22.67
N GLN C 203 -17.07 -31.77 21.92
CA GLN C 203 -16.99 -31.65 20.47
C GLN C 203 -17.32 -32.99 19.84
N PHE C 204 -18.25 -32.98 18.88
CA PHE C 204 -18.72 -34.19 18.21
C PHE C 204 -18.37 -34.08 16.73
N ASN C 205 -17.60 -35.06 16.23
CA ASN C 205 -17.17 -35.12 14.85
C ASN C 205 -17.64 -36.42 14.21
N PRO C 206 -17.99 -36.40 12.93
CA PRO C 206 -18.27 -37.65 12.23
C PRO C 206 -17.01 -38.48 12.06
N LEU C 207 -17.19 -39.79 11.97
CA LEU C 207 -16.07 -40.71 11.81
C LEU C 207 -16.53 -41.90 10.97
N GLY C 208 -16.18 -41.89 9.69
CA GLY C 208 -16.55 -42.99 8.81
C GLY C 208 -18.05 -43.07 8.60
N GLN C 209 -18.54 -44.29 8.43
CA GLN C 209 -19.98 -44.56 8.29
C GLN C 209 -20.45 -45.29 9.53
N GLY C 210 -21.46 -44.73 10.20
CA GLY C 210 -21.94 -45.30 11.44
C GLY C 210 -20.97 -45.25 12.59
N GLY C 211 -20.21 -44.15 12.71
CA GLY C 211 -19.28 -43.98 13.80
C GLY C 211 -19.26 -42.54 14.25
N ARG C 212 -18.72 -42.33 15.46
CA ARG C 212 -18.71 -41.01 16.07
C ARG C 212 -17.37 -40.77 16.76
N TYR C 213 -17.15 -39.53 17.16
CA TYR C 213 -15.89 -39.13 17.78
C TYR C 213 -16.18 -38.00 18.75
N LEU C 214 -16.12 -38.28 20.05
CA LEU C 214 -16.40 -37.31 21.09
C LEU C 214 -15.11 -36.97 21.83
N ILE C 215 -14.89 -35.68 22.09
CA ILE C 215 -13.76 -35.24 22.89
C ILE C 215 -14.27 -34.26 23.94
N ALA C 216 -14.07 -34.59 25.21
CA ALA C 216 -14.48 -33.78 26.34
C ALA C 216 -13.25 -33.19 27.02
N ARG C 217 -13.22 -31.87 27.16
CA ARG C 217 -12.12 -31.18 27.82
C ARG C 217 -12.59 -30.67 29.17
N PHE C 218 -12.14 -31.30 30.24
CA PHE C 218 -12.57 -30.95 31.58
C PHE C 218 -11.84 -29.71 32.08
N LEU C 219 -12.54 -28.94 32.92
CA LEU C 219 -11.97 -27.78 33.61
C LEU C 219 -12.09 -28.02 35.11
N TYR C 220 -10.99 -27.82 35.82
CA TYR C 220 -10.91 -28.18 37.23
C TYR C 220 -10.78 -26.95 38.12
N THR C 221 -11.33 -27.06 39.33
CA THR C 221 -11.25 -25.97 40.29
C THR C 221 -9.81 -25.75 40.76
N ASP C 222 -9.07 -26.84 40.99
CA ASP C 222 -7.68 -26.81 41.45
C ASP C 222 -7.51 -26.01 42.74
N ASP C 231 8.81 -23.77 48.13
CA ASP C 231 7.84 -24.32 47.18
C ASP C 231 7.10 -23.27 46.31
N PRO C 232 6.66 -22.12 46.87
CA PRO C 232 6.11 -21.09 45.98
C PRO C 232 7.13 -20.46 45.05
N THR C 233 8.44 -20.59 45.34
CA THR C 233 9.45 -19.91 44.55
C THR C 233 9.82 -20.70 43.29
N ARG C 234 9.99 -22.02 43.39
CA ARG C 234 10.38 -22.86 42.27
C ARG C 234 9.40 -24.02 42.12
N PHE C 235 8.84 -24.16 40.93
CA PHE C 235 8.01 -25.29 40.55
C PHE C 235 8.72 -26.16 39.52
N GLY C 236 10.04 -26.34 39.70
CA GLY C 236 10.90 -26.92 38.70
C GLY C 236 11.71 -25.93 37.91
N PHE C 237 11.63 -24.65 38.24
CA PHE C 237 12.39 -23.61 37.54
C PHE C 237 13.85 -23.64 37.97
N HIS C 238 14.70 -23.12 37.09
CA HIS C 238 16.09 -22.87 37.43
C HIS C 238 16.20 -21.58 38.24
N HIS C 239 17.31 -21.44 38.97
CA HIS C 239 17.47 -20.25 39.81
C HIS C 239 17.64 -18.98 38.98
N SER C 240 18.20 -19.11 37.77
CA SER C 240 18.27 -17.97 36.87
C SER C 240 16.87 -17.49 36.48
N HIS C 241 15.96 -18.44 36.24
CA HIS C 241 14.58 -18.08 35.94
C HIS C 241 13.91 -17.40 37.12
N ALA C 242 14.21 -17.85 38.34
CA ALA C 242 13.65 -17.20 39.52
C ALA C 242 14.17 -15.78 39.68
N GLU C 243 15.47 -15.57 39.44
CA GLU C 243 16.04 -14.22 39.51
C GLU C 243 15.44 -13.32 38.43
N SER C 244 15.26 -13.84 37.22
CA SER C 244 14.62 -13.07 36.15
C SER C 244 13.19 -12.73 36.51
N PHE C 245 12.46 -13.67 37.11
CA PHE C 245 11.08 -13.42 37.52
C PHE C 245 11.02 -12.32 38.58
N SER C 246 11.96 -12.35 39.53
CA SER C 246 12.01 -11.28 40.53
C SER C 246 12.32 -9.93 39.89
N ARG C 247 13.23 -9.91 38.91
CA ARG C 247 13.56 -8.66 38.23
C ARG C 247 12.37 -8.09 37.46
N MET C 248 11.61 -8.95 36.77
CA MET C 248 10.43 -8.46 36.06
C MET C 248 9.30 -8.09 37.02
N ARG C 249 9.24 -8.73 38.20
CA ARG C 249 8.24 -8.34 39.18
C ARG C 249 8.57 -6.99 39.81
N ASN C 250 9.85 -6.65 39.91
CA ASN C 250 10.22 -5.36 40.49
C ASN C 250 9.90 -4.20 39.56
N LEU C 251 9.85 -4.45 38.25
CA LEU C 251 9.58 -3.37 37.30
C LEU C 251 8.10 -2.97 37.35
N PRO C 252 7.80 -1.67 37.37
CA PRO C 252 6.40 -1.24 37.48
C PRO C 252 5.70 -1.09 36.14
N ILE C 253 6.45 -1.02 35.05
CA ILE C 253 5.91 -0.72 33.73
C ILE C 253 6.47 -1.72 32.73
N GLY C 254 5.61 -2.33 31.94
CA GLY C 254 6.03 -3.24 30.90
C GLY C 254 4.98 -4.29 30.63
N ILE C 255 5.23 -5.09 29.60
CA ILE C 255 4.37 -6.20 29.22
C ILE C 255 5.18 -7.48 29.25
N ASN C 256 4.61 -8.52 29.86
CA ASN C 256 5.22 -9.84 29.97
C ASN C 256 4.33 -10.84 29.28
N ILE C 257 4.91 -11.71 28.46
CA ILE C 257 4.18 -12.70 27.68
C ILE C 257 4.66 -14.08 28.09
N ILE C 258 3.72 -14.95 28.49
CA ILE C 258 4.01 -16.34 28.80
C ILE C 258 3.57 -17.17 27.61
N SER C 259 4.48 -17.98 27.07
CA SER C 259 4.21 -18.74 25.86
C SER C 259 4.38 -20.23 26.12
N GLY C 260 3.68 -21.03 25.32
CA GLY C 260 3.73 -22.47 25.42
C GLY C 260 2.48 -23.12 24.88
N PRO C 261 2.45 -24.45 24.87
CA PRO C 261 1.25 -25.17 24.42
C PRO C 261 0.16 -25.14 25.50
N THR C 262 -0.96 -25.78 25.19
CA THR C 262 -2.09 -25.77 26.12
C THR C 262 -1.85 -26.70 27.31
N GLY C 263 -0.91 -27.63 27.18
CA GLY C 263 -0.63 -28.55 28.27
C GLY C 263 0.32 -28.00 29.31
N SER C 264 1.10 -26.97 28.96
CA SER C 264 2.08 -26.43 29.89
C SER C 264 1.40 -25.63 31.00
N GLY C 265 2.14 -25.43 32.09
CA GLY C 265 1.61 -24.75 33.25
C GLY C 265 1.76 -23.24 33.21
N LYS C 266 0.97 -22.57 32.39
CA LYS C 266 1.03 -21.11 32.28
C LYS C 266 0.15 -20.43 33.32
N SER C 267 -1.07 -20.92 33.51
CA SER C 267 -1.99 -20.31 34.46
C SER C 267 -1.47 -20.44 35.89
N THR C 268 -0.91 -21.60 36.23
CA THR C 268 -0.34 -21.80 37.57
C THR C 268 0.87 -20.89 37.78
N THR C 269 1.70 -20.73 36.75
CA THR C 269 2.84 -19.84 36.85
C THR C 269 2.41 -18.40 37.06
N LEU C 270 1.40 -17.95 36.30
CA LEU C 270 0.90 -16.59 36.48
C LEU C 270 0.27 -16.39 37.86
N LYS C 271 -0.47 -17.39 38.34
CA LYS C 271 -1.06 -17.31 39.67
C LYS C 271 0.00 -17.19 40.75
N ASN C 272 1.05 -18.01 40.66
CA ASN C 272 2.13 -17.95 41.65
C ASN C 272 2.89 -16.63 41.57
N LEU C 273 3.13 -16.14 40.35
CA LEU C 273 3.83 -14.86 40.19
C LEU C 273 3.03 -13.71 40.78
N LEU C 274 1.72 -13.69 40.53
CA LEU C 274 0.88 -12.63 41.10
C LEU C 274 0.73 -12.75 42.62
N GLU C 275 0.66 -13.98 43.15
CA GLU C 275 0.63 -14.15 44.60
C GLU C 275 1.92 -13.65 45.25
N LEU C 276 3.07 -13.93 44.63
CA LEU C 276 4.33 -13.41 45.15
C LEU C 276 4.40 -11.89 45.03
N LEU C 277 3.90 -11.35 43.91
CA LEU C 277 4.00 -9.91 43.68
C LEU C 277 3.10 -9.13 44.61
N TYR C 278 1.92 -9.67 44.96
CA TYR C 278 1.03 -8.98 45.89
C TYR C 278 1.67 -8.87 47.28
N ILE C 279 2.37 -9.92 47.72
CA ILE C 279 3.07 -9.86 49.00
C ILE C 279 4.26 -8.92 48.92
N GLU C 280 4.98 -8.93 47.80
CA GLU C 280 6.18 -8.12 47.67
C GLU C 280 5.85 -6.63 47.62
N LYS C 281 4.68 -6.25 47.12
CA LYS C 281 4.30 -4.85 47.01
C LYS C 281 3.66 -4.31 48.27
N LYS C 282 3.54 -5.12 49.31
CA LYS C 282 2.98 -4.73 50.61
C LYS C 282 1.54 -4.23 50.48
N LYS C 283 0.80 -4.80 49.52
CA LYS C 283 -0.61 -4.50 49.28
C LYS C 283 -0.86 -3.03 49.00
N LYS C 284 0.11 -2.36 48.37
CA LYS C 284 -0.02 -0.96 47.99
C LYS C 284 -0.37 -0.77 46.53
N VAL C 285 -0.70 -1.85 45.82
CA VAL C 285 -1.00 -1.79 44.40
C VAL C 285 -2.31 -2.53 44.15
N ASN C 286 -2.96 -2.18 43.04
CA ASN C 286 -4.21 -2.80 42.63
C ASN C 286 -3.94 -3.74 41.46
N ILE C 287 -4.41 -4.97 41.57
CA ILE C 287 -4.26 -5.98 40.52
C ILE C 287 -5.65 -6.38 40.05
N ILE C 288 -5.85 -6.40 38.74
CA ILE C 288 -7.12 -6.78 38.13
C ILE C 288 -6.85 -7.83 37.06
N SER C 289 -7.54 -8.96 37.16
CA SER C 289 -7.39 -10.07 36.23
C SER C 289 -8.68 -10.28 35.46
N ILE C 290 -8.56 -10.59 34.17
CA ILE C 290 -9.69 -10.87 33.30
C ILE C 290 -9.54 -12.30 32.78
N GLU C 291 -10.50 -13.15 33.11
CA GLU C 291 -10.48 -14.55 32.69
C GLU C 291 -11.90 -14.98 32.36
N ASP C 292 -12.06 -15.73 31.27
CA ASP C 292 -13.40 -16.18 30.92
C ASP C 292 -13.80 -17.30 31.89
N PRO C 293 -12.98 -18.33 32.15
CA PRO C 293 -13.21 -19.15 33.34
C PRO C 293 -12.42 -18.63 34.52
N PRO C 294 -13.06 -18.38 35.66
CA PRO C 294 -12.30 -18.07 36.89
C PRO C 294 -11.80 -19.35 37.56
N GLU C 295 -10.89 -20.03 36.87
CA GLU C 295 -10.47 -21.37 37.29
C GLU C 295 -9.56 -21.34 38.51
N TYR C 296 -8.65 -20.37 38.59
CA TYR C 296 -7.66 -20.31 39.65
C TYR C 296 -7.93 -19.10 40.53
N GLU C 297 -8.03 -19.33 41.84
CA GLU C 297 -8.27 -18.27 42.80
C GLU C 297 -6.93 -17.69 43.23
N ILE C 298 -6.79 -16.37 43.04
CA ILE C 298 -5.56 -15.65 43.39
C ILE C 298 -5.91 -14.56 44.39
N ASP C 299 -5.10 -14.46 45.44
CA ASP C 299 -5.38 -13.52 46.51
C ASP C 299 -5.12 -12.08 46.05
N GLY C 300 -6.10 -11.20 46.30
CA GLY C 300 -5.96 -9.80 45.96
C GLY C 300 -5.84 -9.50 44.48
N THR C 301 -6.67 -10.16 43.65
CA THR C 301 -6.58 -10.01 42.22
C THR C 301 -7.91 -9.67 41.54
N ALA C 302 -9.04 -10.08 42.13
CA ALA C 302 -10.38 -9.67 41.70
C ALA C 302 -10.62 -10.04 40.23
N GLN C 303 -10.67 -11.35 40.00
CA GLN C 303 -10.90 -11.88 38.67
C GLN C 303 -12.25 -11.43 38.11
N LEU C 304 -12.25 -10.94 36.88
CA LEU C 304 -13.46 -10.47 36.24
C LEU C 304 -13.92 -11.50 35.22
N PRO C 305 -15.03 -12.18 35.43
CA PRO C 305 -15.49 -13.19 34.48
C PRO C 305 -16.26 -12.57 33.32
N ILE C 306 -16.50 -13.40 32.31
CA ILE C 306 -17.35 -13.05 31.18
C ILE C 306 -18.72 -13.65 31.44
N THR C 307 -19.71 -12.79 31.66
CA THR C 307 -21.02 -13.22 32.12
C THR C 307 -22.02 -13.44 30.99
N ASN C 308 -22.28 -12.41 30.19
CA ASN C 308 -23.27 -12.49 29.11
C ASN C 308 -22.58 -12.94 27.83
N VAL C 309 -22.14 -14.20 27.84
CA VAL C 309 -21.41 -14.75 26.70
C VAL C 309 -22.31 -14.92 25.49
N GLU C 310 -23.57 -15.32 25.70
CA GLU C 310 -24.57 -15.54 24.64
C GLU C 310 -24.04 -16.60 23.70
N THR C 311 -23.89 -16.34 22.41
CA THR C 311 -23.35 -17.33 21.48
C THR C 311 -21.82 -17.31 21.51
N GLU C 312 -21.23 -18.27 20.79
CA GLU C 312 -19.77 -18.36 20.77
C GLU C 312 -19.13 -17.25 19.96
N ALA C 313 -19.83 -16.74 18.93
CA ALA C 313 -19.29 -15.67 18.11
C ALA C 313 -19.27 -14.33 18.85
N GLN C 314 -20.12 -14.16 19.86
CA GLN C 314 -20.18 -12.92 20.63
C GLN C 314 -19.23 -12.91 21.81
N ARG C 315 -18.49 -14.00 22.03
CA ARG C 315 -17.60 -14.08 23.19
C ARG C 315 -16.46 -13.07 23.10
N GLY C 316 -15.92 -12.86 21.90
CA GLY C 316 -14.82 -11.93 21.74
C GLY C 316 -15.21 -10.48 22.03
N GLU C 317 -16.43 -10.11 21.64
CA GLU C 317 -16.90 -8.76 21.91
C GLU C 317 -17.05 -8.51 23.41
N GLU C 318 -17.59 -9.48 24.14
CA GLU C 318 -17.69 -9.35 25.59
C GLU C 318 -16.32 -9.38 26.26
N TYR C 319 -15.37 -10.14 25.69
CA TYR C 319 -14.00 -10.10 26.22
C TYR C 319 -13.38 -8.72 26.04
N ARG C 320 -13.58 -8.11 24.87
CA ARG C 320 -13.10 -6.75 24.65
C ARG C 320 -13.79 -5.76 25.58
N LYS C 321 -15.09 -5.95 25.81
CA LYS C 321 -15.81 -5.08 26.74
C LYS C 321 -15.26 -5.20 28.15
N ALA C 322 -14.94 -6.43 28.59
CA ALA C 322 -14.35 -6.62 29.90
C ALA C 322 -12.96 -5.98 29.99
N ILE C 323 -12.17 -6.09 28.92
CA ILE C 323 -10.84 -5.47 28.92
C ILE C 323 -10.97 -3.94 29.02
N THR C 324 -11.89 -3.35 28.25
CA THR C 324 -12.08 -1.91 28.31
C THR C 324 -12.62 -1.45 29.65
N ALA C 325 -13.51 -2.26 30.26
CA ALA C 325 -14.02 -1.92 31.58
C ALA C 325 -12.92 -2.00 32.64
N ALA C 326 -12.01 -2.98 32.51
CA ALA C 326 -10.87 -3.05 33.42
C ALA C 326 -9.93 -1.87 33.22
N LEU C 327 -9.75 -1.44 31.97
CA LEU C 327 -8.93 -0.25 31.71
C LEU C 327 -9.57 1.03 32.22
N ARG C 328 -10.90 1.11 32.24
CA ARG C 328 -11.59 2.24 32.82
C ARG C 328 -11.53 2.24 34.35
N SER C 329 -11.12 1.13 34.95
CA SER C 329 -10.89 1.01 36.39
C SER C 329 -9.53 1.59 36.76
N ASP C 330 -9.04 1.27 37.96
CA ASP C 330 -7.63 1.51 38.27
C ASP C 330 -6.87 0.20 38.07
N PRO C 331 -6.36 -0.05 36.88
CA PRO C 331 -5.82 -1.38 36.57
C PRO C 331 -4.47 -1.64 37.21
N ASP C 332 -3.55 -0.67 37.10
CA ASP C 332 -2.14 -0.85 37.44
C ASP C 332 -1.60 -2.10 36.76
N ILE C 333 -1.68 -3.23 37.45
CA ILE C 333 -1.26 -4.51 36.90
C ILE C 333 -2.47 -5.25 36.35
N ILE C 334 -2.38 -5.71 35.11
CA ILE C 334 -3.47 -6.38 34.41
C ILE C 334 -3.03 -7.79 34.06
N MET C 335 -3.89 -8.76 34.31
CA MET C 335 -3.64 -10.15 33.91
C MET C 335 -4.80 -10.69 33.09
N PRO C 336 -4.85 -10.45 31.78
CA PRO C 336 -5.84 -11.13 30.94
C PRO C 336 -5.55 -12.62 30.87
N GLY C 337 -6.63 -13.39 30.67
CA GLY C 337 -6.49 -14.84 30.64
C GLY C 337 -5.67 -15.31 29.45
N GLU C 338 -5.97 -14.79 28.26
CA GLU C 338 -5.31 -15.22 27.03
C GLU C 338 -5.38 -14.09 26.02
N ALA C 339 -4.34 -14.01 25.19
CA ALA C 339 -4.31 -13.10 24.04
C ALA C 339 -4.62 -13.92 22.80
N ARG C 340 -5.82 -13.71 22.24
CA ARG C 340 -6.34 -14.56 21.17
C ARG C 340 -6.39 -13.85 19.82
N ASP C 341 -7.08 -12.72 19.74
CA ASP C 341 -7.27 -12.00 18.48
C ASP C 341 -6.45 -10.72 18.48
N ALA C 342 -6.57 -9.98 17.37
CA ALA C 342 -5.76 -8.79 17.19
C ALA C 342 -6.25 -7.62 18.04
N GLU C 343 -7.56 -7.53 18.27
CA GLU C 343 -8.11 -6.41 19.03
C GLU C 343 -7.67 -6.43 20.49
N VAL C 344 -7.69 -7.61 21.11
CA VAL C 344 -7.27 -7.71 22.51
C VAL C 344 -5.77 -7.42 22.65
N ILE C 345 -4.97 -7.90 21.70
CA ILE C 345 -3.53 -7.64 21.74
C ILE C 345 -3.25 -6.16 21.52
N ASN C 346 -4.00 -5.51 20.63
CA ASN C 346 -3.85 -4.08 20.42
C ASN C 346 -4.23 -3.30 21.67
N LEU C 347 -5.31 -3.70 22.34
CA LEU C 347 -5.70 -3.05 23.59
C LEU C 347 -4.63 -3.23 24.67
N LEU C 348 -4.05 -4.44 24.76
CA LEU C 348 -3.01 -4.68 25.76
C LEU C 348 -1.75 -3.87 25.46
N PHE C 349 -1.38 -3.75 24.19
CA PHE C 349 -0.21 -2.95 23.85
C PHE C 349 -0.47 -1.47 24.07
N THR C 350 -1.71 -1.01 23.85
CA THR C 350 -2.06 0.37 24.18
C THR C 350 -1.98 0.60 25.68
N ALA C 351 -2.43 -0.36 26.48
CA ALA C 351 -2.34 -0.24 27.94
C ALA C 351 -0.89 -0.29 28.41
N ALA C 352 -0.03 -1.01 27.69
CA ALA C 352 1.38 -1.11 28.09
C ALA C 352 2.11 0.21 27.88
N MET C 353 1.77 0.97 26.83
CA MET C 353 2.38 2.27 26.60
C MET C 353 1.70 3.39 27.38
N THR C 354 0.66 3.07 28.15
CA THR C 354 -0.04 4.06 28.97
C THR C 354 0.53 4.17 30.38
N GLY C 355 1.11 3.10 30.91
CA GLY C 355 1.61 3.11 32.26
C GLY C 355 1.06 1.98 33.11
N HIS C 356 0.70 0.88 32.47
CA HIS C 356 0.16 -0.29 33.15
C HIS C 356 1.07 -1.50 32.88
N GLN C 357 1.07 -2.44 33.82
CA GLN C 357 1.81 -3.68 33.69
C GLN C 357 0.86 -4.78 33.24
N VAL C 358 1.25 -5.53 32.20
CA VAL C 358 0.41 -6.54 31.60
C VAL C 358 1.11 -7.89 31.67
N TRP C 359 0.44 -8.88 32.25
CA TRP C 359 0.87 -10.27 32.23
C TRP C 359 -0.15 -11.06 31.42
N THR C 360 0.31 -11.75 30.38
CA THR C 360 -0.60 -12.42 29.47
C THR C 360 -0.05 -13.79 29.09
N SER C 361 -0.93 -14.62 28.53
CA SER C 361 -0.58 -15.94 28.04
C SER C 361 -0.80 -16.00 26.54
N LEU C 362 0.12 -16.67 25.84
CA LEU C 362 0.07 -16.76 24.40
C LEU C 362 0.48 -18.16 23.97
N HIS C 363 0.02 -18.56 22.79
CA HIS C 363 0.38 -19.84 22.19
C HIS C 363 1.51 -19.61 21.19
N ALA C 364 2.65 -20.23 21.44
CA ALA C 364 3.82 -20.07 20.59
C ALA C 364 4.71 -21.29 20.70
N ASN C 365 5.61 -21.44 19.73
CA ASN C 365 6.52 -22.58 19.69
C ASN C 365 7.82 -22.32 20.42
N ASN C 366 8.23 -21.05 20.53
CA ASN C 366 9.53 -20.72 21.10
C ASN C 366 9.40 -19.40 21.84
N ALA C 367 10.38 -19.13 22.71
CA ALA C 367 10.40 -17.87 23.43
C ALA C 367 10.62 -16.69 22.48
N LEU C 368 11.50 -16.85 21.50
CA LEU C 368 11.75 -15.81 20.50
C LEU C 368 10.73 -15.84 19.37
N ALA C 369 9.84 -16.82 19.34
CA ALA C 369 8.80 -16.90 18.32
C ALA C 369 7.53 -16.16 18.72
N ILE C 370 7.53 -15.49 19.89
CA ILE C 370 6.40 -14.68 20.28
C ILE C 370 6.23 -13.51 19.33
N PHE C 371 7.34 -12.93 18.87
CA PHE C 371 7.29 -11.80 17.94
C PHE C 371 6.68 -12.19 16.61
N ASP C 372 6.91 -13.43 16.16
CA ASP C 372 6.26 -13.90 14.94
C ASP C 372 4.74 -13.94 15.09
N ARG C 373 4.26 -14.42 16.24
CA ARG C 373 2.82 -14.44 16.49
C ARG C 373 2.26 -13.02 16.58
N LEU C 374 2.99 -12.10 17.22
CA LEU C 374 2.52 -10.73 17.34
C LEU C 374 2.49 -10.03 15.99
N LYS C 375 3.46 -10.30 15.13
CA LYS C 375 3.43 -9.74 13.78
C LYS C 375 2.34 -10.38 12.94
N ASP C 376 2.03 -11.66 13.20
CA ASP C 376 0.90 -12.31 12.54
C ASP C 376 -0.41 -11.63 12.94
N GLN C 377 -0.55 -11.28 14.22
CA GLN C 377 -1.78 -10.63 14.67
C GLN C 377 -1.87 -9.19 14.18
N GLY C 378 -0.74 -8.50 14.02
CA GLY C 378 -0.77 -7.16 13.46
C GLY C 378 -0.01 -6.11 14.25
N VAL C 379 0.84 -6.54 15.18
CA VAL C 379 1.63 -5.60 15.98
C VAL C 379 2.73 -5.00 15.12
N ASP C 380 2.86 -3.68 15.17
CA ASP C 380 3.84 -2.97 14.36
C ASP C 380 5.24 -3.18 14.91
N GLU C 381 6.23 -2.75 14.11
CA GLU C 381 7.63 -2.98 14.46
C GLU C 381 8.10 -2.06 15.59
N PHE C 382 7.64 -0.81 15.61
CA PHE C 382 8.11 0.11 16.64
C PHE C 382 7.55 -0.23 18.01
N LYS C 383 6.44 -0.97 18.07
CA LYS C 383 5.96 -1.47 19.36
C LYS C 383 6.89 -2.55 19.90
N LEU C 384 7.41 -3.41 19.03
CA LEU C 384 8.29 -4.50 19.43
C LEU C 384 9.75 -4.09 19.56
N THR C 385 10.11 -2.91 19.06
CA THR C 385 11.50 -2.47 19.13
C THR C 385 11.89 -2.00 20.53
N ASP C 386 10.95 -1.45 21.29
CA ASP C 386 11.25 -0.86 22.59
C ASP C 386 11.63 -1.94 23.61
N PRO C 387 12.81 -1.87 24.23
CA PRO C 387 13.17 -2.86 25.25
C PRO C 387 12.49 -2.61 26.58
N GLU C 388 12.13 -1.35 26.85
CA GLU C 388 11.46 -1.03 28.11
C GLU C 388 10.01 -1.49 28.11
N LEU C 389 9.40 -1.66 26.93
CA LEU C 389 8.02 -2.13 26.87
C LEU C 389 7.95 -3.64 27.06
N ILE C 390 8.60 -4.40 26.18
CA ILE C 390 8.58 -5.86 26.25
C ILE C 390 9.56 -6.26 27.33
N THR C 391 9.06 -6.42 28.57
CA THR C 391 9.95 -6.63 29.69
C THR C 391 10.52 -8.05 29.72
N GLY C 392 9.70 -9.06 29.47
CA GLY C 392 10.16 -10.43 29.56
C GLY C 392 9.37 -11.36 28.68
N LEU C 393 10.01 -12.44 28.25
CA LEU C 393 9.39 -13.49 27.44
C LEU C 393 9.69 -14.84 28.06
N VAL C 394 8.65 -15.64 28.28
CA VAL C 394 8.79 -16.94 28.93
C VAL C 394 8.19 -18.01 28.04
N ALA C 395 8.93 -19.10 27.82
CA ALA C 395 8.41 -20.28 27.14
C ALA C 395 8.50 -21.48 28.07
N GLN C 396 7.42 -22.27 28.12
CA GLN C 396 7.27 -23.31 29.13
C GLN C 396 6.83 -24.63 28.49
N ARG C 397 7.32 -25.73 29.04
CA ARG C 397 6.86 -27.07 28.71
C ARG C 397 6.80 -27.88 30.00
N LEU C 398 5.97 -28.92 30.00
CA LEU C 398 5.82 -29.80 31.14
C LEU C 398 6.24 -31.21 30.77
N VAL C 399 7.10 -31.82 31.59
CA VAL C 399 7.56 -33.17 31.39
C VAL C 399 7.34 -33.97 32.66
N ARG C 400 7.45 -35.29 32.55
CA ARG C 400 7.20 -36.18 33.68
C ARG C 400 8.46 -36.39 34.50
N LYS C 401 8.30 -36.39 35.82
CA LYS C 401 9.41 -36.52 36.75
C LYS C 401 9.59 -37.99 37.15
N LEU C 402 10.81 -38.49 37.03
CA LEU C 402 11.08 -39.86 37.42
C LEU C 402 11.00 -40.03 38.94
N CYS C 403 10.61 -41.22 39.36
CA CYS C 403 10.55 -41.54 40.79
C CYS C 403 11.95 -41.54 41.38
N ALA C 404 12.14 -40.80 42.47
CA ALA C 404 13.45 -40.65 43.06
C ALA C 404 13.85 -41.82 43.96
N GLN C 405 12.93 -42.73 44.25
CA GLN C 405 13.23 -43.85 45.13
C GLN C 405 13.73 -45.08 44.37
N CYS C 406 13.04 -45.44 43.29
CA CYS C 406 13.46 -46.58 42.47
C CYS C 406 14.81 -46.31 41.82
N SER C 407 14.85 -45.34 40.92
CA SER C 407 16.08 -44.78 40.33
C SER C 407 17.02 -45.85 39.78
N ILE C 408 16.53 -46.56 38.76
CA ILE C 408 17.37 -47.55 38.09
C ILE C 408 18.31 -46.84 37.12
N THR C 409 19.46 -47.46 36.88
CA THR C 409 20.51 -46.85 36.07
C THR C 409 20.38 -47.30 34.63
N LEU C 410 21.36 -46.93 33.80
CA LEU C 410 21.35 -47.33 32.39
C LEU C 410 21.61 -48.82 32.24
N THR C 411 22.53 -49.38 33.05
CA THR C 411 22.83 -50.80 32.96
C THR C 411 21.62 -51.65 33.36
N GLU C 412 20.91 -51.25 34.42
CA GLU C 412 19.72 -51.97 34.83
C GLU C 412 18.63 -51.90 33.77
N TYR C 413 18.48 -50.73 33.13
CA TYR C 413 17.49 -50.58 32.07
C TYR C 413 17.84 -51.43 30.86
N ILE C 414 19.13 -51.52 30.52
CA ILE C 414 19.56 -52.35 29.41
C ILE C 414 19.33 -53.82 29.72
N ALA C 415 19.67 -54.26 30.94
CA ALA C 415 19.49 -55.65 31.32
C ALA C 415 18.02 -56.04 31.41
N SER C 416 17.16 -55.10 31.83
CA SER C 416 15.73 -55.39 31.93
C SER C 416 15.12 -55.58 30.54
N GLY C 417 15.50 -54.75 29.59
CA GLY C 417 14.99 -54.84 28.24
C GLY C 417 14.94 -53.47 27.59
N GLY C 418 15.00 -53.48 26.26
CA GLY C 418 14.98 -52.24 25.50
C GLY C 418 16.36 -51.64 25.34
N GLY C 419 16.44 -50.66 24.44
CA GLY C 419 17.71 -50.01 24.17
C GLY C 419 17.47 -48.60 23.66
N ILE C 420 18.45 -47.73 23.91
CA ILE C 420 18.36 -46.35 23.46
C ILE C 420 18.86 -46.24 22.02
N SER C 421 18.46 -45.16 21.36
CA SER C 421 18.82 -44.94 19.96
C SER C 421 20.21 -44.29 19.90
N ASP C 422 20.60 -43.86 18.69
CA ASP C 422 21.92 -43.25 18.52
C ASP C 422 21.94 -41.84 19.09
N THR C 423 20.88 -41.06 18.86
CA THR C 423 20.82 -39.70 19.40
C THR C 423 20.74 -39.72 20.92
N ASP C 424 19.97 -40.65 21.49
CA ASP C 424 19.91 -40.78 22.95
C ASP C 424 21.25 -41.17 23.52
N ARG C 425 21.98 -42.06 22.85
CA ARG C 425 23.32 -42.43 23.30
C ARG C 425 24.27 -41.25 23.20
N LYS C 426 24.14 -40.44 22.15
CA LYS C 426 24.97 -39.24 22.01
C LYS C 426 24.71 -38.25 23.13
N ILE C 427 23.43 -38.08 23.51
CA ILE C 427 23.09 -37.21 24.62
C ILE C 427 23.66 -37.76 25.93
N ILE C 428 23.52 -39.07 26.14
CA ILE C 428 23.94 -39.69 27.39
C ILE C 428 25.46 -39.67 27.55
N SER C 429 26.21 -39.80 26.44
CA SER C 429 27.65 -40.01 26.40
C SER C 429 28.48 -39.14 27.34
N GLY C 430 28.02 -37.92 27.62
CA GLY C 430 28.75 -37.07 28.55
C GLY C 430 28.75 -37.61 29.97
N HIS C 431 27.59 -38.06 30.45
CA HIS C 431 27.45 -38.58 31.82
C HIS C 431 26.64 -39.87 31.73
N GLU C 432 27.32 -41.01 31.93
CA GLU C 432 26.66 -42.30 31.78
C GLU C 432 25.89 -42.68 33.04
N THR C 433 26.56 -42.68 34.20
CA THR C 433 25.95 -43.16 35.43
C THR C 433 25.02 -42.15 36.08
N SER C 434 25.08 -40.88 35.66
CA SER C 434 24.25 -39.86 36.32
C SER C 434 22.79 -39.96 35.90
N VAL C 435 22.53 -40.45 34.69
CA VAL C 435 21.16 -40.50 34.17
C VAL C 435 20.40 -41.66 34.82
N ARG C 436 19.09 -41.52 34.89
CA ARG C 436 18.21 -42.54 35.46
C ARG C 436 17.09 -42.86 34.49
N PHE C 437 16.49 -44.04 34.67
CA PHE C 437 15.47 -44.54 33.77
C PHE C 437 14.26 -45.02 34.58
N PRO C 438 13.07 -45.00 33.98
CA PRO C 438 11.86 -45.42 34.72
C PRO C 438 11.89 -46.89 35.07
N ASN C 439 11.21 -47.22 36.17
CA ASN C 439 11.13 -48.59 36.67
C ASN C 439 9.69 -49.08 36.59
N PRO C 440 9.36 -49.92 35.61
CA PRO C 440 7.99 -50.45 35.48
C PRO C 440 7.78 -51.73 36.29
N ARG C 441 8.08 -51.65 37.60
CA ARG C 441 7.94 -52.78 38.50
C ARG C 441 6.65 -52.76 39.30
N ALA C 442 5.80 -51.75 39.10
CA ALA C 442 4.53 -51.59 39.81
C ALA C 442 4.73 -51.58 41.33
N LYS C 443 5.67 -50.75 41.78
CA LYS C 443 5.98 -50.66 43.19
C LYS C 443 4.87 -49.89 43.93
N LYS C 444 4.94 -49.96 45.26
CA LYS C 444 3.94 -49.28 46.09
C LYS C 444 4.17 -47.78 46.16
N CYS C 445 5.41 -47.32 45.98
CA CYS C 445 5.70 -45.90 46.12
C CYS C 445 5.15 -45.10 44.94
N CYS C 446 5.31 -45.60 43.73
CA CYS C 446 4.85 -44.92 42.52
C CYS C 446 3.88 -45.81 41.78
N ARG C 447 2.75 -45.22 41.34
CA ARG C 447 1.75 -45.97 40.60
C ARG C 447 2.28 -46.42 39.24
N ASP C 448 2.99 -45.52 38.54
CA ASP C 448 3.54 -45.82 37.23
C ASP C 448 5.01 -45.47 37.08
N GLY C 449 5.63 -44.89 38.11
CA GLY C 449 7.01 -44.47 38.03
C GLY C 449 7.23 -43.07 37.51
N TYR C 450 6.17 -42.35 37.16
CA TYR C 450 6.29 -41.01 36.59
C TYR C 450 5.84 -39.89 37.53
N ASN C 451 5.44 -40.23 38.77
CA ASN C 451 5.19 -39.27 39.84
C ASN C 451 4.31 -38.10 39.44
N GLY C 452 4.88 -36.90 39.44
CA GLY C 452 4.18 -35.69 39.03
C GLY C 452 4.73 -35.14 37.73
N ARG C 453 4.93 -33.82 37.66
CA ARG C 453 5.44 -33.18 36.46
C ARG C 453 6.29 -31.98 36.85
N THR C 454 7.27 -31.68 35.99
CA THR C 454 8.18 -30.56 36.17
C THR C 454 8.14 -29.65 34.95
N ILE C 455 8.52 -28.39 35.18
CA ILE C 455 8.50 -27.36 34.15
C ILE C 455 9.92 -27.20 33.61
N LEU C 456 10.06 -27.26 32.29
CA LEU C 456 11.26 -26.85 31.58
C LEU C 456 10.94 -25.55 30.85
N ALA C 457 11.68 -24.49 31.15
CA ALA C 457 11.32 -23.17 30.68
C ALA C 457 12.55 -22.38 30.27
N GLU C 458 12.32 -21.35 29.48
CA GLU C 458 13.33 -20.37 29.11
C GLU C 458 12.75 -18.98 29.32
N VAL C 459 13.53 -18.11 29.98
CA VAL C 459 13.12 -16.74 30.29
C VAL C 459 14.14 -15.80 29.65
N ILE C 460 13.64 -14.84 28.88
CA ILE C 460 14.47 -13.87 28.18
C ILE C 460 14.07 -12.48 28.65
N GLU C 461 15.07 -11.68 29.02
CA GLU C 461 14.88 -10.26 29.32
C GLU C 461 15.51 -9.46 28.19
N PRO C 462 14.73 -8.93 27.25
CA PRO C 462 15.31 -8.34 26.03
C PRO C 462 16.06 -7.04 26.31
N ASP C 463 17.03 -6.78 25.46
CA ASP C 463 17.77 -5.52 25.41
C ASP C 463 17.48 -4.83 24.08
N SER C 464 18.15 -3.71 23.84
CA SER C 464 17.96 -2.98 22.59
C SER C 464 18.57 -3.73 21.42
N LYS C 465 19.77 -4.27 21.59
CA LYS C 465 20.45 -4.96 20.49
C LYS C 465 19.73 -6.25 20.10
N LEU C 466 19.24 -7.00 21.09
CA LEU C 466 18.54 -8.25 20.78
C LEU C 466 17.24 -7.98 20.02
N LEU C 467 16.48 -6.96 20.44
CA LEU C 467 15.25 -6.62 19.74
C LEU C 467 15.54 -6.05 18.35
N ARG C 468 16.63 -5.30 18.19
CA ARG C 468 17.02 -4.82 16.88
C ARG C 468 17.39 -5.98 15.95
N LEU C 469 18.10 -6.99 16.48
CA LEU C 469 18.46 -8.15 15.68
C LEU C 469 17.23 -8.97 15.32
N VAL C 470 16.27 -9.10 16.25
CA VAL C 470 15.04 -9.83 15.97
C VAL C 470 14.21 -9.12 14.91
N ALA C 471 14.10 -7.79 15.01
CA ALA C 471 13.28 -7.03 14.07
C ALA C 471 13.85 -7.03 12.66
N GLU C 472 15.17 -7.22 12.50
CA GLU C 472 15.80 -7.24 11.20
C GLU C 472 15.76 -8.61 10.53
N GLY C 473 15.18 -9.61 11.18
CA GLY C 473 15.07 -10.94 10.61
C GLY C 473 16.28 -11.82 10.79
N LYS C 474 17.29 -11.38 11.55
CA LYS C 474 18.49 -12.17 11.80
C LYS C 474 18.22 -13.09 12.98
N ARG C 475 17.62 -14.25 12.69
CA ARG C 475 17.25 -15.19 13.74
C ARG C 475 18.47 -15.82 14.38
N GLU C 476 19.42 -16.28 13.55
CA GLU C 476 20.61 -16.93 14.07
C GLU C 476 21.49 -15.96 14.85
N ASP C 477 21.63 -14.72 14.35
CA ASP C 477 22.41 -13.72 15.05
C ASP C 477 21.78 -13.34 16.38
N ALA C 478 20.45 -13.21 16.40
CA ALA C 478 19.76 -12.90 17.66
C ALA C 478 19.89 -14.04 18.65
N GLN C 479 19.78 -15.28 18.19
CA GLN C 479 19.96 -16.43 19.09
C GLN C 479 21.38 -16.49 19.65
N HIS C 480 22.38 -16.22 18.80
CA HIS C 480 23.77 -16.21 19.26
C HIS C 480 24.00 -15.10 20.27
N TYR C 481 23.43 -13.92 20.02
CA TYR C 481 23.57 -12.80 20.96
C TYR C 481 22.91 -13.10 22.30
N TRP C 482 21.73 -13.74 22.26
CA TRP C 482 21.06 -14.09 23.50
C TRP C 482 21.82 -15.16 24.27
N LEU C 483 22.33 -16.18 23.57
CA LEU C 483 22.97 -17.29 24.26
C LEU C 483 24.37 -16.95 24.76
N THR C 484 25.08 -16.04 24.09
CA THR C 484 26.46 -15.71 24.45
C THR C 484 26.55 -14.44 25.28
N SER C 485 26.06 -13.32 24.75
CA SER C 485 26.22 -12.04 25.43
C SER C 485 25.30 -11.91 26.63
N LEU C 486 24.07 -12.40 26.54
CA LEU C 486 23.09 -12.26 27.61
C LEU C 486 23.08 -13.45 28.56
N HIS C 487 23.96 -14.44 28.34
CA HIS C 487 24.06 -15.63 29.19
C HIS C 487 22.73 -16.37 29.30
N GLY C 488 22.03 -16.50 28.18
CA GLY C 488 20.73 -17.16 28.17
C GLY C 488 20.84 -18.67 28.19
N MET C 489 19.67 -19.31 28.33
CA MET C 489 19.56 -20.76 28.32
C MET C 489 18.25 -21.14 27.65
N ALA C 490 18.33 -22.04 26.67
CA ALA C 490 17.16 -22.43 25.91
C ALA C 490 16.47 -23.62 26.56
N LEU C 491 15.38 -24.08 25.93
CA LEU C 491 14.66 -25.25 26.43
C LEU C 491 15.51 -26.51 26.36
N LYS C 492 16.27 -26.67 25.26
CA LYS C 492 17.08 -27.86 25.08
C LYS C 492 18.18 -27.97 26.13
N GLU C 493 18.78 -26.84 26.52
CA GLU C 493 19.85 -26.87 27.50
C GLU C 493 19.31 -27.20 28.90
N HIS C 494 18.15 -26.65 29.25
CA HIS C 494 17.53 -27.00 30.53
C HIS C 494 17.10 -28.46 30.55
N ALA C 495 16.58 -28.97 29.43
CA ALA C 495 16.23 -30.37 29.35
C ALA C 495 17.45 -31.27 29.48
N TRP C 496 18.56 -30.89 28.86
CA TRP C 496 19.80 -31.65 28.99
C TRP C 496 20.32 -31.64 30.42
N LEU C 497 20.23 -30.49 31.09
CA LEU C 497 20.67 -30.40 32.48
C LEU C 497 19.79 -31.26 33.39
N LYS C 498 18.48 -31.28 33.15
CA LYS C 498 17.60 -32.14 33.95
C LYS C 498 17.83 -33.62 33.65
N ILE C 499 18.20 -33.96 32.41
CA ILE C 499 18.56 -35.34 32.07
C ILE C 499 19.81 -35.74 32.83
N ILE C 500 20.82 -34.87 32.84
CA ILE C 500 22.08 -35.18 33.52
C ILE C 500 21.86 -35.29 35.02
N SER C 501 21.04 -34.40 35.59
CA SER C 501 20.75 -34.47 37.02
C SER C 501 19.97 -35.73 37.39
N GLY C 502 19.22 -36.29 36.46
CA GLY C 502 18.47 -37.50 36.69
C GLY C 502 17.02 -37.31 37.07
N GLU C 503 16.49 -36.09 36.98
CA GLU C 503 15.10 -35.86 37.34
C GLU C 503 14.15 -36.44 36.30
N ILE C 504 14.46 -36.28 35.02
CA ILE C 504 13.58 -36.73 33.95
C ILE C 504 14.36 -37.69 33.05
N CYS C 505 13.61 -38.43 32.23
CA CYS C 505 14.19 -39.38 31.30
C CYS C 505 14.51 -38.71 29.98
N VAL C 506 15.48 -39.29 29.26
CA VAL C 506 15.89 -38.73 27.98
C VAL C 506 14.78 -38.89 26.93
N MET C 507 14.02 -39.99 26.98
CA MET C 507 13.00 -40.25 25.98
C MET C 507 11.86 -39.23 26.05
N ASP C 508 11.40 -38.91 27.25
CA ASP C 508 10.34 -37.92 27.40
C ASP C 508 10.81 -36.54 26.95
N ALA C 509 12.07 -36.20 27.25
CA ALA C 509 12.60 -34.90 26.84
C ALA C 509 12.73 -34.80 25.33
N VAL C 510 13.21 -35.85 24.67
CA VAL C 510 13.34 -35.78 23.22
C VAL C 510 12.00 -35.91 22.53
N ASN C 511 10.99 -36.47 23.20
CA ASN C 511 9.64 -36.42 22.65
C ASN C 511 9.03 -35.01 22.78
N LYS C 512 9.28 -34.35 23.90
CA LYS C 512 8.70 -33.02 24.11
C LYS C 512 9.48 -31.93 23.39
N ILE C 513 10.81 -31.94 23.49
CA ILE C 513 11.65 -30.89 22.92
C ILE C 513 12.63 -31.54 21.94
N SER C 514 12.76 -30.94 20.77
CA SER C 514 13.68 -31.40 19.74
C SER C 514 14.93 -30.55 19.73
N GLY C 515 16.04 -31.15 19.31
CA GLY C 515 17.30 -30.45 19.23
C GLY C 515 18.20 -30.58 20.44
N ILE C 516 17.93 -31.54 21.32
CA ILE C 516 18.79 -31.73 22.50
C ILE C 516 20.16 -32.24 22.08
N ASP C 517 20.21 -33.11 21.07
CA ASP C 517 21.47 -33.68 20.62
C ASP C 517 22.33 -32.69 19.82
N ASN C 518 21.78 -31.53 19.46
CA ASN C 518 22.52 -30.53 18.68
C ASN C 518 23.42 -29.65 19.53
N ILE C 519 23.40 -29.81 20.85
CA ILE C 519 24.24 -28.99 21.72
C ILE C 519 25.69 -29.44 21.58
N THR C 520 26.59 -28.47 21.38
CA THR C 520 28.01 -28.77 21.23
C THR C 520 28.61 -29.21 22.56
N GLU C 521 29.77 -29.86 22.47
CA GLU C 521 30.45 -30.34 23.67
C GLU C 521 30.96 -29.19 24.53
N GLU C 522 31.43 -28.12 23.88
CA GLU C 522 31.91 -26.95 24.62
C GLU C 522 30.77 -26.29 25.40
N ARG C 523 29.59 -26.19 24.79
CA ARG C 523 28.43 -25.63 25.49
C ARG C 523 28.02 -26.51 26.66
N LYS C 524 28.07 -27.83 26.47
CA LYS C 524 27.73 -28.76 27.56
C LYS C 524 28.71 -28.61 28.73
N LYS C 525 30.01 -28.52 28.41
CA LYS C 525 31.00 -28.33 29.46
C LYS C 525 30.83 -26.99 30.17
N TYR C 526 30.51 -25.94 29.41
CA TYR C 526 30.30 -24.62 30.00
C TYR C 526 29.11 -24.65 30.96
N LEU C 527 28.00 -25.28 30.54
CA LEU C 527 26.82 -25.37 31.39
C LEU C 527 27.09 -26.19 32.65
N PHE C 528 27.79 -27.32 32.49
CA PHE C 528 28.10 -28.15 33.65
C PHE C 528 29.00 -27.43 34.63
N SER C 529 30.03 -26.72 34.14
CA SER C 529 30.92 -25.98 35.01
C SER C 529 30.20 -24.83 35.69
N ARG C 530 29.28 -24.16 34.96
CA ARG C 530 28.53 -23.05 35.55
C ARG C 530 27.60 -23.53 36.66
N ASP C 531 26.96 -24.69 36.46
CA ASP C 531 26.09 -25.21 37.50
C ASP C 531 26.86 -25.80 38.67
N ASN C 532 28.06 -26.35 38.43
CA ASN C 532 28.85 -26.90 39.53
C ASN C 532 29.53 -25.81 40.34
N GLU C 533 29.90 -24.69 39.70
CA GLU C 533 30.56 -23.61 40.42
C GLU C 533 29.60 -22.93 41.39
N ILE C 534 28.36 -22.68 40.96
CA ILE C 534 27.38 -22.03 41.80
C ILE C 534 26.68 -23.05 42.69
N VAL D 107 -29.38 2.50 51.58
CA VAL D 107 -29.13 3.45 52.65
C VAL D 107 -28.35 4.65 52.12
N GLU D 108 -29.04 5.79 51.98
CA GLU D 108 -28.39 6.98 51.47
C GLU D 108 -27.48 7.63 52.51
N LYS D 109 -27.80 7.45 53.80
CA LYS D 109 -26.99 8.05 54.86
C LYS D 109 -25.58 7.48 54.89
N ARG D 110 -25.45 6.16 54.73
CA ARG D 110 -24.14 5.53 54.71
C ARG D 110 -23.31 6.03 53.54
N ALA D 111 -23.94 6.18 52.38
CA ALA D 111 -23.25 6.76 51.22
C ALA D 111 -22.83 8.19 51.47
N SER D 112 -23.67 8.97 52.17
CA SER D 112 -23.35 10.35 52.47
C SER D 112 -22.13 10.46 53.38
N MET D 113 -22.09 9.64 54.44
CA MET D 113 -20.91 9.65 55.30
C MET D 113 -19.67 9.11 54.60
N LEU D 114 -19.83 8.11 53.73
CA LEU D 114 -18.68 7.61 52.98
C LEU D 114 -18.10 8.68 52.05
N LEU D 115 -18.96 9.39 51.34
CA LEU D 115 -18.49 10.46 50.47
C LEU D 115 -17.93 11.64 51.27
N PHE D 116 -18.50 11.92 52.45
CA PHE D 116 -17.93 12.96 53.31
C PHE D 116 -16.53 12.59 53.77
N GLU D 117 -16.31 11.33 54.15
CA GLU D 117 -14.97 10.89 54.54
C GLU D 117 -14.01 10.95 53.36
N CYS D 118 -14.46 10.53 52.18
CA CYS D 118 -13.60 10.57 51.00
C CYS D 118 -13.21 12.01 50.63
N ALA D 119 -14.16 12.95 50.78
CA ALA D 119 -13.84 14.35 50.52
C ALA D 119 -12.93 14.93 51.59
N GLU D 120 -13.13 14.54 52.85
CA GLU D 120 -12.33 15.09 53.94
C GLU D 120 -10.88 14.64 53.87
N MET D 121 -10.65 13.34 53.62
CA MET D 121 -9.29 12.86 53.49
C MET D 121 -8.71 13.08 52.09
N ARG D 122 -9.53 13.53 51.14
CA ARG D 122 -9.10 13.87 49.78
C ARG D 122 -8.42 12.69 49.08
N VAL D 123 -9.06 11.51 49.18
CA VAL D 123 -8.59 10.36 48.44
C VAL D 123 -8.90 10.54 46.95
N SER D 124 -8.14 9.85 46.11
CA SER D 124 -8.35 9.99 44.67
C SER D 124 -9.50 9.11 44.19
N ASP D 125 -9.34 7.79 44.30
CA ASP D 125 -10.37 6.84 43.92
C ASP D 125 -10.73 5.96 45.12
N LEU D 126 -11.96 5.45 45.08
CA LEU D 126 -12.52 4.62 46.15
C LEU D 126 -12.95 3.28 45.55
N HIS D 127 -12.44 2.19 46.11
CA HIS D 127 -12.75 0.85 45.65
C HIS D 127 -13.58 0.13 46.71
N ILE D 128 -14.63 -0.56 46.29
CA ILE D 128 -15.43 -1.40 47.17
C ILE D 128 -15.53 -2.78 46.52
N LYS D 129 -15.01 -3.79 47.21
CA LYS D 129 -15.09 -5.17 46.74
C LYS D 129 -16.02 -5.95 47.64
N VAL D 130 -17.11 -6.48 47.07
CA VAL D 130 -18.14 -7.17 47.83
C VAL D 130 -18.04 -8.65 47.52
N TYR D 131 -17.70 -9.44 48.53
CA TYR D 131 -17.60 -10.88 48.43
C TYR D 131 -18.89 -11.51 48.97
N ASP D 132 -18.90 -12.85 49.09
CA ASP D 132 -20.07 -13.54 49.59
C ASP D 132 -20.27 -13.32 51.09
N ALA D 133 -19.17 -13.14 51.84
CA ALA D 133 -19.24 -13.02 53.29
C ALA D 133 -19.04 -11.58 53.76
N GLU D 134 -17.92 -10.95 53.38
CA GLU D 134 -17.61 -9.60 53.83
C GLU D 134 -17.09 -8.78 52.67
N ALA D 135 -17.26 -7.46 52.78
CA ALA D 135 -16.84 -6.52 51.76
C ALA D 135 -15.75 -5.63 52.30
N ASP D 136 -14.78 -5.31 51.44
CA ASP D 136 -13.63 -4.50 51.78
C ASP D 136 -13.69 -3.16 51.08
N ILE D 137 -13.25 -2.10 51.77
CA ILE D 137 -13.23 -0.74 51.26
C ILE D 137 -11.78 -0.28 51.20
N TYR D 138 -11.34 0.15 50.02
CA TYR D 138 -9.99 0.63 49.79
C TYR D 138 -10.04 2.05 49.26
N ILE D 139 -9.01 2.82 49.58
CA ILE D 139 -8.87 4.19 49.12
C ILE D 139 -7.49 4.38 48.50
N ARG D 140 -7.42 5.10 47.40
CA ARG D 140 -6.14 5.41 46.75
C ARG D 140 -5.76 6.83 47.13
N LYS D 141 -5.03 6.95 48.24
CA LYS D 141 -4.58 8.24 48.77
C LYS D 141 -3.09 8.37 48.49
N ASP D 142 -2.72 9.44 47.77
CA ASP D 142 -1.33 9.72 47.39
C ASP D 142 -0.71 8.55 46.63
N GLY D 143 -1.49 7.93 45.75
CA GLY D 143 -1.01 6.81 44.95
C GLY D 143 -1.13 5.45 45.59
N ASP D 144 -0.66 5.32 46.83
CA ASP D 144 -0.71 4.04 47.52
C ASP D 144 -2.13 3.73 47.95
N MET D 145 -2.48 2.44 47.93
CA MET D 145 -3.80 1.97 48.32
C MET D 145 -3.77 1.52 49.78
N GLU D 146 -4.78 1.93 50.53
CA GLU D 146 -4.91 1.59 51.94
C GLU D 146 -6.28 0.98 52.21
N LEU D 147 -6.34 0.13 53.23
CA LEU D 147 -7.57 -0.53 53.61
C LEU D 147 -8.35 0.37 54.57
N LEU D 148 -9.54 0.79 54.16
CA LEU D 148 -10.35 1.67 54.99
C LEU D 148 -11.15 0.89 56.03
N ARG D 149 -12.03 0.00 55.57
CA ARG D 149 -12.94 -0.69 56.47
C ARG D 149 -13.34 -2.04 55.86
N GLN D 150 -13.92 -2.88 56.72
CA GLN D 150 -14.49 -4.16 56.31
C GLN D 150 -15.89 -4.26 56.90
N ILE D 151 -16.88 -4.45 56.04
CA ILE D 151 -18.29 -4.42 56.44
C ILE D 151 -18.96 -5.68 55.90
N GLU D 152 -20.27 -5.78 56.15
CA GLU D 152 -21.04 -6.91 55.66
C GLU D 152 -21.43 -6.70 54.19
N SER D 153 -21.85 -7.79 53.55
CA SER D 153 -22.11 -7.76 52.12
C SER D 153 -23.42 -7.05 51.79
N ASN D 154 -24.45 -7.23 52.62
CA ASN D 154 -25.77 -6.66 52.33
C ASN D 154 -25.74 -5.14 52.39
N THR D 155 -25.08 -4.58 53.41
CA THR D 155 -24.97 -3.13 53.51
C THR D 155 -24.20 -2.54 52.33
N ALA D 156 -23.10 -3.19 51.94
CA ALA D 156 -22.32 -2.70 50.81
C ALA D 156 -23.10 -2.78 49.51
N HIS D 157 -23.90 -3.85 49.34
CA HIS D 157 -24.79 -3.94 48.19
C HIS D 157 -25.81 -2.80 48.19
N SER D 158 -26.32 -2.45 49.37
CA SER D 158 -27.26 -1.34 49.48
C SER D 158 -26.61 -0.01 49.08
N ILE D 159 -25.38 0.23 49.53
CA ILE D 159 -24.69 1.45 49.14
C ILE D 159 -24.41 1.48 47.64
N LEU D 160 -24.01 0.34 47.07
CA LEU D 160 -23.77 0.30 45.63
C LEU D 160 -25.05 0.57 44.84
N ALA D 161 -26.17 -0.01 45.27
CA ALA D 161 -27.45 0.24 44.59
C ALA D 161 -27.85 1.70 44.72
N SER D 162 -27.66 2.29 45.90
CA SER D 162 -28.01 3.70 46.09
C SER D 162 -27.13 4.61 45.25
N LEU D 163 -25.84 4.27 45.11
CA LEU D 163 -24.94 5.05 44.26
C LEU D 163 -25.33 4.94 42.79
N TYR D 164 -25.73 3.75 42.33
CA TYR D 164 -26.11 3.61 40.93
C TYR D 164 -27.45 4.29 40.63
N ASN D 165 -28.40 4.22 41.56
CA ASN D 165 -29.72 4.77 41.31
C ASN D 165 -29.72 6.29 41.30
N ASN D 166 -28.83 6.92 42.07
CA ASN D 166 -28.79 8.37 42.15
C ASN D 166 -28.02 9.03 41.03
N ALA D 167 -27.39 8.25 40.14
CA ALA D 167 -26.62 8.82 39.06
C ALA D 167 -27.53 9.34 37.95
N ASP D 168 -26.91 9.93 36.92
CA ASP D 168 -27.63 10.47 35.78
C ASP D 168 -27.97 9.41 34.74
N ASP D 169 -27.62 8.14 34.99
CA ASP D 169 -27.84 7.03 34.06
C ASP D 169 -29.09 6.24 34.39
N SER D 170 -30.15 6.92 34.82
CA SER D 170 -31.42 6.24 35.12
C SER D 170 -31.96 5.52 33.89
N ASP D 171 -32.70 4.44 34.16
CA ASP D 171 -33.03 3.28 33.32
C ASP D 171 -31.83 2.34 33.31
N ALA D 172 -32.00 1.14 32.72
CA ALA D 172 -31.00 0.07 32.77
C ALA D 172 -30.61 -0.23 34.22
N THR D 173 -31.61 -0.73 34.96
CA THR D 173 -31.57 -0.82 36.40
C THR D 173 -30.39 -1.65 36.90
N TYR D 174 -30.08 -1.47 38.18
CA TYR D 174 -28.93 -2.11 38.82
C TYR D 174 -29.12 -3.62 38.84
N LYS D 175 -28.29 -4.34 38.10
CA LYS D 175 -28.34 -5.79 38.05
C LYS D 175 -26.94 -6.34 38.26
N ILE D 176 -26.88 -7.50 38.91
CA ILE D 176 -25.62 -8.19 39.19
C ILE D 176 -25.13 -8.78 37.87
N ASN D 177 -23.87 -9.25 37.86
CA ASN D 177 -23.13 -9.76 36.71
C ASN D 177 -23.34 -8.92 35.45
N ALA D 178 -23.16 -7.60 35.56
CA ALA D 178 -23.22 -6.69 34.43
C ALA D 178 -22.21 -5.58 34.62
N TYR D 179 -21.55 -5.18 33.52
CA TYR D 179 -20.61 -4.07 33.53
C TYR D 179 -21.36 -2.78 33.26
N GLN D 180 -21.39 -1.88 34.24
CA GLN D 180 -22.20 -0.66 34.15
C GLN D 180 -21.38 0.57 34.45
N ALA D 181 -21.49 1.58 33.60
CA ALA D 181 -20.82 2.86 33.80
C ALA D 181 -21.86 3.93 34.12
N ALA D 182 -21.47 4.86 34.98
CA ALA D 182 -22.38 5.93 35.40
C ALA D 182 -21.57 7.13 35.85
N ARG D 183 -22.26 8.25 36.02
CA ARG D 183 -21.62 9.48 36.47
C ARG D 183 -22.58 10.25 37.38
N ILE D 184 -22.04 10.81 38.45
CA ILE D 184 -22.80 11.61 39.40
C ILE D 184 -22.25 13.04 39.35
N VAL D 185 -23.12 14.01 39.11
CA VAL D 185 -22.76 15.42 39.02
C VAL D 185 -23.26 16.11 40.28
N ALA D 186 -22.39 16.91 40.90
CA ALA D 186 -22.74 17.61 42.13
C ALA D 186 -23.79 18.69 41.85
N SER D 187 -24.77 18.79 42.76
CA SER D 187 -25.86 19.76 42.72
C SER D 187 -26.71 19.65 41.47
N LYS D 188 -26.64 18.54 40.74
CA LYS D 188 -27.43 18.36 39.53
C LYS D 188 -28.09 16.99 39.55
N SER D 189 -27.47 16.04 40.25
CA SER D 189 -27.94 14.65 40.29
C SER D 189 -28.65 14.42 41.63
N ARG D 190 -29.94 14.78 41.67
CA ARG D 190 -30.83 14.53 42.80
C ARG D 190 -30.26 15.21 44.05
N LEU D 191 -29.88 14.46 45.09
CA LEU D 191 -29.40 15.06 46.32
C LEU D 191 -28.03 15.71 46.12
N ALA D 192 -27.72 16.66 47.01
CA ALA D 192 -26.53 17.48 46.89
C ALA D 192 -25.28 16.69 47.26
N LEU D 193 -24.14 17.27 46.94
CA LEU D 193 -22.82 16.69 47.16
C LEU D 193 -21.94 17.72 47.86
N PRO D 194 -20.84 17.29 48.47
CA PRO D 194 -19.87 18.24 49.04
C PRO D 194 -19.36 19.20 47.98
N PRO D 195 -19.15 20.48 48.33
CA PRO D 195 -18.75 21.47 47.33
C PRO D 195 -17.37 21.22 46.73
N VAL D 196 -16.50 20.45 47.39
CA VAL D 196 -15.17 20.20 46.84
C VAL D 196 -15.22 19.22 45.68
N ILE D 197 -16.29 18.43 45.56
CA ILE D 197 -16.40 17.40 44.53
C ILE D 197 -17.30 17.92 43.41
N GLN D 198 -16.86 17.76 42.17
CA GLN D 198 -17.65 18.15 41.01
C GLN D 198 -18.37 16.95 40.40
N ALA D 199 -17.61 15.93 40.01
CA ALA D 199 -18.18 14.75 39.35
C ALA D 199 -17.52 13.49 39.90
N VAL D 200 -18.30 12.42 39.97
CA VAL D 200 -17.85 11.11 40.42
C VAL D 200 -18.18 10.12 39.32
N ARG D 201 -17.15 9.48 38.76
CA ARG D 201 -17.34 8.47 37.73
C ARG D 201 -17.40 7.08 38.36
N LEU D 202 -18.49 6.36 38.14
CA LEU D 202 -18.74 5.08 38.76
C LEU D 202 -18.64 3.96 37.74
N GLN D 203 -17.94 2.89 38.11
CA GLN D 203 -17.82 1.71 37.27
C GLN D 203 -18.16 0.48 38.12
N PHE D 204 -19.07 -0.35 37.62
CA PHE D 204 -19.54 -1.54 38.31
C PHE D 204 -19.15 -2.76 37.48
N ASN D 205 -18.40 -3.67 38.10
CA ASN D 205 -17.94 -4.90 37.47
C ASN D 205 -18.41 -6.10 38.26
N PRO D 206 -18.74 -7.21 37.60
CA PRO D 206 -19.01 -8.45 38.32
C PRO D 206 -17.76 -9.00 38.99
N LEU D 207 -17.96 -9.73 40.07
CA LEU D 207 -16.85 -10.32 40.82
C LEU D 207 -17.31 -11.64 41.41
N GLY D 208 -16.93 -12.74 40.77
CA GLY D 208 -17.30 -14.06 41.28
C GLY D 208 -18.80 -14.30 41.20
N GLN D 209 -19.31 -15.06 42.17
CA GLN D 209 -20.73 -15.33 42.30
C GLN D 209 -21.24 -14.62 43.55
N GLY D 210 -22.25 -13.78 43.37
CA GLY D 210 -22.77 -12.99 44.48
C GLY D 210 -21.82 -11.96 45.02
N GLY D 211 -21.06 -11.31 44.14
CA GLY D 211 -20.14 -10.27 44.57
C GLY D 211 -20.12 -9.15 43.55
N ARG D 212 -19.60 -7.99 43.99
CA ARG D 212 -19.58 -6.81 43.15
C ARG D 212 -18.26 -6.07 43.32
N TYR D 213 -18.02 -5.10 42.44
CA TYR D 213 -16.77 -4.35 42.44
C TYR D 213 -17.07 -2.95 41.93
N LEU D 214 -17.03 -1.96 42.83
CA LEU D 214 -17.32 -0.58 42.50
C LEU D 214 -16.04 0.25 42.61
N ILE D 215 -15.81 1.11 41.63
CA ILE D 215 -14.68 2.04 41.67
C ILE D 215 -15.22 3.44 41.34
N ALA D 216 -15.04 4.37 42.27
CA ALA D 216 -15.46 5.75 42.10
C ALA D 216 -14.24 6.65 41.97
N ARG D 217 -14.19 7.44 40.90
CA ARG D 217 -13.09 8.36 40.64
C ARG D 217 -13.59 9.77 40.87
N PHE D 218 -13.17 10.38 41.97
CA PHE D 218 -13.62 11.73 42.33
C PHE D 218 -12.89 12.78 41.51
N LEU D 219 -13.59 13.89 41.26
CA LEU D 219 -13.02 15.06 40.61
C LEU D 219 -13.17 16.25 41.56
N TYR D 220 -12.09 16.98 41.78
CA TYR D 220 -12.03 18.01 42.80
C TYR D 220 -11.91 19.40 42.17
N THR D 221 -12.49 20.38 42.86
CA THR D 221 -12.40 21.77 42.40
C THR D 221 -10.98 22.30 42.47
N ASP D 222 -10.26 21.95 43.54
CA ASP D 222 -8.88 22.39 43.78
C ASP D 222 -8.72 23.90 43.74
N ASP D 231 7.52 29.87 44.84
CA ASP D 231 6.56 28.77 44.84
C ASP D 231 5.86 28.53 43.47
N PRO D 232 5.42 29.58 42.75
CA PRO D 232 4.90 29.32 41.39
C PRO D 232 5.95 28.85 40.41
N THR D 233 7.24 29.05 40.70
CA THR D 233 8.29 28.70 39.73
C THR D 233 8.67 27.23 39.79
N ARG D 234 8.81 26.66 40.99
CA ARG D 234 9.21 25.27 41.18
C ARG D 234 8.23 24.56 42.08
N PHE D 235 7.68 23.44 41.59
CA PHE D 235 6.84 22.53 42.36
C PHE D 235 7.58 21.22 42.61
N GLY D 236 8.88 21.31 42.87
CA GLY D 236 9.75 20.15 42.92
C GLY D 236 10.60 19.98 41.68
N PHE D 237 10.52 20.90 40.73
CA PHE D 237 11.30 20.82 39.50
C PHE D 237 12.76 21.19 39.77
N HIS D 238 13.64 20.70 38.90
CA HIS D 238 15.03 21.14 38.88
C HIS D 238 15.14 22.48 38.17
N HIS D 239 16.23 23.20 38.44
CA HIS D 239 16.40 24.52 37.84
C HIS D 239 16.60 24.44 36.33
N SER D 240 17.18 23.34 35.84
CA SER D 240 17.28 23.12 34.40
C SER D 240 15.90 23.01 33.77
N HIS D 241 14.98 22.32 34.44
CA HIS D 241 13.61 22.22 33.94
C HIS D 241 12.93 23.58 33.94
N ALA D 242 13.18 24.42 34.95
CA ALA D 242 12.62 25.76 34.97
C ALA D 242 13.15 26.61 33.83
N GLU D 243 14.47 26.52 33.55
CA GLU D 243 15.04 27.26 32.43
C GLU D 243 14.47 26.78 31.10
N SER D 244 14.32 25.46 30.95
CA SER D 244 13.71 24.92 29.73
C SER D 244 12.27 25.38 29.58
N PHE D 245 11.53 25.42 30.68
CA PHE D 245 10.15 25.90 30.64
C PHE D 245 10.08 27.36 30.21
N SER D 246 10.99 28.19 30.73
CA SER D 246 11.04 29.58 30.30
C SER D 246 11.38 29.70 28.82
N ARG D 247 12.31 28.87 28.35
CA ARG D 247 12.67 28.91 26.92
C ARG D 247 11.50 28.52 26.03
N MET D 248 10.75 27.48 26.41
CA MET D 248 9.59 27.10 25.60
C MET D 248 8.45 28.11 25.74
N ARG D 249 8.35 28.81 26.88
CA ARG D 249 7.34 29.84 27.01
C ARG D 249 7.67 31.07 26.17
N ASN D 250 8.95 31.34 25.94
CA ASN D 250 9.33 32.48 25.12
C ASN D 250 9.04 32.25 23.64
N LEU D 251 9.02 30.99 23.20
CA LEU D 251 8.79 30.71 21.79
C LEU D 251 7.31 30.93 21.44
N PRO D 252 7.03 31.60 20.32
CA PRO D 252 5.64 31.90 19.97
C PRO D 252 4.96 30.80 19.15
N ILE D 253 5.74 29.91 18.56
CA ILE D 253 5.22 28.90 17.63
C ILE D 253 5.79 27.55 18.01
N GLY D 254 4.93 26.55 18.12
CA GLY D 254 5.37 25.20 18.39
C GLY D 254 4.30 24.43 19.15
N ILE D 255 4.56 23.14 19.33
CA ILE D 255 3.69 22.24 20.08
C ILE D 255 4.50 21.63 21.23
N ASN D 256 3.90 21.64 22.42
CA ASN D 256 4.49 21.08 23.63
C ASN D 256 3.59 19.97 24.14
N ILE D 257 4.19 18.83 24.49
CA ILE D 257 3.45 17.66 24.94
C ILE D 257 3.90 17.32 26.36
N ILE D 258 2.95 17.23 27.28
CA ILE D 258 3.21 16.80 28.65
C ILE D 258 2.78 15.35 28.76
N SER D 259 3.69 14.49 29.21
CA SER D 259 3.44 13.06 29.26
C SER D 259 3.57 12.54 30.69
N GLY D 260 2.88 11.44 30.97
CA GLY D 260 2.92 10.81 32.26
C GLY D 260 1.67 9.99 32.53
N PRO D 261 1.61 9.33 33.67
CA PRO D 261 0.42 8.57 34.04
C PRO D 261 -0.69 9.50 34.53
N THR D 262 -1.81 8.91 34.91
CA THR D 262 -2.96 9.70 35.33
C THR D 262 -2.76 10.27 36.74
N GLY D 263 -1.83 9.70 37.51
CA GLY D 263 -1.58 10.18 38.85
C GLY D 263 -0.64 11.37 38.92
N SER D 264 0.16 11.59 37.88
CA SER D 264 1.12 12.68 37.89
C SER D 264 0.43 14.03 37.74
N GLY D 265 1.15 15.08 38.12
CA GLY D 265 0.61 16.43 38.10
C GLY D 265 0.78 17.15 36.78
N LYS D 266 0.01 16.76 35.77
CA LYS D 266 0.09 17.39 34.46
C LYS D 266 -0.79 18.62 34.36
N SER D 267 -2.03 18.53 34.85
CA SER D 267 -2.95 19.66 34.78
C SER D 267 -2.46 20.83 35.62
N THR D 268 -1.94 20.55 36.82
CA THR D 268 -1.39 21.61 37.66
C THR D 268 -0.18 22.27 37.01
N THR D 269 0.68 21.46 36.38
CA THR D 269 1.84 22.01 35.68
C THR D 269 1.42 22.91 34.52
N LEU D 270 0.43 22.47 33.74
CA LEU D 270 -0.06 23.29 32.63
C LEU D 270 -0.71 24.57 33.14
N LYS D 271 -1.47 24.48 34.23
CA LYS D 271 -2.09 25.67 34.81
C LYS D 271 -1.05 26.68 35.27
N ASN D 272 -0.01 26.20 35.95
CA ASN D 272 1.04 27.10 36.43
C ASN D 272 1.82 27.70 35.26
N LEU D 273 2.10 26.89 34.23
CA LEU D 273 2.82 27.40 33.06
C LEU D 273 2.02 28.48 32.34
N LEU D 274 0.71 28.27 32.17
CA LEU D 274 -0.11 29.28 31.52
C LEU D 274 -0.30 30.52 32.37
N GLU D 275 -0.39 30.37 33.71
CA GLU D 275 -0.45 31.54 34.57
C GLU D 275 0.83 32.37 34.50
N LEU D 276 1.98 31.70 34.46
CA LEU D 276 3.24 32.43 34.29
C LEU D 276 3.32 33.08 32.92
N LEU D 277 2.87 32.38 31.88
CA LEU D 277 2.98 32.90 30.51
C LEU D 277 2.07 34.09 30.28
N TYR D 278 0.89 34.10 30.90
CA TYR D 278 -0.01 35.25 30.76
C TYR D 278 0.60 36.51 31.36
N ILE D 279 1.27 36.37 32.51
CA ILE D 279 1.95 37.52 33.12
C ILE D 279 3.16 37.93 32.30
N GLU D 280 3.89 36.95 31.76
CA GLU D 280 5.11 37.28 31.01
C GLU D 280 4.81 37.97 29.69
N LYS D 281 3.65 37.71 29.09
CA LYS D 281 3.29 38.31 27.80
C LYS D 281 2.63 39.68 27.96
N LYS D 282 2.48 40.17 29.19
CA LYS D 282 1.90 41.48 29.48
C LYS D 282 0.46 41.60 28.95
N LYS D 283 -0.26 40.47 28.95
CA LYS D 283 -1.67 40.41 28.54
C LYS D 283 -1.89 40.89 27.12
N LYS D 284 -0.90 40.70 26.24
CA LYS D 284 -1.00 41.07 24.84
C LYS D 284 -1.32 39.89 23.94
N VAL D 285 -1.65 38.73 24.51
CA VAL D 285 -1.92 37.53 23.74
C VAL D 285 -3.23 36.93 24.23
N ASN D 286 -3.85 36.14 23.35
CA ASN D 286 -5.11 35.45 23.67
C ASN D 286 -4.82 33.98 23.89
N ILE D 287 -5.31 33.46 25.01
CA ILE D 287 -5.16 32.04 25.36
C ILE D 287 -6.54 31.43 25.44
N ILE D 288 -6.71 30.27 24.79
CA ILE D 288 -7.98 29.54 24.80
C ILE D 288 -7.69 28.09 25.18
N SER D 289 -8.40 27.61 26.19
CA SER D 289 -8.25 26.24 26.68
C SER D 289 -9.53 25.45 26.45
N ILE D 290 -9.38 24.19 26.08
CA ILE D 290 -10.51 23.29 25.87
C ILE D 290 -10.36 22.12 26.84
N GLU D 291 -11.34 21.97 27.73
CA GLU D 291 -11.33 20.91 28.73
C GLU D 291 -12.74 20.39 28.90
N ASP D 292 -12.89 19.07 29.01
CA ASP D 292 -14.23 18.53 29.19
C ASP D 292 -14.67 18.80 30.64
N PRO D 293 -13.86 18.52 31.67
CA PRO D 293 -14.14 19.14 32.97
C PRO D 293 -13.35 20.44 33.12
N PRO D 294 -14.03 21.53 33.47
CA PRO D 294 -13.28 22.76 33.84
C PRO D 294 -12.81 22.71 35.29
N GLU D 295 -11.89 21.78 35.55
CA GLU D 295 -11.52 21.48 36.94
C GLU D 295 -10.61 22.56 37.54
N TYR D 296 -9.69 23.12 36.75
CA TYR D 296 -8.73 24.08 37.26
C TYR D 296 -9.01 25.45 36.64
N GLU D 297 -9.14 26.46 37.50
CA GLU D 297 -9.38 27.83 37.06
C GLU D 297 -8.05 28.51 36.79
N ILE D 298 -7.86 29.00 35.56
CA ILE D 298 -6.64 29.67 35.13
C ILE D 298 -6.99 31.08 34.70
N ASP D 299 -6.21 32.05 35.14
CA ASP D 299 -6.49 33.45 34.86
C ASP D 299 -6.21 33.77 33.39
N GLY D 300 -7.17 34.41 32.73
CA GLY D 300 -7.01 34.82 31.35
C GLY D 300 -6.87 33.69 30.36
N THR D 301 -7.67 32.64 30.49
CA THR D 301 -7.55 31.46 29.64
C THR D 301 -8.86 31.04 28.98
N ALA D 302 -10.01 31.34 29.61
CA ALA D 302 -11.35 31.15 29.01
C ALA D 302 -11.57 29.69 28.59
N GLN D 303 -11.63 28.83 29.62
CA GLN D 303 -11.83 27.41 29.40
C GLN D 303 -13.16 27.15 28.70
N LEU D 304 -13.13 26.32 27.66
CA LEU D 304 -14.33 25.99 26.90
C LEU D 304 -14.77 24.58 27.27
N PRO D 305 -15.91 24.42 27.95
CA PRO D 305 -16.36 23.08 28.34
C PRO D 305 -17.09 22.38 27.21
N ILE D 306 -17.33 21.09 27.41
CA ILE D 306 -18.14 20.27 26.52
C ILE D 306 -19.53 20.18 27.14
N THR D 307 -20.51 20.79 26.48
CA THR D 307 -21.85 20.97 27.06
C THR D 307 -22.81 19.86 26.66
N ASN D 308 -23.05 19.69 25.36
CA ASN D 308 -24.02 18.71 24.88
C ASN D 308 -23.31 17.37 24.64
N VAL D 309 -22.88 16.76 25.74
CA VAL D 309 -22.13 15.51 25.67
C VAL D 309 -23.01 14.36 25.19
N GLU D 310 -24.28 14.33 25.61
CA GLU D 310 -25.27 13.30 25.26
C GLU D 310 -24.73 11.95 25.71
N THR D 311 -24.55 10.97 24.84
CA THR D 311 -24.01 9.67 25.25
C THR D 311 -22.49 9.73 25.28
N GLU D 312 -21.88 8.64 25.76
CA GLU D 312 -20.42 8.59 25.87
C GLU D 312 -19.76 8.44 24.51
N ALA D 313 -20.43 7.81 23.54
CA ALA D 313 -19.86 7.64 22.22
C ALA D 313 -19.83 8.94 21.43
N GLN D 314 -20.70 9.89 21.76
CA GLN D 314 -20.76 11.18 21.06
C GLN D 314 -19.83 12.22 21.69
N ARG D 315 -19.11 11.87 22.74
CA ARG D 315 -18.25 12.85 23.42
C ARG D 315 -17.09 13.28 22.53
N GLY D 316 -16.53 12.35 21.75
CA GLY D 316 -15.41 12.69 20.89
C GLY D 316 -15.79 13.66 19.78
N GLU D 317 -17.00 13.50 19.22
CA GLU D 317 -17.46 14.40 18.18
C GLU D 317 -17.63 15.82 18.71
N GLU D 318 -18.19 15.96 19.91
CA GLU D 318 -18.31 17.28 20.51
C GLU D 318 -16.96 17.86 20.91
N TYR D 319 -16.01 17.01 21.30
CA TYR D 319 -14.66 17.49 21.56
C TYR D 319 -14.01 18.03 20.29
N ARG D 320 -14.18 17.32 19.17
CA ARG D 320 -13.68 17.82 17.90
C ARG D 320 -14.37 19.11 17.48
N LYS D 321 -15.68 19.20 17.74
CA LYS D 321 -16.41 20.43 17.44
C LYS D 321 -15.88 21.61 18.27
N ALA D 322 -15.59 21.37 19.54
CA ALA D 322 -15.03 22.42 20.39
C ALA D 322 -13.65 22.83 19.91
N ILE D 323 -12.83 21.87 19.48
CA ILE D 323 -11.50 22.18 18.97
C ILE D 323 -11.61 23.02 17.70
N THR D 324 -12.51 22.65 16.79
CA THR D 324 -12.67 23.42 15.55
C THR D 324 -13.24 24.80 15.83
N ALA D 325 -14.14 24.92 16.80
CA ALA D 325 -14.67 26.23 17.17
C ALA D 325 -13.60 27.11 17.78
N ALA D 326 -12.69 26.53 18.58
CA ALA D 326 -11.58 27.28 19.12
C ALA D 326 -10.61 27.71 18.02
N LEU D 327 -10.41 26.85 17.02
CA LEU D 327 -9.56 27.23 15.90
C LEU D 327 -10.20 28.30 15.02
N ARG D 328 -11.53 28.34 14.94
CA ARG D 328 -12.21 29.42 14.23
C ARG D 328 -12.19 30.74 15.00
N SER D 329 -11.80 30.71 16.27
CA SER D 329 -11.60 31.89 17.10
C SER D 329 -10.24 32.51 16.81
N ASP D 330 -9.78 33.39 17.70
CA ASP D 330 -8.38 33.80 17.68
C ASP D 330 -7.63 32.99 18.73
N PRO D 331 -7.10 31.83 18.36
CA PRO D 331 -6.57 30.91 19.37
C PRO D 331 -5.23 31.34 19.94
N ASP D 332 -4.31 31.75 19.06
CA ASP D 332 -2.90 31.97 19.42
C ASP D 332 -2.37 30.77 20.18
N ILE D 333 -2.48 30.78 21.50
CA ILE D 333 -2.06 29.67 22.35
C ILE D 333 -3.27 28.82 22.68
N ILE D 334 -3.16 27.51 22.46
CA ILE D 334 -4.25 26.56 22.67
C ILE D 334 -3.82 25.56 23.72
N MET D 335 -4.70 25.28 24.67
CA MET D 335 -4.45 24.23 25.68
C MET D 335 -5.61 23.24 25.71
N PRO D 336 -5.63 22.24 24.85
CA PRO D 336 -6.60 21.16 25.00
C PRO D 336 -6.35 20.35 26.26
N GLY D 337 -7.42 19.79 26.80
CA GLY D 337 -7.31 19.03 28.03
C GLY D 337 -6.47 17.77 27.87
N GLU D 338 -6.74 17.00 26.82
CA GLU D 338 -6.05 15.73 26.59
C GLU D 338 -6.08 15.42 25.10
N ALA D 339 -5.04 14.75 24.63
CA ALA D 339 -4.96 14.21 23.29
C ALA D 339 -5.27 12.72 23.36
N ARG D 340 -6.44 12.33 22.87
CA ARG D 340 -6.95 10.97 23.07
C ARG D 340 -6.98 10.16 21.77
N ASP D 341 -7.65 10.65 20.74
CA ASP D 341 -7.81 9.91 19.50
C ASP D 341 -6.97 10.56 18.39
N ALA D 342 -7.05 9.97 17.20
CA ALA D 342 -6.21 10.42 16.09
C ALA D 342 -6.72 11.74 15.50
N GLU D 343 -8.03 11.97 15.51
CA GLU D 343 -8.57 13.18 14.90
C GLU D 343 -8.16 14.44 15.66
N VAL D 344 -8.20 14.39 16.99
CA VAL D 344 -7.82 15.55 17.79
C VAL D 344 -6.33 15.83 17.63
N ILE D 345 -5.50 14.78 17.60
CA ILE D 345 -4.07 14.96 17.42
C ILE D 345 -3.76 15.52 16.03
N ASN D 346 -4.48 15.06 15.01
CA ASN D 346 -4.30 15.59 13.67
C ASN D 346 -4.70 17.07 13.61
N LEU D 347 -5.80 17.44 14.28
CA LEU D 347 -6.21 18.84 14.33
C LEU D 347 -5.17 19.69 15.05
N LEU D 348 -4.61 19.17 16.14
CA LEU D 348 -3.59 19.93 16.88
C LEU D 348 -2.31 20.08 16.06
N PHE D 349 -1.91 19.05 15.33
CA PHE D 349 -0.73 19.16 14.49
C PHE D 349 -0.97 20.11 13.32
N THR D 350 -2.19 20.12 12.78
CA THR D 350 -2.53 21.10 11.74
C THR D 350 -2.48 22.52 12.29
N ALA D 351 -2.97 22.72 13.52
CA ALA D 351 -2.90 24.04 14.14
C ALA D 351 -1.46 24.44 14.45
N ALA D 352 -0.59 23.46 14.74
CA ALA D 352 0.80 23.78 15.04
C ALA D 352 1.57 24.27 13.81
N MET D 353 1.24 23.73 12.63
CA MET D 353 1.87 24.19 11.40
C MET D 353 1.19 25.42 10.81
N THR D 354 0.14 25.92 11.45
CA THR D 354 -0.57 27.11 10.98
C THR D 354 -0.02 28.39 11.60
N GLY D 355 0.53 28.32 12.80
CA GLY D 355 1.01 29.50 13.50
C GLY D 355 0.42 29.67 14.87
N HIS D 356 0.06 28.56 15.51
CA HIS D 356 -0.51 28.55 16.85
C HIS D 356 0.38 27.73 17.77
N GLN D 357 0.35 28.07 19.05
CA GLN D 357 1.09 27.34 20.08
C GLN D 357 0.13 26.39 20.80
N VAL D 358 0.54 25.13 20.93
CA VAL D 358 -0.32 24.08 21.49
C VAL D 358 0.38 23.48 22.71
N TRP D 359 -0.34 23.47 23.83
CA TRP D 359 0.08 22.78 25.04
C TRP D 359 -0.93 21.67 25.30
N THR D 360 -0.45 20.43 25.38
CA THR D 360 -1.37 19.29 25.49
C THR D 360 -0.82 18.29 26.49
N SER D 361 -1.70 17.38 26.92
CA SER D 361 -1.37 16.30 27.83
C SER D 361 -1.54 14.96 27.12
N LEU D 362 -0.63 14.03 27.37
CA LEU D 362 -0.64 12.74 26.72
C LEU D 362 -0.25 11.67 27.72
N HIS D 363 -0.69 10.44 27.47
CA HIS D 363 -0.33 9.29 28.30
C HIS D 363 0.82 8.55 27.62
N ALA D 364 1.95 8.47 28.31
CA ALA D 364 3.14 7.82 27.76
C ALA D 364 4.01 7.32 28.90
N ASN D 365 4.92 6.41 28.56
CA ASN D 365 5.82 5.82 29.56
C ASN D 365 7.11 6.59 29.72
N ASN D 366 7.53 7.34 28.69
CA ASN D 366 8.81 8.01 28.71
C ASN D 366 8.70 9.31 27.93
N ALA D 367 9.66 10.20 28.17
CA ALA D 367 9.69 11.46 27.42
C ALA D 367 9.94 11.23 25.94
N LEU D 368 10.84 10.31 25.60
CA LEU D 368 11.12 9.97 24.21
C LEU D 368 10.13 8.96 23.65
N ALA D 369 9.22 8.43 24.46
CA ALA D 369 8.21 7.50 24.00
C ALA D 369 6.94 8.20 23.53
N ILE D 370 6.93 9.54 23.53
CA ILE D 370 5.80 10.29 23.00
C ILE D 370 5.66 10.04 21.51
N PHE D 371 6.79 9.95 20.80
CA PHE D 371 6.76 9.71 19.36
C PHE D 371 6.18 8.35 19.02
N ASP D 372 6.40 7.34 19.87
CA ASP D 372 5.78 6.05 19.66
C ASP D 372 4.26 6.14 19.74
N ARG D 373 3.75 6.89 20.71
CA ARG D 373 2.30 7.09 20.82
C ARG D 373 1.75 7.86 19.62
N LEU D 374 2.49 8.89 19.17
CA LEU D 374 2.02 9.67 18.03
C LEU D 374 2.03 8.85 16.75
N LYS D 375 3.03 7.99 16.57
CA LYS D 375 3.02 7.10 15.41
C LYS D 375 1.95 6.02 15.53
N ASP D 376 1.61 5.61 16.75
CA ASP D 376 0.48 4.72 16.96
C ASP D 376 -0.82 5.38 16.54
N GLN D 377 -0.98 6.66 16.88
CA GLN D 377 -2.21 7.36 16.51
C GLN D 377 -2.27 7.66 15.02
N GLY D 378 -1.13 7.87 14.37
CA GLY D 378 -1.13 8.06 12.93
C GLY D 378 -0.37 9.28 12.43
N VAL D 379 0.46 9.88 13.29
CA VAL D 379 1.23 11.05 12.89
C VAL D 379 2.35 10.61 11.96
N ASP D 380 2.51 11.33 10.84
CA ASP D 380 3.51 10.98 9.85
C ASP D 380 4.91 11.38 10.33
N GLU D 381 5.91 10.91 9.58
CA GLU D 381 7.30 11.11 9.99
C GLU D 381 7.77 12.54 9.77
N PHE D 382 7.33 13.19 8.69
CA PHE D 382 7.77 14.55 8.41
C PHE D 382 7.19 15.56 9.39
N LYS D 383 6.06 15.23 10.04
CA LYS D 383 5.55 16.09 11.10
C LYS D 383 6.45 16.04 12.33
N LEU D 384 6.98 14.85 12.64
CA LEU D 384 7.83 14.65 13.80
C LEU D 384 9.29 14.98 13.54
N THR D 385 9.69 15.16 12.28
CA THR D 385 11.09 15.45 11.97
C THR D 385 11.45 16.90 12.28
N ASP D 386 10.51 17.82 12.15
CA ASP D 386 10.79 19.25 12.30
C ASP D 386 11.12 19.59 13.75
N PRO D 387 12.30 20.17 14.03
CA PRO D 387 12.63 20.57 15.41
C PRO D 387 11.92 21.84 15.84
N GLU D 388 11.56 22.69 14.88
CA GLU D 388 10.88 23.93 15.21
C GLU D 388 9.43 23.69 15.58
N LEU D 389 8.85 22.59 15.12
CA LEU D 389 7.46 22.28 15.47
C LEU D 389 7.36 21.69 16.87
N ILE D 390 8.02 20.56 17.11
CA ILE D 390 7.97 19.88 18.40
C ILE D 390 8.93 20.63 19.32
N THR D 391 8.39 21.61 20.05
CA THR D 391 9.27 22.49 20.82
C THR D 391 9.81 21.81 22.07
N GLY D 392 8.99 21.08 22.81
CA GLY D 392 9.43 20.48 24.05
C GLY D 392 8.64 19.24 24.40
N LEU D 393 9.28 18.34 25.13
CA LEU D 393 8.65 17.11 25.61
C LEU D 393 8.92 16.98 27.10
N VAL D 394 7.87 16.74 27.89
CA VAL D 394 7.98 16.67 29.34
C VAL D 394 7.37 15.34 29.81
N ALA D 395 8.10 14.63 30.66
CA ALA D 395 7.59 13.44 31.32
C ALA D 395 7.64 13.64 32.83
N GLN D 396 6.56 13.29 33.52
CA GLN D 396 6.35 13.64 34.92
C GLN D 396 5.92 12.42 35.72
N ARG D 397 6.39 12.34 36.97
CA ARG D 397 5.91 11.39 37.96
C ARG D 397 5.81 12.10 39.30
N LEU D 398 4.97 11.57 40.19
CA LEU D 398 4.79 12.11 41.51
C LEU D 398 5.21 11.08 42.56
N VAL D 399 6.04 11.51 43.51
CA VAL D 399 6.49 10.65 44.60
C VAL D 399 6.22 11.36 45.92
N ARG D 400 6.31 10.60 47.00
CA ARG D 400 6.03 11.13 48.33
C ARG D 400 7.27 11.75 48.95
N LYS D 401 7.08 12.89 49.62
CA LYS D 401 8.17 13.65 50.22
C LYS D 401 8.32 13.26 51.68
N LEU D 402 9.54 12.92 52.09
CA LEU D 402 9.80 12.57 53.49
C LEU D 402 9.67 13.80 54.37
N CYS D 403 9.26 13.57 55.62
CA CYS D 403 9.16 14.65 56.59
C CYS D 403 10.56 15.17 56.93
N ALA D 404 10.72 16.49 56.84
CA ALA D 404 12.04 17.09 57.04
C ALA D 404 12.39 17.28 58.51
N GLN D 405 11.45 17.06 59.42
CA GLN D 405 11.73 17.28 60.84
C GLN D 405 12.22 16.01 61.53
N CYS D 406 11.54 14.88 61.29
CA CYS D 406 11.96 13.61 61.87
C CYS D 406 13.34 13.21 61.35
N SER D 407 13.42 12.90 60.05
CA SER D 407 14.65 12.69 59.30
C SER D 407 15.59 11.68 59.97
N ILE D 408 15.12 10.44 60.06
CA ILE D 408 15.95 9.37 60.60
C ILE D 408 16.92 8.90 59.53
N THR D 409 18.08 8.40 59.96
CA THR D 409 19.15 8.01 59.06
C THR D 409 19.04 6.53 58.73
N LEU D 410 20.05 6.01 58.01
CA LEU D 410 20.05 4.60 57.65
C LEU D 410 20.29 3.72 58.87
N THR D 411 21.18 4.15 59.78
CA THR D 411 21.47 3.37 60.98
C THR D 411 20.25 3.27 61.88
N GLU D 412 19.52 4.38 62.05
CA GLU D 412 18.31 4.36 62.86
C GLU D 412 17.24 3.47 62.24
N TYR D 413 17.11 3.50 60.91
CA TYR D 413 16.16 2.65 60.21
C TYR D 413 16.52 1.17 60.36
N ILE D 414 17.81 0.86 60.30
CA ILE D 414 18.25 -0.52 60.47
C ILE D 414 18.00 -0.99 61.90
N ALA D 415 18.31 -0.15 62.89
CA ALA D 415 18.11 -0.52 64.28
C ALA D 415 16.63 -0.65 64.63
N SER D 416 15.77 0.17 64.01
CA SER D 416 14.34 0.09 64.27
C SER D 416 13.75 -1.21 63.74
N GLY D 417 14.16 -1.61 62.55
CA GLY D 417 13.67 -2.82 61.94
C GLY D 417 13.66 -2.71 60.43
N GLY D 418 13.74 -3.85 59.77
CA GLY D 418 13.76 -3.90 58.32
C GLY D 418 15.16 -3.73 57.75
N GLY D 419 15.26 -4.02 56.46
CA GLY D 419 16.54 -3.91 55.77
C GLY D 419 16.34 -3.65 54.30
N ILE D 420 17.32 -2.99 53.70
CA ILE D 420 17.26 -2.68 52.27
C ILE D 420 17.79 -3.87 51.47
N SER D 421 17.41 -3.92 50.19
CA SER D 421 17.80 -4.99 49.31
C SER D 421 19.20 -4.72 48.75
N ASP D 422 19.63 -5.55 47.78
CA ASP D 422 20.95 -5.37 47.20
C ASP D 422 20.99 -4.17 46.26
N THR D 423 19.94 -3.98 45.45
CA THR D 423 19.89 -2.85 44.55
C THR D 423 19.78 -1.53 45.31
N ASP D 424 18.98 -1.51 46.39
CA ASP D 424 18.88 -0.33 47.22
C ASP D 424 20.23 0.00 47.88
N ARG D 425 20.94 -1.03 48.34
CA ARG D 425 22.27 -0.81 48.91
C ARG D 425 23.24 -0.28 47.86
N LYS D 426 23.15 -0.80 46.62
CA LYS D 426 24.00 -0.31 45.54
C LYS D 426 23.71 1.16 45.23
N ILE D 427 22.44 1.55 45.25
CA ILE D 427 22.09 2.95 45.04
C ILE D 427 22.62 3.82 46.19
N ILE D 428 22.47 3.34 47.43
CA ILE D 428 22.84 4.12 48.60
C ILE D 428 24.36 4.28 48.69
N SER D 429 25.13 3.27 48.27
CA SER D 429 26.57 3.14 48.46
C SER D 429 27.40 4.40 48.19
N GLY D 430 26.95 5.24 47.27
CA GLY D 430 27.66 6.48 47.01
C GLY D 430 27.64 7.44 48.19
N HIS D 431 26.46 7.62 48.80
CA HIS D 431 26.29 8.53 49.92
C HIS D 431 25.46 7.81 50.98
N GLU D 432 26.11 7.42 52.08
CA GLU D 432 25.44 6.64 53.11
C GLU D 432 24.64 7.52 54.06
N THR D 433 25.29 8.54 54.64
CA THR D 433 24.65 9.36 55.66
C THR D 433 23.71 10.41 55.10
N SER D 434 23.80 10.69 53.79
CA SER D 434 22.98 11.76 53.22
C SER D 434 21.52 11.33 53.06
N VAL D 435 21.27 10.04 52.87
CA VAL D 435 19.91 9.55 52.63
C VAL D 435 19.14 9.53 53.94
N ARG D 436 17.82 9.64 53.83
CA ARG D 436 16.92 9.61 54.97
C ARG D 436 15.81 8.59 54.74
N PHE D 437 15.20 8.16 55.83
CA PHE D 437 14.18 7.12 55.81
C PHE D 437 12.95 7.56 56.59
N PRO D 438 11.77 7.05 56.24
CA PRO D 438 10.55 7.46 56.95
C PRO D 438 10.54 7.03 58.41
N ASN D 439 9.84 7.81 59.22
CA ASN D 439 9.73 7.56 60.66
C ASN D 439 8.29 7.22 61.01
N PRO D 440 7.96 5.94 61.24
CA PRO D 440 6.59 5.56 61.61
C PRO D 440 6.35 5.63 63.12
N ARG D 441 6.62 6.80 63.71
CA ARG D 441 6.46 7.01 65.14
C ARG D 441 5.15 7.70 65.49
N ALA D 442 4.31 8.02 64.50
CA ALA D 442 3.03 8.70 64.68
C ALA D 442 3.20 10.03 65.43
N LYS D 443 4.14 10.83 64.97
CA LYS D 443 4.42 12.11 65.60
C LYS D 443 3.32 13.12 65.28
N LYS D 444 3.35 14.25 66.00
CA LYS D 444 2.34 15.29 65.82
C LYS D 444 2.59 16.11 64.55
N CYS D 445 3.84 16.19 64.10
CA CYS D 445 4.15 17.02 62.94
C CYS D 445 3.63 16.41 61.64
N CYS D 446 3.82 15.09 61.48
CA CYS D 446 3.40 14.39 60.27
C CYS D 446 2.41 13.29 60.64
N ARG D 447 1.31 13.20 59.89
CA ARG D 447 0.31 12.17 60.16
C ARG D 447 0.86 10.77 59.87
N ASP D 448 1.59 10.62 58.76
CA ASP D 448 2.16 9.35 58.38
C ASP D 448 3.64 9.41 58.03
N GLY D 449 4.25 10.59 58.05
CA GLY D 449 5.64 10.75 57.68
C GLY D 449 5.90 11.01 56.21
N TYR D 450 4.85 11.06 55.39
CA TYR D 450 5.00 11.23 53.95
C TYR D 450 4.55 12.60 53.45
N ASN D 451 4.11 13.49 54.34
CA ASN D 451 3.87 14.91 54.05
C ASN D 451 3.00 15.14 52.80
N GLY D 452 3.59 15.75 51.78
CA GLY D 452 2.92 15.97 50.52
C GLY D 452 3.49 15.14 49.40
N ARG D 453 3.72 15.75 48.24
CA ARG D 453 4.26 15.03 47.10
C ARG D 453 5.12 15.97 46.27
N THR D 454 6.12 15.39 45.59
CA THR D 454 7.04 16.12 44.73
C THR D 454 7.03 15.51 43.33
N ILE D 455 7.42 16.34 42.37
CA ILE D 455 7.45 15.97 40.95
C ILE D 455 8.87 15.59 40.57
N LEU D 456 9.03 14.42 39.98
CA LEU D 456 10.26 14.03 39.30
C LEU D 456 9.97 14.05 37.80
N ALA D 457 10.72 14.85 37.05
CA ALA D 457 10.39 15.10 35.67
C ALA D 457 11.64 15.14 34.80
N GLU D 458 11.44 14.96 33.50
CA GLU D 458 12.46 15.16 32.50
C GLU D 458 11.90 16.03 31.39
N VAL D 459 12.68 17.04 30.98
CA VAL D 459 12.29 17.98 29.95
C VAL D 459 13.32 17.92 28.83
N ILE D 460 12.86 17.72 27.60
CA ILE D 460 13.72 17.61 26.42
C ILE D 460 13.33 18.72 25.45
N GLU D 461 14.33 19.45 24.96
CA GLU D 461 14.15 20.41 23.88
C GLU D 461 14.82 19.85 22.63
N PRO D 462 14.07 19.28 21.69
CA PRO D 462 14.68 18.54 20.59
C PRO D 462 15.43 19.43 19.62
N ASP D 463 16.43 18.83 18.98
CA ASP D 463 17.18 19.43 17.89
C ASP D 463 16.92 18.62 16.62
N SER D 464 17.62 18.99 15.54
CA SER D 464 17.46 18.26 14.29
C SER D 464 18.08 16.87 14.36
N LYS D 465 19.27 16.76 14.95
CA LYS D 465 19.97 15.48 15.00
C LYS D 465 19.23 14.48 15.90
N LEU D 466 18.72 14.96 17.04
CA LEU D 466 18.00 14.07 17.95
C LEU D 466 16.72 13.53 17.31
N LEU D 467 15.97 14.39 16.62
CA LEU D 467 14.77 13.94 15.94
C LEU D 467 15.09 13.03 14.76
N ARG D 468 16.20 13.27 14.07
CA ARG D 468 16.62 12.38 12.99
C ARG D 468 16.99 11.00 13.55
N LEU D 469 17.67 10.97 14.70
CA LEU D 469 18.02 9.69 15.31
C LEU D 469 16.79 8.96 15.82
N VAL D 470 15.82 9.70 16.36
CA VAL D 470 14.58 9.07 16.84
C VAL D 470 13.79 8.50 15.67
N ALA D 471 13.68 9.25 14.57
CA ALA D 471 12.91 8.81 13.42
C ALA D 471 13.51 7.59 12.73
N GLU D 472 14.81 7.38 12.85
CA GLU D 472 15.48 6.24 12.23
C GLU D 472 15.42 4.97 13.07
N GLY D 473 14.83 5.03 14.26
CA GLY D 473 14.71 3.88 15.12
C GLY D 473 15.91 3.60 16.01
N LYS D 474 16.91 4.49 16.01
CA LYS D 474 18.09 4.32 16.85
C LYS D 474 17.77 4.89 18.24
N ARG D 475 17.16 4.04 19.08
CA ARG D 475 16.76 4.49 20.41
C ARG D 475 17.97 4.74 21.31
N GLU D 476 18.92 3.80 21.31
CA GLU D 476 20.10 3.93 22.16
C GLU D 476 20.97 5.10 21.72
N ASP D 477 21.14 5.28 20.41
CA ASP D 477 21.92 6.41 19.91
C ASP D 477 21.26 7.74 20.23
N ALA D 478 19.94 7.81 20.10
CA ALA D 478 19.23 9.04 20.44
C ALA D 478 19.33 9.34 21.93
N GLN D 479 19.21 8.32 22.77
CA GLN D 479 19.35 8.52 24.22
C GLN D 479 20.75 8.99 24.58
N HIS D 480 21.78 8.39 23.95
CA HIS D 480 23.15 8.83 24.21
C HIS D 480 23.38 10.26 23.75
N TYR D 481 22.84 10.63 22.59
CA TYR D 481 22.97 11.99 22.09
C TYR D 481 22.28 12.99 23.01
N TRP D 482 21.10 12.63 23.51
CA TRP D 482 20.38 13.52 24.42
C TRP D 482 21.12 13.66 25.76
N LEU D 483 21.63 12.56 26.30
CA LEU D 483 22.25 12.61 27.61
C LEU D 483 23.64 13.21 27.60
N THR D 484 24.38 13.09 26.49
CA THR D 484 25.75 13.59 26.43
C THR D 484 25.85 14.94 25.74
N SER D 485 25.38 15.04 24.50
CA SER D 485 25.54 16.27 23.72
C SER D 485 24.60 17.37 24.20
N LEU D 486 23.36 17.03 24.54
CA LEU D 486 22.36 18.01 24.94
C LEU D 486 22.32 18.25 26.45
N HIS D 487 23.18 17.56 27.21
CA HIS D 487 23.25 17.70 28.67
C HIS D 487 21.91 17.42 29.34
N GLY D 488 21.23 16.37 28.87
CA GLY D 488 19.93 16.04 29.41
C GLY D 488 20.01 15.28 30.72
N MET D 489 18.84 15.08 31.32
CA MET D 489 18.71 14.34 32.58
C MET D 489 17.40 13.56 32.55
N ALA D 490 17.50 12.26 32.83
CA ALA D 490 16.34 11.38 32.76
C ALA D 490 15.61 11.36 34.11
N LEU D 491 14.53 10.56 34.16
CA LEU D 491 13.78 10.40 35.41
C LEU D 491 14.62 9.72 36.48
N LYS D 492 15.39 8.71 36.08
CA LYS D 492 16.19 7.96 37.06
C LYS D 492 17.28 8.83 37.69
N GLU D 493 17.88 9.73 36.92
CA GLU D 493 18.93 10.58 37.47
C GLU D 493 18.36 11.61 38.44
N HIS D 494 17.20 12.19 38.11
CA HIS D 494 16.54 13.11 39.03
C HIS D 494 16.10 12.40 40.30
N ALA D 495 15.60 11.17 40.17
CA ALA D 495 15.22 10.38 41.35
C ALA D 495 16.43 10.07 42.22
N TRP D 496 17.57 9.73 41.59
CA TRP D 496 18.78 9.48 42.35
C TRP D 496 19.27 10.72 43.06
N LEU D 497 19.19 11.88 42.40
CA LEU D 497 19.59 13.13 43.03
C LEU D 497 18.69 13.48 44.20
N LYS D 498 17.39 13.24 44.08
CA LYS D 498 16.49 13.50 45.20
C LYS D 498 16.69 12.50 46.34
N ILE D 499 17.08 11.26 46.01
CA ILE D 499 17.43 10.28 47.04
C ILE D 499 18.66 10.75 47.81
N ILE D 500 19.68 11.20 47.08
CA ILE D 500 20.92 11.66 47.72
C ILE D 500 20.68 12.91 48.55
N SER D 501 19.86 13.83 48.05
CA SER D 501 19.53 15.03 48.81
C SER D 501 18.73 14.71 50.08
N GLY D 502 17.99 13.61 50.07
CA GLY D 502 17.23 13.21 51.23
C GLY D 502 15.77 13.62 51.23
N GLU D 503 15.26 14.13 50.11
CA GLU D 503 13.87 14.55 50.06
C GLU D 503 12.92 13.35 50.03
N ILE D 504 13.26 12.32 49.26
CA ILE D 504 12.41 11.16 49.09
C ILE D 504 13.18 9.91 49.47
N CYS D 505 12.44 8.83 49.70
CA CYS D 505 13.02 7.56 50.07
C CYS D 505 13.39 6.75 48.83
N VAL D 506 14.35 5.84 49.00
CA VAL D 506 14.79 5.01 47.87
C VAL D 506 13.71 4.02 47.47
N MET D 507 12.94 3.51 48.43
CA MET D 507 11.93 2.49 48.13
C MET D 507 10.81 3.05 47.27
N ASP D 508 10.32 4.25 47.58
CA ASP D 508 9.28 4.87 46.77
C ASP D 508 9.78 5.17 45.36
N ALA D 509 11.03 5.61 45.24
CA ALA D 509 11.60 5.92 43.93
C ALA D 509 11.75 4.66 43.08
N VAL D 510 12.23 3.56 43.67
CA VAL D 510 12.40 2.34 42.90
C VAL D 510 11.05 1.67 42.63
N ASN D 511 10.02 1.97 43.43
CA ASN D 511 8.68 1.49 43.08
C ASN D 511 8.11 2.29 41.92
N LYS D 512 8.34 3.61 41.90
CA LYS D 512 7.77 4.44 40.85
C LYS D 512 8.57 4.38 39.56
N ILE D 513 9.90 4.48 39.65
CA ILE D 513 10.77 4.51 38.48
C ILE D 513 11.76 3.36 38.57
N SER D 514 11.92 2.63 37.47
CA SER D 514 12.86 1.53 37.37
C SER D 514 14.13 1.96 36.66
N GLY D 515 15.23 1.31 36.98
CA GLY D 515 16.51 1.60 36.37
C GLY D 515 17.38 2.58 37.11
N ILE D 516 17.08 2.88 38.37
CA ILE D 516 17.91 3.80 39.14
C ILE D 516 19.28 3.20 39.41
N ASP D 517 19.33 1.90 39.65
CA ASP D 517 20.60 1.23 39.95
C ASP D 517 21.48 1.04 38.71
N ASN D 518 20.96 1.31 37.52
CA ASN D 518 21.72 1.14 36.28
C ASN D 518 22.62 2.32 35.96
N ILE D 519 22.57 3.39 36.76
CA ILE D 519 23.42 4.56 36.50
C ILE D 519 24.86 4.23 36.85
N THR D 520 25.77 4.55 35.93
CA THR D 520 27.19 4.28 36.16
C THR D 520 27.76 5.22 37.21
N GLU D 521 28.92 4.83 37.75
CA GLU D 521 29.56 5.65 38.78
C GLU D 521 30.08 6.96 38.23
N GLU D 522 30.56 6.95 36.98
CA GLU D 522 31.04 8.18 36.35
C GLU D 522 29.90 9.17 36.15
N ARG D 523 28.73 8.68 35.73
CA ARG D 523 27.57 9.55 35.58
C ARG D 523 27.12 10.12 36.91
N LYS D 524 27.15 9.30 37.97
CA LYS D 524 26.79 9.77 39.30
C LYS D 524 27.74 10.86 39.78
N LYS D 525 29.04 10.66 39.56
CA LYS D 525 30.02 11.66 39.95
C LYS D 525 29.85 12.95 39.14
N TYR D 526 29.56 12.82 37.85
CA TYR D 526 29.36 13.98 37.00
C TYR D 526 28.14 14.78 37.48
N LEU D 527 27.03 14.09 37.78
CA LEU D 527 25.84 14.78 38.25
C LEU D 527 26.08 15.45 39.60
N PHE D 528 26.76 14.76 40.52
CA PHE D 528 27.04 15.35 41.83
C PHE D 528 27.93 16.58 41.71
N SER D 529 28.96 16.50 40.87
CA SER D 529 29.85 17.65 40.68
C SER D 529 29.13 18.80 40.01
N ARG D 530 28.24 18.50 39.05
CA ARG D 530 27.50 19.55 38.37
C ARG D 530 26.54 20.25 39.32
N ASP D 531 25.89 19.50 40.21
CA ASP D 531 24.98 20.14 41.17
C ASP D 531 25.73 20.86 42.27
N ASN D 532 26.91 20.39 42.66
CA ASN D 532 27.68 21.07 43.70
C ASN D 532 28.36 22.33 43.17
N GLU D 533 28.76 22.33 41.89
CA GLU D 533 29.42 23.51 41.33
C GLU D 533 28.44 24.68 41.21
N ILE D 534 27.22 24.41 40.75
CA ILE D 534 26.22 25.46 40.58
C ILE D 534 25.50 25.73 41.90
N VAL E 107 -30.36 45.61 22.98
CA VAL E 107 -30.12 47.02 22.70
C VAL E 107 -29.32 47.18 21.41
N GLU E 108 -29.99 47.61 20.34
CA GLU E 108 -29.32 47.78 19.07
C GLU E 108 -28.42 49.01 19.06
N LYS E 109 -28.76 50.03 19.83
CA LYS E 109 -27.97 51.26 19.86
C LYS E 109 -26.57 51.00 20.41
N ARG E 110 -26.46 50.22 21.48
CA ARG E 110 -25.14 49.89 22.04
C ARG E 110 -24.28 49.14 21.04
N ALA E 111 -24.89 48.20 20.30
CA ALA E 111 -24.18 47.49 19.24
C ALA E 111 -23.74 48.44 18.14
N SER E 112 -24.59 49.41 17.81
CA SER E 112 -24.24 50.37 16.75
C SER E 112 -23.04 51.23 17.15
N MET E 113 -23.04 51.74 18.39
CA MET E 113 -21.87 52.51 18.84
C MET E 113 -20.63 51.63 18.97
N LEU E 114 -20.78 50.37 19.41
CA LEU E 114 -19.63 49.48 19.50
C LEU E 114 -19.01 49.23 18.12
N LEU E 115 -19.85 48.96 17.12
CA LEU E 115 -19.34 48.75 15.77
C LEU E 115 -18.78 50.03 15.16
N PHE E 116 -19.37 51.18 15.49
CA PHE E 116 -18.81 52.45 15.04
C PHE E 116 -17.43 52.68 15.62
N GLU E 117 -17.23 52.40 16.91
CA GLU E 117 -15.90 52.53 17.51
C GLU E 117 -14.92 51.55 16.89
N CYS E 118 -15.35 50.30 16.65
CA CYS E 118 -14.46 49.31 16.05
C CYS E 118 -14.06 49.72 14.64
N ALA E 119 -14.98 50.30 13.87
CA ALA E 119 -14.64 50.77 12.53
C ALA E 119 -13.74 52.00 12.59
N GLU E 120 -13.98 52.90 13.55
CA GLU E 120 -13.20 54.12 13.63
C GLU E 120 -11.75 53.85 14.03
N MET E 121 -11.54 53.00 15.02
CA MET E 121 -10.17 52.65 15.41
C MET E 121 -9.56 51.56 14.54
N ARG E 122 -10.36 50.96 13.65
CA ARG E 122 -9.90 49.95 12.69
C ARG E 122 -9.22 48.77 13.38
N VAL E 123 -9.87 48.25 14.42
CA VAL E 123 -9.40 47.04 15.06
C VAL E 123 -9.68 45.84 14.15
N SER E 124 -8.92 44.77 14.35
CA SER E 124 -9.10 43.59 13.51
C SER E 124 -10.25 42.73 14.00
N ASP E 125 -10.12 42.15 15.20
CA ASP E 125 -11.16 41.35 15.81
C ASP E 125 -11.55 41.94 17.17
N LEU E 126 -12.79 41.64 17.56
CA LEU E 126 -13.37 42.15 18.80
C LEU E 126 -13.82 40.96 19.65
N HIS E 127 -13.33 40.89 20.88
CA HIS E 127 -13.65 39.82 21.81
C HIS E 127 -14.50 40.37 22.95
N ILE E 128 -15.55 39.66 23.31
CA ILE E 128 -16.38 39.99 24.46
C ILE E 128 -16.49 38.74 25.33
N LYS E 129 -16.01 38.82 26.56
CA LYS E 129 -16.08 37.72 27.51
C LYS E 129 -17.06 38.11 28.63
N VAL E 130 -18.13 37.35 28.77
CA VAL E 130 -19.19 37.65 29.72
C VAL E 130 -19.10 36.63 30.85
N TYR E 131 -18.79 37.11 32.05
CA TYR E 131 -18.72 36.31 33.26
C TYR E 131 -20.03 36.44 34.03
N ASP E 132 -20.06 35.88 35.24
CA ASP E 132 -21.25 35.96 36.08
C ASP E 132 -21.46 37.37 36.62
N ALA E 133 -20.39 38.12 36.87
CA ALA E 133 -20.49 39.43 37.49
C ALA E 133 -20.26 40.56 36.49
N GLU E 134 -19.14 40.56 35.78
CA GLU E 134 -18.81 41.63 34.85
C GLU E 134 -18.26 41.04 33.56
N ALA E 135 -18.42 41.79 32.48
CA ALA E 135 -17.97 41.38 31.16
C ALA E 135 -16.86 42.31 30.68
N ASP E 136 -15.89 41.73 29.99
CA ASP E 136 -14.72 42.45 29.49
C ASP E 136 -14.76 42.51 27.96
N ILE E 137 -14.32 43.65 27.42
CA ILE E 137 -14.26 43.87 25.98
C ILE E 137 -12.80 44.07 25.58
N TYR E 138 -12.33 43.27 24.64
CA TYR E 138 -10.97 43.33 24.13
C TYR E 138 -10.99 43.58 22.63
N ILE E 139 -9.95 44.25 22.15
CA ILE E 139 -9.79 44.54 20.73
C ILE E 139 -8.39 44.12 20.30
N ARG E 140 -8.30 43.52 19.12
CA ARG E 140 -7.01 43.12 18.56
C ARG E 140 -6.61 44.18 17.53
N LYS E 141 -5.89 45.20 17.99
CA LYS E 141 -5.44 46.29 17.15
C LYS E 141 -3.94 46.14 16.92
N ASP E 142 -3.54 46.06 15.66
CA ASP E 142 -2.14 45.88 15.25
C ASP E 142 -1.52 44.64 15.90
N GLY E 143 -2.29 43.58 15.98
CA GLY E 143 -1.82 42.32 16.55
C GLY E 143 -1.96 42.19 18.05
N ASP E 144 -1.52 43.20 18.79
CA ASP E 144 -1.60 43.16 20.25
C ASP E 144 -3.04 43.36 20.71
N MET E 145 -3.40 42.70 21.80
CA MET E 145 -4.73 42.79 22.37
C MET E 145 -4.75 43.83 23.49
N GLU E 146 -5.77 44.68 23.49
CA GLU E 146 -5.92 45.73 24.49
C GLU E 146 -7.30 45.64 25.12
N LEU E 147 -7.39 46.09 26.36
CA LEU E 147 -8.64 46.08 27.10
C LEU E 147 -9.42 47.35 26.78
N LEU E 148 -10.61 47.19 26.19
CA LEU E 148 -11.43 48.34 25.81
C LEU E 148 -12.25 48.84 27.00
N ARG E 149 -13.14 47.99 27.52
CA ARG E 149 -14.09 48.42 28.55
C ARG E 149 -14.49 47.22 29.40
N GLN E 150 -15.09 47.53 30.55
CA GLN E 150 -15.67 46.53 31.43
C GLN E 150 -17.08 46.97 31.79
N ILE E 151 -18.07 46.12 31.49
CA ILE E 151 -19.47 46.47 31.65
C ILE E 151 -20.16 45.36 32.45
N GLU E 152 -21.47 45.52 32.63
CA GLU E 152 -22.25 44.52 33.35
C GLU E 152 -22.59 43.36 32.42
N SER E 153 -23.03 42.24 33.04
CA SER E 153 -23.26 41.02 32.28
C SER E 153 -24.55 41.08 31.48
N ASN E 154 -25.60 41.70 32.04
CA ASN E 154 -26.90 41.72 31.36
C ASN E 154 -26.85 42.53 30.08
N THR E 155 -26.20 43.70 30.11
CA THR E 155 -26.08 44.52 28.92
C THR E 155 -25.29 43.80 27.83
N ALA E 156 -24.18 43.15 28.23
CA ALA E 156 -23.36 42.42 27.25
C ALA E 156 -24.13 41.24 26.66
N HIS E 157 -24.94 40.56 27.47
CA HIS E 157 -25.80 39.51 26.95
C HIS E 157 -26.80 40.06 25.95
N SER E 158 -27.34 41.26 26.23
CA SER E 158 -28.26 41.89 25.30
C SER E 158 -27.59 42.22 23.97
N ILE E 159 -26.36 42.74 24.01
CA ILE E 159 -25.64 43.03 22.77
C ILE E 159 -25.33 41.75 22.00
N LEU E 160 -24.94 40.69 22.70
CA LEU E 160 -24.68 39.42 22.02
C LEU E 160 -25.93 38.85 21.38
N ALA E 161 -27.07 38.92 22.07
CA ALA E 161 -28.32 38.45 21.49
C ALA E 161 -28.72 39.29 20.28
N SER E 162 -28.53 40.61 20.35
CA SER E 162 -28.86 41.47 19.22
C SER E 162 -27.95 41.20 18.03
N LEU E 163 -26.67 40.93 18.29
CA LEU E 163 -25.76 40.59 17.20
C LEU E 163 -26.11 39.26 16.55
N TYR E 164 -26.52 38.28 17.35
CA TYR E 164 -26.87 36.98 16.76
C TYR E 164 -28.19 37.05 15.99
N ASN E 165 -29.16 37.81 16.51
CA ASN E 165 -30.48 37.84 15.87
C ASN E 165 -30.45 38.60 14.54
N ASN E 166 -29.57 39.58 14.40
CA ASN E 166 -29.52 40.40 13.19
C ASN E 166 -28.70 39.76 12.08
N ALA E 167 -28.08 38.61 12.32
CA ALA E 167 -27.26 37.96 11.30
C ALA E 167 -28.15 37.26 10.27
N ASP E 168 -27.50 36.67 9.27
CA ASP E 168 -28.19 35.94 8.22
C ASP E 168 -28.52 34.50 8.62
N ASP E 169 -28.20 34.09 9.84
CA ASP E 169 -28.41 32.73 10.32
C ASP E 169 -29.68 32.61 11.16
N SER E 170 -30.75 33.30 10.75
CA SER E 170 -32.02 33.22 11.46
C SER E 170 -32.55 31.79 11.45
N ASP E 171 -33.31 31.47 12.52
CA ASP E 171 -33.64 30.16 13.10
C ASP E 171 -32.46 29.68 13.93
N ALA E 172 -32.62 28.58 14.66
CA ALA E 172 -31.65 28.10 15.64
C ALA E 172 -31.29 29.21 16.63
N THR E 173 -32.31 29.58 17.41
CA THR E 173 -32.30 30.80 18.21
C THR E 173 -31.14 30.82 19.20
N TYR E 174 -30.85 32.02 19.70
CA TYR E 174 -29.72 32.26 20.60
C TYR E 174 -29.95 31.52 21.91
N LYS E 175 -29.10 30.53 22.17
CA LYS E 175 -29.18 29.76 23.41
C LYS E 175 -27.78 29.68 24.03
N ILE E 176 -27.76 29.67 25.36
CA ILE E 176 -26.52 29.58 26.12
C ILE E 176 -26.00 28.15 25.99
N ASN E 177 -24.76 27.92 26.42
CA ASN E 177 -23.98 26.67 26.29
C ASN E 177 -24.17 25.99 24.93
N ALA E 178 -23.97 26.76 23.86
CA ALA E 178 -24.00 26.22 22.50
C ALA E 178 -22.96 26.97 21.64
N TYR E 179 -22.29 26.23 20.77
CA TYR E 179 -21.32 26.80 19.84
C TYR E 179 -22.06 27.20 18.57
N GLN E 180 -22.09 28.49 18.28
CA GLN E 180 -22.89 29.01 17.17
C GLN E 180 -22.05 29.90 16.26
N ALA E 181 -22.14 29.66 14.95
CA ALA E 181 -21.45 30.49 13.97
C ALA E 181 -22.47 31.29 13.17
N ALA E 182 -22.10 32.51 12.82
CA ALA E 182 -23.00 33.38 12.07
C ALA E 182 -22.17 34.39 11.27
N ARG E 183 -22.86 35.09 10.37
CA ARG E 183 -22.21 36.10 9.55
C ARG E 183 -23.18 37.26 9.32
N ILE E 184 -22.65 38.47 9.38
CA ILE E 184 -23.42 39.69 9.14
C ILE E 184 -22.84 40.36 7.89
N VAL E 185 -23.71 40.64 6.91
CA VAL E 185 -23.31 41.27 5.67
C VAL E 185 -23.82 42.70 5.68
N ALA E 186 -22.96 43.65 5.31
CA ALA E 186 -23.33 45.06 5.32
C ALA E 186 -24.36 45.34 4.22
N SER E 187 -25.35 46.17 4.57
CA SER E 187 -26.43 46.62 3.69
C SER E 187 -27.26 45.47 3.12
N LYS E 188 -27.18 44.28 3.73
CA LYS E 188 -27.95 43.13 3.26
C LYS E 188 -28.64 42.46 4.44
N SER E 189 -28.05 42.60 5.63
CA SER E 189 -28.54 41.93 6.84
C SER E 189 -29.28 42.97 7.69
N ARG E 190 -30.55 43.17 7.37
CA ARG E 190 -31.48 44.02 8.14
C ARG E 190 -30.92 45.44 8.20
N LEU E 191 -30.56 45.96 9.36
CA LEU E 191 -30.11 47.35 9.48
C LEU E 191 -28.73 47.50 8.84
N ALA E 192 -28.43 48.75 8.47
CA ALA E 192 -27.22 49.08 7.73
C ALA E 192 -25.98 49.01 8.63
N LEU E 193 -24.82 49.03 7.99
CA LEU E 193 -23.52 48.96 8.63
C LEU E 193 -22.65 50.08 8.10
N PRO E 194 -21.57 50.40 8.81
CA PRO E 194 -20.59 51.39 8.29
C PRO E 194 -20.05 50.95 6.94
N PRO E 195 -19.82 51.91 6.02
CA PRO E 195 -19.39 51.54 4.67
C PRO E 195 -18.00 50.90 4.61
N VAL E 196 -17.16 51.10 5.63
CA VAL E 196 -15.83 50.51 5.61
C VAL E 196 -15.86 49.01 5.87
N ILE E 197 -16.94 48.50 6.47
CA ILE E 197 -17.04 47.09 6.84
C ILE E 197 -17.91 46.38 5.80
N GLN E 198 -17.44 45.23 5.33
CA GLN E 198 -18.21 44.41 4.40
C GLN E 198 -18.94 43.28 5.13
N ALA E 199 -18.19 42.42 5.84
CA ALA E 199 -18.75 41.26 6.51
C ALA E 199 -18.12 41.12 7.88
N VAL E 200 -18.93 40.63 8.82
CA VAL E 200 -18.50 40.38 10.20
C VAL E 200 -18.81 38.92 10.50
N ARG E 201 -17.78 38.13 10.80
CA ARG E 201 -17.98 36.73 11.15
C ARG E 201 -18.06 36.59 12.66
N LEU E 202 -19.16 36.01 13.15
CA LEU E 202 -19.45 35.91 14.57
C LEU E 202 -19.34 34.47 15.03
N GLN E 203 -18.66 34.26 16.15
CA GLN E 203 -18.54 32.95 16.77
C GLN E 203 -18.91 33.07 18.24
N PHE E 204 -19.81 32.20 18.69
CA PHE E 204 -20.32 32.20 20.05
C PHE E 204 -19.94 30.88 20.71
N ASN E 205 -19.20 30.96 21.82
CA ASN E 205 -18.74 29.80 22.58
C ASN E 205 -19.26 29.89 24.01
N PRO E 206 -19.59 28.76 24.62
CA PRO E 206 -19.89 28.77 26.05
C PRO E 206 -18.66 29.07 26.89
N LEU E 207 -18.89 29.64 28.07
CA LEU E 207 -17.81 30.01 28.97
C LEU E 207 -18.30 29.86 30.40
N GLY E 208 -17.92 28.75 31.05
CA GLY E 208 -18.32 28.53 32.43
C GLY E 208 -19.82 28.33 32.56
N GLN E 209 -20.35 28.78 33.70
CA GLN E 209 -21.78 28.74 33.96
C GLN E 209 -22.31 30.17 33.96
N GLY E 210 -23.31 30.43 33.12
CA GLY E 210 -23.84 31.78 32.99
C GLY E 210 -22.88 32.78 32.39
N GLY E 211 -22.09 32.36 31.39
CA GLY E 211 -21.17 33.25 30.73
C GLY E 211 -21.10 32.92 29.25
N ARG E 212 -20.58 33.89 28.48
CA ARG E 212 -20.54 33.75 27.03
C ARG E 212 -19.21 34.28 26.52
N TYR E 213 -18.94 34.01 25.24
CA TYR E 213 -17.68 34.40 24.62
C TYR E 213 -17.94 34.65 23.14
N LEU E 214 -17.91 35.92 22.75
CA LEU E 214 -18.17 36.34 21.36
C LEU E 214 -16.89 36.85 20.74
N ILE E 215 -16.62 36.45 19.51
CA ILE E 215 -15.49 36.95 18.74
C ILE E 215 -16.00 37.35 17.36
N ALA E 216 -15.82 38.63 17.02
CA ALA E 216 -16.22 39.18 15.73
C ALA E 216 -14.98 39.52 14.92
N ARG E 217 -14.90 39.00 13.71
CA ARG E 217 -13.78 39.24 12.80
C ARG E 217 -14.27 40.15 11.67
N PHE E 218 -13.85 41.41 11.70
CA PHE E 218 -14.29 42.38 10.72
C PHE E 218 -13.54 42.21 9.40
N LEU E 219 -14.21 42.54 8.31
CA LEU E 219 -13.61 42.57 6.98
C LEU E 219 -13.76 43.98 6.43
N TYR E 220 -12.68 44.54 5.91
CA TYR E 220 -12.63 45.95 5.54
C TYR E 220 -12.47 46.10 4.03
N THR E 221 -13.06 47.18 3.50
CA THR E 221 -12.94 47.48 2.08
C THR E 221 -11.51 47.82 1.69
N ASP E 222 -10.82 48.58 2.53
CA ASP E 222 -9.44 49.02 2.31
C ASP E 222 -9.25 49.75 0.98
N ASP E 231 7.04 53.85 -3.27
CA ASP E 231 6.06 53.29 -2.35
C ASP E 231 5.38 51.98 -2.83
N PRO E 232 4.97 51.87 -4.11
CA PRO E 232 4.48 50.56 -4.58
C PRO E 232 5.55 49.48 -4.64
N THR E 233 6.83 49.84 -4.64
CA THR E 233 7.89 48.85 -4.80
C THR E 233 8.26 48.17 -3.48
N ARG E 234 8.36 48.93 -2.39
CA ARG E 234 8.74 48.40 -1.09
C ARG E 234 7.73 48.81 -0.03
N PHE E 235 7.18 47.82 0.67
CA PHE E 235 6.31 48.03 1.82
C PHE E 235 7.02 47.59 3.10
N GLY E 236 8.31 47.88 3.19
CA GLY E 236 9.16 47.34 4.23
C GLY E 236 10.04 46.19 3.78
N PHE E 237 10.00 45.82 2.50
CA PHE E 237 10.80 44.74 1.98
C PHE E 237 12.26 45.17 1.83
N HIS E 238 13.15 44.17 1.83
CA HIS E 238 14.54 44.39 1.47
C HIS E 238 14.68 44.45 -0.04
N HIS E 239 15.78 45.05 -0.50
CA HIS E 239 15.98 45.20 -1.94
C HIS E 239 16.21 43.86 -2.63
N SER E 240 16.79 42.89 -1.90
CA SER E 240 16.91 41.53 -2.44
C SER E 240 15.55 40.92 -2.68
N HIS E 241 14.60 41.15 -1.77
CA HIS E 241 13.24 40.66 -1.96
C HIS E 241 12.57 41.32 -3.16
N ALA E 242 12.83 42.61 -3.37
CA ALA E 242 12.27 43.29 -4.54
C ALA E 242 12.85 42.74 -5.84
N GLU E 243 14.15 42.47 -5.87
CA GLU E 243 14.77 41.88 -7.05
C GLU E 243 14.23 40.48 -7.31
N SER E 244 14.05 39.68 -6.25
CA SER E 244 13.47 38.35 -6.40
C SER E 244 12.03 38.43 -6.91
N PHE E 245 11.26 39.40 -6.41
CA PHE E 245 9.90 39.59 -6.87
C PHE E 245 9.86 39.95 -8.35
N SER E 246 10.77 40.82 -8.79
CA SER E 246 10.84 41.16 -10.21
C SER E 246 11.22 39.93 -11.05
N ARG E 247 12.14 39.12 -10.56
CA ARG E 247 12.54 37.91 -11.29
C ARG E 247 11.38 36.92 -11.42
N MET E 248 10.60 36.71 -10.35
CA MET E 248 9.45 35.83 -10.45
C MET E 248 8.32 36.44 -11.27
N ARG E 249 8.22 37.77 -11.31
CA ARG E 249 7.21 38.39 -12.16
C ARG E 249 7.58 38.28 -13.64
N ASN E 250 8.87 38.23 -13.96
CA ASN E 250 9.28 38.11 -15.35
C ASN E 250 9.02 36.70 -15.89
N LEU E 251 8.99 35.69 -15.03
CA LEU E 251 8.77 34.33 -15.49
C LEU E 251 7.32 34.12 -15.90
N PRO E 252 7.06 33.48 -17.04
CA PRO E 252 5.68 33.31 -17.50
C PRO E 252 5.01 32.05 -16.98
N ILE E 253 5.78 31.09 -16.48
CA ILE E 253 5.27 29.79 -16.09
C ILE E 253 5.82 29.44 -14.72
N GLY E 254 4.93 29.03 -13.82
CA GLY E 254 5.35 28.60 -12.49
C GLY E 254 4.25 28.85 -11.47
N ILE E 255 4.50 28.37 -10.26
CA ILE E 255 3.60 28.55 -9.13
C ILE E 255 4.37 29.25 -8.01
N ASN E 256 3.75 30.28 -7.43
CA ASN E 256 4.31 31.06 -6.34
C ASN E 256 3.39 30.94 -5.14
N ILE E 257 3.96 30.67 -3.96
CA ILE E 257 3.20 30.47 -2.74
C ILE E 257 3.62 31.53 -1.73
N ILE E 258 2.65 32.27 -1.21
CA ILE E 258 2.87 33.25 -0.15
C ILE E 258 2.42 32.62 1.16
N SER E 259 3.31 32.59 2.14
CA SER E 259 3.04 31.91 3.41
C SER E 259 3.13 32.89 4.57
N GLY E 260 2.43 32.56 5.65
CA GLY E 260 2.43 33.37 6.85
C GLY E 260 1.16 33.19 7.64
N PRO E 261 1.07 33.84 8.80
CA PRO E 261 -0.14 33.77 9.62
C PRO E 261 -1.24 34.65 9.03
N THR E 262 -2.39 34.67 9.70
CA THR E 262 -3.53 35.43 9.21
C THR E 262 -3.35 36.92 9.42
N GLY E 263 -2.45 37.31 10.32
CA GLY E 263 -2.21 38.72 10.58
C GLY E 263 -1.27 39.38 9.60
N SER E 264 -0.44 38.60 8.91
CA SER E 264 0.54 39.16 8.00
C SER E 264 -0.13 39.70 6.73
N GLY E 265 0.59 40.57 6.03
CA GLY E 265 0.07 41.21 4.84
C GLY E 265 0.29 40.44 3.56
N LYS E 266 -0.46 39.36 3.38
CA LYS E 266 -0.35 38.54 2.18
C LYS E 266 -1.22 39.06 1.04
N SER E 267 -2.46 39.44 1.34
CA SER E 267 -3.37 39.93 0.31
C SER E 267 -2.88 41.24 -0.27
N THR E 268 -2.39 42.15 0.58
CA THR E 268 -1.84 43.41 0.09
C THR E 268 -0.61 43.18 -0.77
N THR E 269 0.26 42.24 -0.37
CA THR E 269 1.43 41.92 -1.17
C THR E 269 1.05 41.37 -2.53
N LEU E 270 0.07 40.46 -2.57
CA LEU E 270 -0.38 39.91 -3.85
C LEU E 270 -1.03 40.98 -4.72
N LYS E 271 -1.81 41.88 -4.12
CA LYS E 271 -2.43 42.97 -4.86
C LYS E 271 -1.38 43.88 -5.48
N ASN E 272 -0.36 44.25 -4.70
CA ASN E 272 0.70 45.11 -5.22
C ASN E 272 1.50 44.41 -6.31
N LEU E 273 1.80 43.12 -6.12
CA LEU E 273 2.55 42.37 -7.12
C LEU E 273 1.77 42.28 -8.44
N LEU E 274 0.47 42.01 -8.37
CA LEU E 274 -0.34 41.94 -9.58
C LEU E 274 -0.52 43.31 -10.24
N GLU E 275 -0.64 44.38 -9.46
CA GLU E 275 -0.70 45.72 -10.03
C GLU E 275 0.59 46.08 -10.75
N LEU E 276 1.74 45.72 -10.17
CA LEU E 276 3.01 45.95 -10.86
C LEU E 276 3.13 45.09 -12.11
N LEU E 277 2.69 43.83 -12.03
CA LEU E 277 2.83 42.92 -13.16
C LEU E 277 1.95 43.31 -14.32
N TYR E 278 0.74 43.83 -14.05
CA TYR E 278 -0.13 44.28 -15.14
C TYR E 278 0.49 45.43 -15.91
N ILE E 279 1.13 46.36 -15.20
CA ILE E 279 1.81 47.47 -15.88
C ILE E 279 3.04 46.98 -16.62
N GLU E 280 3.77 46.03 -16.03
CA GLU E 280 5.01 45.55 -16.66
C GLU E 280 4.75 44.76 -17.93
N LYS E 281 3.60 44.09 -18.03
CA LYS E 281 3.27 43.28 -19.19
C LYS E 281 2.63 44.09 -20.31
N LYS E 282 2.46 45.40 -20.12
CA LYS E 282 1.89 46.30 -21.14
C LYS E 282 0.47 45.89 -21.53
N LYS E 283 -0.27 45.32 -20.57
CA LYS E 283 -1.67 44.92 -20.74
C LYS E 283 -1.85 43.92 -21.88
N LYS E 284 -0.85 43.08 -22.12
CA LYS E 284 -0.92 42.05 -23.16
C LYS E 284 -1.23 40.67 -22.60
N VAL E 285 -1.59 40.59 -21.31
CA VAL E 285 -1.86 39.32 -20.66
C VAL E 285 -3.20 39.42 -19.93
N ASN E 286 -3.81 38.27 -19.70
CA ASN E 286 -5.08 38.18 -18.97
C ASN E 286 -4.83 37.64 -17.58
N ILE E 287 -5.34 38.34 -16.57
CA ILE E 287 -5.21 37.94 -15.18
C ILE E 287 -6.61 37.68 -14.63
N ILE E 288 -6.78 36.55 -13.96
CA ILE E 288 -8.05 36.17 -13.36
C ILE E 288 -7.80 35.78 -11.90
N SER E 289 -8.54 36.41 -10.99
CA SER E 289 -8.41 36.15 -9.56
C SER E 289 -9.70 35.55 -9.03
N ILE E 290 -9.57 34.59 -8.11
CA ILE E 290 -10.69 33.94 -7.46
C ILE E 290 -10.58 34.21 -5.97
N GLU E 291 -11.58 34.89 -5.40
CA GLU E 291 -11.61 35.22 -3.99
C GLU E 291 -13.04 35.10 -3.49
N ASP E 292 -13.21 34.54 -2.30
CA ASP E 292 -14.56 34.41 -1.76
C ASP E 292 -15.01 35.79 -1.29
N PRO E 293 -14.24 36.55 -0.51
CA PRO E 293 -14.53 37.98 -0.40
C PRO E 293 -13.73 38.77 -1.42
N PRO E 294 -14.39 39.61 -2.23
CA PRO E 294 -13.64 40.55 -3.08
C PRO E 294 -13.19 41.79 -2.30
N GLU E 295 -12.30 41.56 -1.34
CA GLU E 295 -11.95 42.61 -0.38
C GLU E 295 -11.04 43.68 -0.99
N TYR E 296 -10.11 43.29 -1.85
CA TYR E 296 -9.14 44.22 -2.42
C TYR E 296 -9.38 44.37 -3.91
N GLU E 297 -9.51 45.62 -4.36
CA GLU E 297 -9.73 45.91 -5.77
C GLU E 297 -8.38 46.04 -6.46
N ILE E 298 -8.18 45.22 -7.50
CA ILE E 298 -6.93 45.20 -8.26
C ILE E 298 -7.25 45.52 -9.71
N ASP E 299 -6.46 46.40 -10.32
CA ASP E 299 -6.72 46.85 -11.67
C ASP E 299 -6.41 45.75 -12.68
N GLY E 300 -7.34 45.49 -13.58
CA GLY E 300 -7.15 44.50 -14.63
C GLY E 300 -7.00 43.07 -14.14
N THR E 301 -7.83 42.66 -13.18
CA THR E 301 -7.71 41.34 -12.58
C THR E 301 -9.00 40.55 -12.58
N ALA E 302 -10.17 41.22 -12.55
CA ALA E 302 -11.48 40.58 -12.71
C ALA E 302 -11.72 39.49 -11.67
N GLN E 303 -11.81 39.95 -10.41
CA GLN E 303 -12.03 39.05 -9.29
C GLN E 303 -13.36 38.30 -9.44
N LEU E 304 -13.30 36.98 -9.25
CA LEU E 304 -14.49 36.16 -9.36
C LEU E 304 -14.98 35.77 -7.97
N PRO E 305 -16.12 36.25 -7.52
CA PRO E 305 -16.59 35.92 -6.17
C PRO E 305 -17.31 34.57 -6.15
N ILE E 306 -17.57 34.11 -4.94
CA ILE E 306 -18.39 32.92 -4.69
C ILE E 306 -19.78 33.40 -4.34
N THR E 307 -20.75 33.12 -5.21
CA THR E 307 -22.08 33.70 -5.11
C THR E 307 -23.05 32.78 -4.37
N ASN E 308 -23.27 31.58 -4.88
CA ASN E 308 -24.24 30.65 -4.29
C ASN E 308 -23.54 29.79 -3.23
N VAL E 309 -23.16 30.44 -2.14
CA VAL E 309 -22.43 29.76 -1.08
C VAL E 309 -23.31 28.77 -0.34
N GLU E 310 -24.59 29.09 -0.14
CA GLU E 310 -25.58 28.27 0.55
C GLU E 310 -25.06 27.99 1.97
N THR E 311 -24.89 26.75 2.39
CA THR E 311 -24.38 26.47 3.72
C THR E 311 -22.85 26.53 3.73
N GLU E 312 -22.27 26.40 4.92
CA GLU E 312 -20.82 26.48 5.06
C GLU E 312 -20.13 25.24 4.51
N ALA E 313 -20.79 24.09 4.56
CA ALA E 313 -20.19 22.86 4.06
C ALA E 313 -20.13 22.82 2.54
N GLN E 314 -20.99 23.58 1.86
CA GLN E 314 -21.02 23.63 0.40
C GLN E 314 -20.09 24.68 -0.18
N ARG E 315 -19.39 25.44 0.67
CA ARG E 315 -18.53 26.52 0.19
C ARG E 315 -17.35 25.97 -0.62
N GLY E 316 -16.79 24.85 -0.18
CA GLY E 316 -15.64 24.28 -0.89
C GLY E 316 -15.99 23.79 -2.29
N GLU E 317 -17.18 23.22 -2.45
CA GLU E 317 -17.62 22.77 -3.77
C GLU E 317 -17.78 23.94 -4.73
N GLU E 318 -18.36 25.04 -4.26
CA GLU E 318 -18.48 26.23 -5.11
C GLU E 318 -17.13 26.87 -5.38
N TYR E 319 -16.20 26.80 -4.42
CA TYR E 319 -14.84 27.28 -4.68
C TYR E 319 -14.16 26.45 -5.77
N ARG E 320 -14.32 25.13 -5.72
CA ARG E 320 -13.78 24.27 -6.78
C ARG E 320 -14.45 24.56 -8.12
N LYS E 321 -15.76 24.81 -8.10
CA LYS E 321 -16.47 25.16 -9.33
C LYS E 321 -15.95 26.46 -9.92
N ALA E 322 -15.68 27.46 -9.07
CA ALA E 322 -15.12 28.72 -9.55
C ALA E 322 -13.72 28.53 -10.11
N ILE E 323 -12.91 27.68 -9.46
CA ILE E 323 -11.56 27.40 -9.97
C ILE E 323 -11.63 26.72 -11.34
N THR E 324 -12.53 25.74 -11.50
CA THR E 324 -12.65 25.05 -12.78
C THR E 324 -13.20 25.98 -13.85
N ALA E 325 -14.12 26.88 -13.49
CA ALA E 325 -14.64 27.84 -14.45
C ALA E 325 -13.56 28.83 -14.88
N ALA E 326 -12.70 29.23 -13.95
CA ALA E 326 -11.58 30.09 -14.32
C ALA E 326 -10.59 29.37 -15.21
N LEU E 327 -10.36 28.07 -14.96
CA LEU E 327 -9.49 27.29 -15.83
C LEU E 327 -10.10 27.07 -17.22
N ARG E 328 -11.42 27.01 -17.32
CA ARG E 328 -12.08 26.92 -18.63
C ARG E 328 -12.06 28.25 -19.37
N SER E 329 -11.69 29.33 -18.71
CA SER E 329 -11.50 30.64 -19.31
C SER E 329 -10.12 30.72 -19.97
N ASP E 330 -9.67 31.93 -20.28
CA ASP E 330 -8.26 32.14 -20.62
C ASP E 330 -7.55 32.64 -19.37
N PRO E 331 -7.02 31.75 -18.53
CA PRO E 331 -6.53 32.17 -17.22
C PRO E 331 -5.20 32.90 -17.28
N ASP E 332 -4.24 32.35 -18.05
CA ASP E 332 -2.85 32.79 -18.03
C ASP E 332 -2.34 32.84 -16.60
N ILE E 333 -2.48 33.99 -15.95
CA ILE E 333 -2.09 34.17 -14.56
C ILE E 333 -3.33 34.02 -13.68
N ILE E 334 -3.22 33.18 -12.65
CA ILE E 334 -4.33 32.87 -11.76
C ILE E 334 -3.93 33.29 -10.34
N MET E 335 -4.84 33.96 -9.64
CA MET E 335 -4.63 34.31 -8.24
C MET E 335 -5.80 33.84 -7.39
N PRO E 336 -5.81 32.58 -6.95
CA PRO E 336 -6.81 32.16 -5.97
C PRO E 336 -6.58 32.86 -4.63
N GLY E 337 -7.69 33.04 -3.89
CA GLY E 337 -7.60 33.72 -2.61
C GLY E 337 -6.78 32.96 -1.59
N GLU E 338 -7.03 31.66 -1.46
CA GLU E 338 -6.37 30.83 -0.46
C GLU E 338 -6.37 29.39 -0.93
N ALA E 339 -5.32 28.67 -0.56
CA ALA E 339 -5.23 27.22 -0.78
C ALA E 339 -5.56 26.54 0.55
N ARG E 340 -6.73 25.91 0.63
CA ARG E 340 -7.25 25.40 1.88
C ARG E 340 -7.26 23.87 1.93
N ASP E 341 -7.91 23.22 0.98
CA ASP E 341 -8.05 21.76 1.00
C ASP E 341 -7.18 21.14 -0.10
N ALA E 342 -7.25 19.80 -0.19
CA ALA E 342 -6.39 19.08 -1.12
C ALA E 342 -6.85 19.22 -2.56
N GLU E 343 -8.17 19.35 -2.78
CA GLU E 343 -8.68 19.40 -4.15
C GLU E 343 -8.27 20.70 -4.85
N VAL E 344 -8.34 21.83 -4.15
CA VAL E 344 -7.95 23.10 -4.74
C VAL E 344 -6.46 23.12 -5.03
N ILE E 345 -5.65 22.58 -4.11
CA ILE E 345 -4.21 22.54 -4.33
C ILE E 345 -3.86 21.61 -5.50
N ASN E 346 -4.58 20.49 -5.62
CA ASN E 346 -4.36 19.60 -6.76
C ASN E 346 -4.74 20.28 -8.07
N LEU E 347 -5.85 21.03 -8.08
CA LEU E 347 -6.23 21.77 -9.28
C LEU E 347 -5.20 22.83 -9.63
N LEU E 348 -4.65 23.53 -8.63
CA LEU E 348 -3.65 24.55 -8.89
C LEU E 348 -2.35 23.94 -9.41
N PHE E 349 -1.96 22.78 -8.87
CA PHE E 349 -0.75 22.13 -9.36
C PHE E 349 -0.96 21.58 -10.77
N THR E 350 -2.17 21.12 -11.08
CA THR E 350 -2.48 20.70 -12.45
C THR E 350 -2.41 21.89 -13.40
N ALA E 351 -2.92 23.05 -12.97
CA ALA E 351 -2.84 24.24 -13.80
C ALA E 351 -1.41 24.73 -13.96
N ALA E 352 -0.56 24.49 -12.96
CA ALA E 352 0.83 24.94 -13.05
C ALA E 352 1.62 24.13 -14.07
N MET E 353 1.32 22.83 -14.20
CA MET E 353 1.98 21.99 -15.20
C MET E 353 1.34 22.10 -16.57
N THR E 354 0.27 22.88 -16.71
CA THR E 354 -0.40 23.07 -17.99
C THR E 354 0.14 24.26 -18.78
N GLY E 355 0.67 25.27 -18.10
CA GLY E 355 1.16 26.45 -18.77
C GLY E 355 0.54 27.73 -18.24
N HIS E 356 0.15 27.71 -16.97
CA HIS E 356 -0.44 28.87 -16.30
C HIS E 356 0.42 29.27 -15.12
N GLN E 357 0.37 30.55 -14.76
CA GLN E 357 1.06 31.08 -13.60
C GLN E 357 0.09 31.21 -12.44
N VAL E 358 0.47 30.70 -11.28
CA VAL E 358 -0.40 30.65 -10.11
C VAL E 358 0.25 31.42 -8.97
N TRP E 359 -0.48 32.38 -8.42
CA TRP E 359 -0.10 33.08 -7.20
C TRP E 359 -1.13 32.74 -6.13
N THR E 360 -0.68 32.20 -5.01
CA THR E 360 -1.60 31.71 -3.99
C THR E 360 -1.09 32.09 -2.60
N SER E 361 -1.99 31.99 -1.62
CA SER E 361 -1.69 32.24 -0.22
C SER E 361 -1.88 30.96 0.58
N LEU E 362 -0.98 30.72 1.52
CA LEU E 362 -1.00 29.50 2.32
C LEU E 362 -0.64 29.84 3.76
N HIS E 363 -1.09 29.01 4.68
CA HIS E 363 -0.77 29.14 6.10
C HIS E 363 0.39 28.21 6.43
N ALA E 364 1.51 28.78 6.87
CA ALA E 364 2.69 27.99 7.18
C ALA E 364 3.53 28.73 8.21
N ASN E 365 4.44 27.99 8.84
CA ASN E 365 5.30 28.56 9.87
C ASN E 365 6.61 29.10 9.31
N ASN E 366 7.05 28.59 8.17
CA ASN E 366 8.36 28.96 7.62
C ASN E 366 8.27 28.93 6.10
N ALA E 367 9.24 29.59 5.46
CA ALA E 367 9.31 29.58 4.00
C ALA E 367 9.57 28.18 3.47
N LEU E 368 10.47 27.45 4.12
CA LEU E 368 10.77 26.08 3.73
C LEU E 368 9.78 25.06 4.29
N ALA E 369 8.85 25.50 5.14
CA ALA E 369 7.82 24.62 5.69
C ALA E 369 6.58 24.56 4.82
N ILE E 370 6.59 25.23 3.66
CA ILE E 370 5.48 25.13 2.72
C ILE E 370 5.36 23.71 2.19
N PHE E 371 6.51 23.06 1.94
CA PHE E 371 6.51 21.70 1.42
C PHE E 371 5.92 20.71 2.42
N ASP E 372 6.11 20.95 3.72
CA ASP E 372 5.47 20.11 4.72
C ASP E 372 3.94 20.21 4.65
N ARG E 373 3.42 21.42 4.49
CA ARG E 373 1.98 21.60 4.33
C ARG E 373 1.48 20.95 3.05
N LEU E 374 2.23 21.07 1.95
CA LEU E 374 1.80 20.48 0.69
C LEU E 374 1.82 18.96 0.75
N LYS E 375 2.80 18.37 1.44
CA LYS E 375 2.82 16.93 1.64
C LYS E 375 1.72 16.48 2.60
N ASP E 376 1.35 17.33 3.56
CA ASP E 376 0.21 17.05 4.41
C ASP E 376 -1.08 17.01 3.60
N GLN E 377 -1.23 17.94 2.65
CA GLN E 377 -2.44 17.96 1.84
C GLN E 377 -2.47 16.81 0.83
N GLY E 378 -1.31 16.37 0.34
CA GLY E 378 -1.28 15.23 -0.54
C GLY E 378 -0.49 15.40 -1.82
N VAL E 379 0.33 16.46 -1.90
CA VAL E 379 1.13 16.71 -3.09
C VAL E 379 2.27 15.69 -3.16
N ASP E 380 2.44 15.09 -4.32
CA ASP E 380 3.46 14.06 -4.50
C ASP E 380 4.86 14.68 -4.57
N GLU E 381 5.88 13.82 -4.52
CA GLU E 381 7.26 14.29 -4.46
C GLU E 381 7.75 14.82 -5.80
N PHE E 382 7.33 14.20 -6.91
CA PHE E 382 7.80 14.65 -8.21
C PHE E 382 7.21 15.98 -8.61
N LYS E 383 6.08 16.37 -8.03
CA LYS E 383 5.56 17.72 -8.26
C LYS E 383 6.43 18.77 -7.57
N LEU E 384 6.93 18.45 -6.38
CA LEU E 384 7.75 19.37 -5.61
C LEU E 384 9.23 19.32 -6.00
N THR E 385 9.65 18.32 -6.76
CA THR E 385 11.06 18.21 -7.14
C THR E 385 11.44 19.21 -8.24
N ASP E 386 10.51 19.55 -9.12
CA ASP E 386 10.81 20.40 -10.27
C ASP E 386 11.12 21.83 -9.84
N PRO E 387 12.29 22.37 -10.19
CA PRO E 387 12.60 23.76 -9.82
C PRO E 387 11.90 24.77 -10.73
N GLU E 388 11.59 24.36 -11.95
CA GLU E 388 10.91 25.27 -12.88
C GLU E 388 9.44 25.45 -12.51
N LEU E 389 8.85 24.49 -11.79
CA LEU E 389 7.46 24.62 -11.39
C LEU E 389 7.32 25.54 -10.18
N ILE E 390 7.96 25.18 -9.07
CA ILE E 390 7.88 25.96 -7.83
C ILE E 390 8.83 27.15 -8.00
N THR E 391 8.29 28.27 -8.49
CA THR E 391 9.16 29.38 -8.85
C THR E 391 9.68 30.14 -7.63
N GLY E 392 8.82 30.39 -6.65
CA GLY E 392 9.24 31.17 -5.49
C GLY E 392 8.41 30.85 -4.27
N LEU E 393 9.03 31.03 -3.10
CA LEU E 393 8.38 30.83 -1.81
C LEU E 393 8.62 32.06 -0.95
N VAL E 394 7.55 32.61 -0.38
CA VAL E 394 7.63 33.83 0.43
C VAL E 394 6.99 33.57 1.78
N ALA E 395 7.69 33.95 2.85
CA ALA E 395 7.14 33.93 4.20
C ALA E 395 7.18 35.34 4.77
N GLN E 396 6.06 35.74 5.40
CA GLN E 396 5.85 37.13 5.80
C GLN E 396 5.37 37.21 7.24
N ARG E 397 5.83 38.25 7.94
CA ARG E 397 5.32 38.63 9.26
C ARG E 397 5.20 40.14 9.31
N LEU E 398 4.34 40.63 10.19
CA LEU E 398 4.12 42.07 10.37
C LEU E 398 4.51 42.45 11.80
N VAL E 399 5.32 43.50 11.92
CA VAL E 399 5.74 44.01 13.22
C VAL E 399 5.46 45.51 13.26
N ARG E 400 5.52 46.08 14.46
CA ARG E 400 5.22 47.49 14.67
C ARG E 400 6.46 48.34 14.46
N LYS E 401 6.27 49.48 13.81
CA LYS E 401 7.36 50.40 13.48
C LYS E 401 7.47 51.48 14.54
N LEU E 402 8.68 51.67 15.07
CA LEU E 402 8.89 52.70 16.07
C LEU E 402 8.78 54.09 15.45
N CYS E 403 8.33 55.04 16.26
CA CYS E 403 8.23 56.42 15.82
C CYS E 403 9.62 57.00 15.57
N ALA E 404 9.82 57.58 14.38
CA ALA E 404 11.14 58.06 13.99
C ALA E 404 11.46 59.43 14.57
N GLN E 405 10.50 60.11 15.19
CA GLN E 405 10.75 61.45 15.72
C GLN E 405 11.21 61.41 17.18
N CYS E 406 10.53 60.63 18.02
CA CYS E 406 10.92 60.51 19.42
C CYS E 406 12.29 59.86 19.55
N SER E 407 12.38 58.59 19.15
CA SER E 407 13.64 57.85 18.99
C SER E 407 14.55 57.94 20.21
N ILE E 408 14.06 57.39 21.33
CA ILE E 408 14.87 57.32 22.54
C ILE E 408 15.86 56.17 22.44
N THR E 409 16.99 56.31 23.11
CA THR E 409 18.07 55.34 23.01
C THR E 409 17.95 54.31 24.13
N LEU E 410 18.96 53.45 24.24
CA LEU E 410 18.96 52.43 25.30
C LEU E 410 19.17 53.04 26.67
N THR E 411 20.04 54.05 26.77
CA THR E 411 20.29 54.70 28.06
C THR E 411 19.05 55.44 28.56
N GLU E 412 18.34 56.12 27.67
CA GLU E 412 17.11 56.80 28.06
C GLU E 412 16.03 55.80 28.49
N TYR E 413 15.94 54.66 27.80
CA TYR E 413 14.99 53.63 28.17
C TYR E 413 15.33 53.03 29.53
N ILE E 414 16.61 52.82 29.80
CA ILE E 414 17.03 52.28 31.09
C ILE E 414 16.75 53.28 32.21
N ALA E 415 17.05 54.57 31.97
CA ALA E 415 16.81 55.58 33.00
C ALA E 415 15.32 55.81 33.25
N SER E 416 14.49 55.68 32.20
CA SER E 416 13.05 55.85 32.37
C SER E 416 12.46 54.72 33.22
N GLY E 417 12.89 53.50 32.98
CA GLY E 417 12.40 52.36 33.72
C GLY E 417 12.41 51.11 32.86
N GLY E 418 12.48 49.97 33.53
CA GLY E 418 12.54 48.69 32.84
C GLY E 418 13.94 48.30 32.44
N GLY E 419 14.08 47.04 32.05
CA GLY E 419 15.36 46.51 31.63
C GLY E 419 15.19 45.36 30.67
N ILE E 420 16.20 45.18 29.82
CA ILE E 420 16.17 44.09 28.84
C ILE E 420 16.71 42.82 29.48
N SER E 421 16.35 41.69 28.87
CA SER E 421 16.75 40.38 29.38
C SER E 421 18.16 40.05 28.89
N ASP E 422 18.59 38.81 29.13
CA ASP E 422 19.93 38.40 28.71
C ASP E 422 20.01 38.18 27.20
N THR E 423 18.97 37.57 26.62
CA THR E 423 18.95 37.36 25.18
C THR E 423 18.84 38.67 24.42
N ASP E 424 18.03 39.61 24.93
CA ASP E 424 17.93 40.93 24.31
C ASP E 424 19.26 41.66 24.39
N ARG E 425 19.96 41.56 25.52
CA ARG E 425 21.27 42.17 25.65
C ARG E 425 22.27 41.53 24.69
N LYS E 426 22.19 40.21 24.52
CA LYS E 426 23.07 39.53 23.57
C LYS E 426 22.82 39.99 22.14
N ILE E 427 21.55 40.18 21.78
CA ILE E 427 21.22 40.71 20.46
C ILE E 427 21.74 42.13 20.30
N ILE E 428 21.55 42.96 21.33
CA ILE E 428 21.93 44.38 21.25
C ILE E 428 23.44 44.55 21.18
N SER E 429 24.20 43.68 21.86
CA SER E 429 25.64 43.81 22.10
C SER E 429 26.49 44.20 20.90
N GLY E 430 26.07 43.83 19.69
CA GLY E 430 26.81 44.24 18.51
C GLY E 430 26.76 45.73 18.28
N HIS E 431 25.58 46.34 18.39
CA HIS E 431 25.39 47.77 18.16
C HIS E 431 24.54 48.31 19.30
N GLU E 432 25.17 49.07 20.20
CA GLU E 432 24.46 49.57 21.37
C GLU E 432 23.66 50.83 21.06
N THR E 433 24.31 51.85 20.49
CA THR E 433 23.66 53.13 20.29
C THR E 433 22.75 53.16 19.06
N SER E 434 22.86 52.17 18.16
CA SER E 434 22.08 52.19 16.94
C SER E 434 20.61 51.83 17.20
N VAL E 435 20.35 51.02 18.21
CA VAL E 435 18.99 50.56 18.49
C VAL E 435 18.19 51.66 19.14
N ARG E 436 16.87 51.62 18.96
CA ARG E 436 15.95 52.58 19.54
C ARG E 436 14.84 51.86 20.28
N PHE E 437 14.20 52.59 21.20
CA PHE E 437 13.16 52.02 22.05
C PHE E 437 11.93 52.91 22.04
N PRO E 438 10.75 52.35 22.28
CA PRO E 438 9.52 53.16 22.25
C PRO E 438 9.47 54.20 23.35
N ASN E 439 8.76 55.29 23.07
CA ASN E 439 8.63 56.41 24.00
C ASN E 439 7.17 56.53 24.44
N PRO E 440 6.82 56.08 25.65
CA PRO E 440 5.44 56.20 26.13
C PRO E 440 5.17 57.54 26.83
N ARG E 441 5.44 58.63 26.11
CA ARG E 441 5.24 59.97 26.65
C ARG E 441 3.95 60.61 26.19
N ALA E 442 3.14 59.90 25.40
CA ALA E 442 1.85 60.39 24.88
C ALA E 442 2.03 61.70 24.12
N LYS E 443 3.00 61.72 23.20
CA LYS E 443 3.28 62.90 22.41
C LYS E 443 2.20 63.13 21.35
N LYS E 444 2.23 64.32 20.75
CA LYS E 444 1.24 64.65 19.73
C LYS E 444 1.52 63.97 18.39
N CYS E 445 2.79 63.64 18.11
CA CYS E 445 3.13 63.06 16.82
C CYS E 445 2.63 61.62 16.70
N CYS E 446 2.80 60.82 17.76
CA CYS E 446 2.39 59.43 17.76
C CYS E 446 1.39 59.19 18.87
N ARG E 447 0.29 58.48 18.55
CA ARG E 447 -0.72 58.18 19.55
C ARG E 447 -0.18 57.24 20.63
N ASP E 448 0.57 56.21 20.22
CA ASP E 448 1.13 55.25 21.15
C ASP E 448 2.61 55.00 20.95
N GLY E 449 3.24 55.61 19.96
CA GLY E 449 4.64 55.38 19.66
C GLY E 449 4.93 54.23 18.71
N TYR E 450 3.90 53.54 18.23
CA TYR E 450 4.08 52.39 17.37
C TYR E 450 3.65 52.63 15.92
N ASN E 451 3.21 53.84 15.58
CA ASN E 451 2.99 54.30 14.20
C ASN E 451 2.16 53.32 13.37
N GLY E 452 2.78 52.75 12.34
CA GLY E 452 2.12 51.76 11.50
C GLY E 452 2.71 50.38 11.68
N ARG E 453 2.97 49.68 10.57
CA ARG E 453 3.53 48.34 10.63
C ARG E 453 4.41 48.10 9.42
N THR E 454 5.42 47.24 9.61
CA THR E 454 6.37 46.87 8.56
C THR E 454 6.38 45.36 8.39
N ILE E 455 6.80 44.93 7.20
CA ILE E 455 6.85 43.54 6.82
C ILE E 455 8.27 43.03 6.99
N LEU E 456 8.43 41.92 7.71
CA LEU E 456 9.67 41.16 7.73
C LEU E 456 9.41 39.86 6.96
N ALA E 457 10.19 39.62 5.91
CA ALA E 457 9.88 38.54 4.99
C ALA E 457 11.16 37.84 4.56
N GLU E 458 10.97 36.61 4.06
CA GLU E 458 12.03 35.85 3.40
C GLU E 458 11.50 35.32 2.08
N VAL E 459 12.29 35.48 1.02
CA VAL E 459 11.93 35.05 -0.33
C VAL E 459 13.00 34.06 -0.80
N ILE E 460 12.56 32.90 -1.25
CA ILE E 460 13.43 31.84 -1.73
C ILE E 460 13.08 31.55 -3.18
N GLU E 461 14.10 31.49 -4.04
CA GLU E 461 13.95 31.04 -5.41
C GLU E 461 14.64 29.68 -5.53
N PRO E 462 13.89 28.58 -5.53
CA PRO E 462 14.51 27.26 -5.43
C PRO E 462 15.30 26.87 -6.67
N ASP E 463 16.31 26.03 -6.45
CA ASP E 463 17.09 25.39 -7.49
C ASP E 463 16.85 23.89 -7.44
N SER E 464 17.57 23.14 -8.28
CA SER E 464 17.43 21.69 -8.28
C SER E 464 18.02 21.06 -7.02
N LYS E 465 19.21 21.52 -6.61
CA LYS E 465 19.88 20.94 -5.46
C LYS E 465 19.12 21.22 -4.17
N LEU E 466 18.58 22.44 -4.02
CA LEU E 466 17.83 22.77 -2.81
C LEU E 466 16.57 21.93 -2.69
N LEU E 467 15.83 21.76 -3.79
CA LEU E 467 14.63 20.93 -3.76
C LEU E 467 14.97 19.46 -3.55
N ARG E 468 16.09 18.99 -4.10
CA ARG E 468 16.53 17.62 -3.85
C ARG E 468 16.87 17.41 -2.38
N LEU E 469 17.52 18.40 -1.75
CA LEU E 469 17.85 18.30 -0.34
C LEU E 469 16.60 18.36 0.53
N VAL E 470 15.62 19.19 0.15
CA VAL E 470 14.38 19.28 0.89
C VAL E 470 13.59 17.97 0.79
N ALA E 471 13.52 17.39 -0.42
CA ALA E 471 12.75 16.17 -0.62
C ALA E 471 13.35 14.96 0.10
N GLU E 472 14.65 14.98 0.37
CA GLU E 472 15.32 13.87 1.06
C GLU E 472 15.22 13.97 2.57
N GLY E 473 14.61 15.02 3.11
CA GLY E 473 14.46 15.19 4.54
C GLY E 473 15.64 15.84 5.24
N LYS E 474 16.64 16.29 4.50
CA LYS E 474 17.82 16.95 5.09
C LYS E 474 17.48 18.42 5.29
N ARG E 475 16.84 18.72 6.42
CA ARG E 475 16.42 20.09 6.70
C ARG E 475 17.60 21.00 6.96
N GLU E 476 18.54 20.55 7.79
CA GLU E 476 19.71 21.37 8.12
C GLU E 476 20.60 21.59 6.90
N ASP E 477 20.81 20.54 6.10
CA ASP E 477 21.62 20.66 4.89
C ASP E 477 20.96 21.62 3.89
N ALA E 478 19.64 21.52 3.72
CA ALA E 478 18.94 22.42 2.82
C ALA E 478 19.01 23.87 3.31
N GLN E 479 18.86 24.08 4.61
CA GLN E 479 18.98 25.44 5.16
C GLN E 479 20.39 25.99 4.97
N HIS E 480 21.41 25.16 5.19
CA HIS E 480 22.79 25.62 4.97
C HIS E 480 23.04 25.94 3.52
N TYR E 481 22.53 25.11 2.60
CA TYR E 481 22.69 25.37 1.17
C TYR E 481 22.00 26.66 0.75
N TRP E 482 20.80 26.90 1.28
CA TRP E 482 20.08 28.13 0.96
C TRP E 482 20.79 29.35 1.51
N LEU E 483 21.27 29.28 2.76
CA LEU E 483 21.86 30.45 3.39
C LEU E 483 23.27 30.76 2.88
N THR E 484 24.02 29.74 2.45
CA THR E 484 25.40 29.95 2.03
C THR E 484 25.54 30.03 0.50
N SER E 485 25.08 29.00 -0.21
CA SER E 485 25.29 28.95 -1.66
C SER E 485 24.35 29.91 -2.40
N LEU E 486 23.10 30.01 -1.95
CA LEU E 486 22.11 30.84 -2.63
C LEU E 486 22.04 32.26 -2.08
N HIS E 487 22.88 32.60 -1.08
CA HIS E 487 22.92 33.92 -0.47
C HIS E 487 21.56 34.35 0.07
N GLY E 488 20.87 33.41 0.73
CA GLY E 488 19.57 33.70 1.27
C GLY E 488 19.60 34.46 2.58
N MET E 489 18.41 34.86 3.03
CA MET E 489 18.24 35.58 4.28
C MET E 489 16.94 35.15 4.92
N ALA E 490 17.00 34.74 6.19
CA ALA E 490 15.84 34.24 6.89
C ALA E 490 15.08 35.38 7.57
N LEU E 491 14.00 35.02 8.26
CA LEU E 491 13.21 36.02 9.00
C LEU E 491 14.03 36.60 10.15
N LYS E 492 14.79 35.76 10.85
CA LYS E 492 15.56 36.24 12.00
C LYS E 492 16.64 37.23 11.59
N GLU E 493 17.28 37.02 10.43
CA GLU E 493 18.33 37.93 9.99
C GLU E 493 17.74 39.29 9.58
N HIS E 494 16.60 39.28 8.89
CA HIS E 494 15.94 40.53 8.54
C HIS E 494 15.46 41.27 9.77
N ALA E 495 14.95 40.53 10.77
CA ALA E 495 14.53 41.15 12.02
C ALA E 495 15.73 41.76 12.76
N TRP E 496 16.86 41.06 12.76
CA TRP E 496 18.07 41.60 13.39
C TRP E 496 18.55 42.85 12.67
N LEU E 497 18.50 42.85 11.34
CA LEU E 497 18.91 44.03 10.57
C LEU E 497 18.00 45.22 10.84
N LYS E 498 16.68 44.97 10.96
CA LYS E 498 15.76 46.07 11.28
C LYS E 498 15.94 46.54 12.72
N ILE E 499 16.31 45.65 13.63
CA ILE E 499 16.63 46.07 15.00
C ILE E 499 17.86 46.97 15.02
N ILE E 500 18.90 46.58 14.28
CA ILE E 500 20.13 47.37 14.23
C ILE E 500 19.88 48.71 13.57
N SER E 501 19.08 48.73 12.49
CA SER E 501 18.76 50.00 11.83
C SER E 501 17.93 50.92 12.72
N GLY E 502 17.18 50.36 13.66
CA GLY E 502 16.37 51.15 14.57
C GLY E 502 14.93 51.33 14.18
N GLU E 503 14.45 50.62 13.16
CA GLU E 503 13.06 50.77 12.74
C GLU E 503 12.11 50.13 13.75
N ILE E 504 12.45 48.95 14.25
CA ILE E 504 11.57 48.21 15.15
C ILE E 504 12.33 47.93 16.46
N CYS E 505 11.56 47.58 17.48
CA CYS E 505 12.13 47.27 18.79
C CYS E 505 12.51 45.79 18.88
N VAL E 506 13.45 45.50 19.76
CA VAL E 506 13.90 44.11 19.93
C VAL E 506 12.81 43.25 20.56
N MET E 507 12.01 43.82 21.47
CA MET E 507 10.99 43.05 22.18
C MET E 507 9.90 42.56 21.23
N ASP E 508 9.43 43.43 20.34
CA ASP E 508 8.41 43.03 19.37
C ASP E 508 8.94 41.97 18.42
N ALA E 509 10.21 42.10 18.00
CA ALA E 509 10.79 41.12 17.10
C ALA E 509 10.95 39.76 17.76
N VAL E 510 11.40 39.73 19.02
CA VAL E 510 11.56 38.44 19.69
C VAL E 510 10.22 37.86 20.11
N ASN E 511 9.17 38.69 20.24
CA ASN E 511 7.85 38.13 20.44
C ASN E 511 7.29 37.53 19.15
N LYS E 512 7.55 38.18 18.01
CA LYS E 512 7.00 37.68 16.75
C LYS E 512 7.84 36.53 16.18
N ILE E 513 9.17 36.67 16.17
CA ILE E 513 10.07 35.69 15.58
C ILE E 513 11.03 35.20 16.64
N SER E 514 11.20 33.88 16.71
CA SER E 514 12.12 33.25 17.65
C SER E 514 13.41 32.87 16.94
N GLY E 515 14.50 32.83 17.70
CA GLY E 515 15.79 32.46 17.16
C GLY E 515 16.67 33.61 16.70
N ILE E 516 16.35 34.84 17.08
CA ILE E 516 17.17 35.98 16.67
C ILE E 516 18.53 35.93 17.36
N ASP E 517 18.56 35.49 18.62
CA ASP E 517 19.81 35.41 19.37
C ASP E 517 20.71 34.27 18.93
N ASN E 518 20.22 33.35 18.09
CA ASN E 518 21.01 32.21 17.65
C ASN E 518 21.93 32.54 16.47
N ILE E 519 21.89 33.76 15.95
CA ILE E 519 22.74 34.13 14.82
C ILE E 519 24.18 34.28 15.31
N THR E 520 25.11 33.66 14.61
CA THR E 520 26.51 33.73 14.97
C THR E 520 27.08 35.12 14.70
N GLU E 521 28.22 35.41 15.33
CA GLU E 521 28.85 36.71 15.16
C GLU E 521 29.40 36.89 13.76
N GLU E 522 29.91 35.82 13.15
CA GLU E 522 30.42 35.88 11.78
C GLU E 522 29.30 36.20 10.80
N ARG E 523 28.12 35.57 10.99
CA ARG E 523 26.98 35.87 10.13
C ARG E 523 26.51 37.30 10.29
N LYS E 524 26.51 37.81 11.53
CA LYS E 524 26.12 39.19 11.78
C LYS E 524 27.08 40.16 11.10
N LYS E 525 28.39 39.89 11.21
CA LYS E 525 29.38 40.74 10.54
C LYS E 525 29.24 40.68 9.03
N TYR E 526 28.97 39.49 8.49
CA TYR E 526 28.80 39.34 7.04
C TYR E 526 27.59 40.14 6.57
N LEU E 527 26.47 40.04 7.29
CA LEU E 527 25.27 40.78 6.91
C LEU E 527 25.49 42.29 7.00
N PHE E 528 26.15 42.74 8.07
CA PHE E 528 26.40 44.18 8.23
C PHE E 528 27.32 44.70 7.13
N SER E 529 28.37 43.95 6.79
CA SER E 529 29.27 44.36 5.73
C SER E 529 28.58 44.35 4.37
N ARG E 530 27.72 43.36 4.14
CA ARG E 530 27.00 43.29 2.87
C ARG E 530 26.03 44.45 2.72
N ASP E 531 25.35 44.84 3.80
CA ASP E 531 24.43 45.98 3.71
C ASP E 531 25.17 47.31 3.65
N ASN E 532 26.34 47.42 4.28
CA ASN E 532 27.09 48.66 4.22
C ASN E 532 27.81 48.85 2.88
N GLU E 533 28.22 47.74 2.25
CA GLU E 533 28.90 47.85 0.96
C GLU E 533 27.96 48.32 -0.14
N ILE E 534 26.74 47.79 -0.16
CA ILE E 534 25.76 48.15 -1.18
C ILE E 534 25.02 49.41 -0.75
N VAL F 107 -30.20 42.37 -28.67
CA VAL F 107 -29.94 42.83 -30.01
C VAL F 107 -29.10 41.80 -30.78
N GLU F 108 -29.74 41.09 -31.70
CA GLU F 108 -29.04 40.07 -32.48
C GLU F 108 -28.13 40.68 -33.53
N LYS F 109 -28.48 41.88 -34.03
CA LYS F 109 -27.66 42.52 -35.06
C LYS F 109 -26.28 42.89 -34.53
N ARG F 110 -26.21 43.42 -33.31
CA ARG F 110 -24.91 43.75 -32.73
C ARG F 110 -24.04 42.52 -32.56
N ALA F 111 -24.64 41.41 -32.12
CA ALA F 111 -23.92 40.15 -32.01
C ALA F 111 -23.44 39.67 -33.39
N SER F 112 -24.27 39.85 -34.42
CA SER F 112 -23.89 39.42 -35.75
C SER F 112 -22.69 40.21 -36.27
N MET F 113 -22.70 41.54 -36.10
CA MET F 113 -21.53 42.32 -36.52
C MET F 113 -20.31 42.02 -35.66
N LEU F 114 -20.48 41.77 -34.36
CA LEU F 114 -19.35 41.41 -33.52
C LEU F 114 -18.70 40.10 -33.97
N LEU F 115 -19.53 39.08 -34.27
CA LEU F 115 -18.99 37.82 -34.74
C LEU F 115 -18.41 37.94 -36.14
N PHE F 116 -18.99 38.80 -36.99
CA PHE F 116 -18.40 39.05 -38.30
C PHE F 116 -17.01 39.68 -38.19
N GLU F 117 -16.86 40.65 -37.28
CA GLU F 117 -15.54 41.26 -37.06
C GLU F 117 -14.56 40.24 -36.50
N CYS F 118 -15.00 39.40 -35.55
CA CYS F 118 -14.12 38.40 -34.99
C CYS F 118 -13.67 37.37 -36.03
N ALA F 119 -14.58 36.99 -36.94
CA ALA F 119 -14.21 36.08 -38.02
C ALA F 119 -13.29 36.76 -39.03
N GLU F 120 -13.53 38.04 -39.33
CA GLU F 120 -12.74 38.73 -40.33
C GLU F 120 -11.30 38.95 -39.87
N MET F 121 -11.11 39.39 -38.62
CA MET F 121 -9.76 39.56 -38.11
C MET F 121 -9.16 38.27 -37.58
N ARG F 122 -9.94 37.18 -37.52
CA ARG F 122 -9.47 35.85 -37.12
C ARG F 122 -8.83 35.86 -35.73
N VAL F 123 -9.51 36.51 -34.78
CA VAL F 123 -9.06 36.45 -33.39
C VAL F 123 -9.35 35.07 -32.82
N SER F 124 -8.60 34.71 -31.78
CA SER F 124 -8.77 33.39 -31.18
C SER F 124 -9.95 33.38 -30.21
N ASP F 125 -9.84 34.13 -29.12
CA ASP F 125 -10.91 34.25 -28.13
C ASP F 125 -11.33 35.71 -27.97
N LEU F 126 -12.57 35.89 -27.55
CA LEU F 126 -13.17 37.20 -27.37
C LEU F 126 -13.65 37.34 -25.94
N HIS F 127 -13.20 38.38 -25.25
CA HIS F 127 -13.55 38.64 -23.86
C HIS F 127 -14.42 39.89 -23.80
N ILE F 128 -15.49 39.83 -23.01
CA ILE F 128 -16.34 40.99 -22.74
C ILE F 128 -16.47 41.12 -21.24
N LYS F 129 -16.02 42.24 -20.68
CA LYS F 129 -16.13 42.51 -19.26
C LYS F 129 -17.11 43.65 -19.05
N VAL F 130 -18.20 43.38 -18.35
CA VAL F 130 -19.28 44.35 -18.15
C VAL F 130 -19.23 44.82 -16.70
N TYR F 131 -18.94 46.10 -16.52
CA TYR F 131 -18.90 46.74 -15.22
C TYR F 131 -20.22 47.46 -14.97
N ASP F 132 -20.28 48.23 -13.88
CA ASP F 132 -21.49 48.98 -13.56
C ASP F 132 -21.70 50.16 -14.51
N ALA F 133 -20.62 50.76 -15.00
CA ALA F 133 -20.71 51.94 -15.84
C ALA F 133 -20.46 51.65 -17.31
N GLU F 134 -19.31 51.05 -17.64
CA GLU F 134 -18.95 50.78 -19.03
C GLU F 134 -18.39 49.37 -19.15
N ALA F 135 -18.51 48.81 -20.34
CA ALA F 135 -18.04 47.46 -20.64
C ALA F 135 -16.91 47.52 -21.66
N ASP F 136 -15.92 46.66 -21.48
CA ASP F 136 -14.74 46.60 -22.34
C ASP F 136 -14.75 45.31 -23.14
N ILE F 137 -14.28 45.41 -24.39
CA ILE F 137 -14.19 44.28 -25.30
C ILE F 137 -12.72 44.05 -25.64
N TYR F 138 -12.24 42.82 -25.42
CA TYR F 138 -10.87 42.43 -25.68
C TYR F 138 -10.85 41.26 -26.65
N ILE F 139 -9.80 41.19 -27.45
CA ILE F 139 -9.60 40.11 -28.41
C ILE F 139 -8.21 39.54 -28.22
N ARG F 140 -8.10 38.22 -28.29
CA ARG F 140 -6.79 37.56 -28.20
C ARG F 140 -6.36 37.20 -29.62
N LYS F 141 -5.65 38.12 -30.26
CA LYS F 141 -5.16 37.94 -31.62
C LYS F 141 -3.65 37.69 -31.57
N ASP F 142 -3.23 36.55 -32.12
CA ASP F 142 -1.82 36.13 -32.14
C ASP F 142 -1.24 36.07 -30.73
N GLY F 143 -2.02 35.59 -29.78
CA GLY F 143 -1.58 35.48 -28.40
C GLY F 143 -1.76 36.71 -27.54
N ASP F 144 -1.31 37.86 -28.04
CA ASP F 144 -1.43 39.10 -27.29
C ASP F 144 -2.88 39.58 -27.25
N MET F 145 -3.27 40.18 -26.14
CA MET F 145 -4.61 40.71 -25.96
C MET F 145 -4.62 42.20 -26.30
N GLU F 146 -5.64 42.62 -27.06
CA GLU F 146 -5.80 44.00 -27.48
C GLU F 146 -7.19 44.49 -27.11
N LEU F 147 -7.30 45.79 -26.88
CA LEU F 147 -8.58 46.41 -26.53
C LEU F 147 -9.32 46.76 -27.81
N LEU F 148 -10.50 46.15 -27.99
CA LEU F 148 -11.29 46.40 -29.19
C LEU F 148 -12.13 47.67 -29.04
N ARG F 149 -13.05 47.68 -28.07
CA ARG F 149 -14.00 48.77 -27.95
C ARG F 149 -14.44 48.91 -26.50
N GLN F 150 -15.06 50.05 -26.20
CA GLN F 150 -15.68 50.31 -24.90
C GLN F 150 -17.08 50.82 -25.15
N ILE F 151 -18.08 50.13 -24.58
CA ILE F 151 -19.48 50.42 -24.83
C ILE F 151 -20.20 50.56 -23.49
N GLU F 152 -21.50 50.78 -23.56
CA GLU F 152 -22.32 50.89 -22.36
C GLU F 152 -22.67 49.50 -21.81
N SER F 153 -23.12 49.47 -20.56
CA SER F 153 -23.35 48.21 -19.88
C SER F 153 -24.63 47.53 -20.36
N ASN F 154 -25.68 48.30 -20.64
CA ASN F 154 -26.97 47.72 -21.02
C ASN F 154 -26.88 47.01 -22.37
N THR F 155 -26.21 47.64 -23.35
CA THR F 155 -26.05 47.01 -24.66
C THR F 155 -25.24 45.72 -24.55
N ALA F 156 -24.16 45.74 -23.77
CA ALA F 156 -23.33 44.55 -23.61
C ALA F 156 -24.11 43.43 -22.91
N HIS F 157 -24.94 43.79 -21.92
CA HIS F 157 -25.81 42.80 -21.29
C HIS F 157 -26.78 42.21 -22.30
N SER F 158 -27.31 43.04 -23.20
CA SER F 158 -28.20 42.54 -24.24
C SER F 158 -27.50 41.55 -25.17
N ILE F 159 -26.26 41.87 -25.58
CA ILE F 159 -25.51 40.94 -26.44
C ILE F 159 -25.21 39.64 -25.70
N LEU F 160 -24.84 39.72 -24.41
CA LEU F 160 -24.58 38.50 -23.66
C LEU F 160 -25.83 37.64 -23.52
N ALA F 161 -26.98 38.26 -23.25
CA ALA F 161 -28.22 37.51 -23.16
C ALA F 161 -28.59 36.88 -24.51
N SER F 162 -28.39 37.61 -25.60
CA SER F 162 -28.68 37.07 -26.93
C SER F 162 -27.75 35.91 -27.27
N LEU F 163 -26.48 36.01 -26.88
CA LEU F 163 -25.54 34.91 -27.11
C LEU F 163 -25.90 33.68 -26.29
N TYR F 164 -26.34 33.87 -25.04
CA TYR F 164 -26.69 32.70 -24.23
C TYR F 164 -28.00 32.06 -24.70
N ASN F 165 -28.98 32.88 -25.12
CA ASN F 165 -30.27 32.32 -25.50
C ASN F 165 -30.21 31.56 -26.82
N ASN F 166 -29.31 31.94 -27.72
CA ASN F 166 -29.22 31.29 -29.02
C ASN F 166 -28.40 30.02 -29.01
N ALA F 167 -27.79 29.67 -27.88
CA ALA F 167 -26.96 28.46 -27.81
C ALA F 167 -27.84 27.21 -27.73
N ASP F 168 -27.18 26.06 -27.71
CA ASP F 168 -27.85 24.77 -27.61
C ASP F 168 -28.22 24.40 -26.19
N ASP F 169 -27.93 25.25 -25.22
CA ASP F 169 -28.17 24.99 -23.80
C ASP F 169 -29.45 25.64 -23.30
N SER F 170 -30.50 25.62 -24.13
CA SER F 170 -31.79 26.18 -23.73
C SER F 170 -32.34 25.45 -22.51
N ASP F 171 -33.12 26.20 -21.72
CA ASP F 171 -33.48 26.04 -20.30
C ASP F 171 -32.33 26.54 -19.44
N ALA F 172 -32.53 26.62 -18.13
CA ALA F 172 -31.58 27.24 -17.20
C ALA F 172 -31.22 28.65 -17.66
N THR F 173 -32.25 29.50 -17.61
CA THR F 173 -32.24 30.80 -18.26
C THR F 173 -31.10 31.70 -17.76
N TYR F 174 -30.81 32.72 -18.55
CA TYR F 174 -29.70 33.63 -18.29
C TYR F 174 -29.95 34.40 -17.00
N LYS F 175 -29.14 34.14 -15.98
CA LYS F 175 -29.24 34.82 -14.70
C LYS F 175 -27.87 35.34 -14.30
N ILE F 176 -27.87 36.48 -13.61
CA ILE F 176 -26.64 37.11 -13.13
C ILE F 176 -26.14 36.28 -11.94
N ASN F 177 -24.90 36.55 -11.50
CA ASN F 177 -24.16 35.83 -10.47
C ASN F 177 -24.31 34.32 -10.57
N ALA F 178 -24.08 33.76 -11.76
CA ALA F 178 -24.09 32.33 -11.98
C ALA F 178 -23.04 31.96 -13.02
N TYR F 179 -22.35 30.84 -12.80
CA TYR F 179 -21.36 30.33 -13.74
C TYR F 179 -22.06 29.42 -14.74
N GLN F 180 -22.07 29.82 -16.01
CA GLN F 180 -22.84 29.11 -17.04
C GLN F 180 -21.97 28.78 -18.24
N ALA F 181 -22.03 27.53 -18.69
CA ALA F 181 -21.31 27.10 -19.87
C ALA F 181 -22.31 26.80 -20.99
N ALA F 182 -21.91 27.10 -22.23
CA ALA F 182 -22.78 26.90 -23.37
C ALA F 182 -21.93 26.71 -24.62
N ARG F 183 -22.58 26.27 -25.69
CA ARG F 183 -21.91 26.07 -26.96
C ARG F 183 -22.85 26.44 -28.11
N ILE F 184 -22.31 27.11 -29.11
CA ILE F 184 -23.05 27.50 -30.31
C ILE F 184 -22.44 26.77 -31.49
N VAL F 185 -23.29 26.05 -32.24
CA VAL F 185 -22.85 25.28 -33.41
C VAL F 185 -23.35 26.00 -34.65
N ALA F 186 -22.46 26.18 -35.63
CA ALA F 186 -22.82 26.87 -36.86
C ALA F 186 -23.82 26.06 -37.68
N SER F 187 -24.80 26.77 -38.24
CA SER F 187 -25.86 26.21 -39.10
C SER F 187 -26.69 25.15 -38.40
N LYS F 188 -26.64 25.07 -37.07
CA LYS F 188 -27.42 24.09 -36.33
C LYS F 188 -28.13 24.76 -35.16
N SER F 189 -27.58 25.87 -34.68
CA SER F 189 -28.10 26.58 -33.51
C SER F 189 -28.84 27.82 -33.99
N ARG F 190 -30.11 27.64 -34.36
CA ARG F 190 -31.04 28.71 -34.74
C ARG F 190 -30.46 29.48 -35.92
N LEU F 191 -30.12 30.76 -35.78
CA LEU F 191 -29.64 31.55 -36.91
C LEU F 191 -28.25 31.10 -37.34
N ALA F 192 -27.92 31.40 -38.59
CA ALA F 192 -26.69 30.93 -39.22
C ALA F 192 -25.48 31.70 -38.68
N LEU F 193 -24.31 31.16 -39.01
CA LEU F 193 -23.02 31.70 -38.58
C LEU F 193 -22.12 31.81 -39.80
N PRO F 194 -21.05 32.60 -39.71
CA PRO F 194 -20.06 32.65 -40.80
C PRO F 194 -19.48 31.27 -41.09
N PRO F 195 -19.22 30.96 -42.36
CA PRO F 195 -18.77 29.60 -42.70
C PRO F 195 -17.39 29.25 -42.16
N VAL F 196 -16.58 30.23 -41.80
CA VAL F 196 -15.25 29.93 -41.27
C VAL F 196 -15.30 29.42 -39.84
N ILE F 197 -16.40 29.67 -39.12
CA ILE F 197 -16.53 29.28 -37.72
C ILE F 197 -17.39 28.03 -37.65
N GLN F 198 -16.93 27.04 -36.88
CA GLN F 198 -17.69 25.82 -36.65
C GLN F 198 -18.44 25.87 -35.31
N ALA F 199 -17.72 26.06 -34.21
CA ALA F 199 -18.31 26.06 -32.88
C ALA F 199 -17.71 27.19 -32.05
N VAL F 200 -18.55 27.75 -31.18
CA VAL F 200 -18.15 28.82 -30.26
C VAL F 200 -18.49 28.35 -28.86
N ARG F 201 -17.48 28.22 -28.00
CA ARG F 201 -17.70 27.83 -26.61
C ARG F 201 -17.81 29.06 -25.74
N LEU F 202 -18.92 29.18 -25.02
CA LEU F 202 -19.25 30.36 -24.24
C LEU F 202 -19.17 30.03 -22.75
N GLN F 203 -18.51 30.91 -21.99
CA GLN F 203 -18.42 30.78 -20.55
C GLN F 203 -18.83 32.12 -19.92
N PHE F 204 -19.76 32.06 -18.97
CA PHE F 204 -20.28 33.24 -18.29
C PHE F 204 -19.93 33.15 -16.82
N ASN F 205 -19.22 34.15 -16.31
CA ASN F 205 -18.80 34.24 -14.93
C ASN F 205 -19.34 35.52 -14.29
N PRO F 206 -19.69 35.48 -13.01
CA PRO F 206 -20.03 36.72 -12.30
C PRO F 206 -18.80 37.60 -12.13
N LEU F 207 -19.06 38.91 -12.04
CA LEU F 207 -17.98 39.89 -11.89
C LEU F 207 -18.51 41.05 -11.05
N GLY F 208 -18.16 41.06 -9.76
CA GLY F 208 -18.58 42.14 -8.89
C GLY F 208 -20.09 42.14 -8.68
N GLN F 209 -20.64 43.34 -8.51
CA GLN F 209 -22.08 43.53 -8.37
C GLN F 209 -22.59 44.25 -9.63
N GLY F 210 -23.56 43.64 -10.30
CA GLY F 210 -24.08 44.19 -11.54
C GLY F 210 -23.08 44.17 -12.68
N GLY F 211 -22.29 43.12 -12.80
CA GLY F 211 -21.34 42.99 -13.88
C GLY F 211 -21.25 41.55 -14.34
N ARG F 212 -20.70 41.38 -15.54
CA ARG F 212 -20.62 40.06 -16.15
C ARG F 212 -19.27 39.89 -16.84
N TYR F 213 -18.99 38.65 -17.23
CA TYR F 213 -17.71 38.32 -17.86
C TYR F 213 -17.94 37.16 -18.83
N LEU F 214 -17.88 37.45 -20.12
CA LEU F 214 -18.11 36.47 -21.17
C LEU F 214 -16.80 36.20 -21.91
N ILE F 215 -16.51 34.93 -22.16
CA ILE F 215 -15.36 34.52 -22.96
C ILE F 215 -15.83 33.54 -24.01
N ALA F 216 -15.63 33.88 -25.28
CA ALA F 216 -16.00 33.03 -26.41
C ALA F 216 -14.74 32.52 -27.08
N ARG F 217 -14.65 31.20 -27.24
CA ARG F 217 -13.50 30.55 -27.88
C ARG F 217 -13.96 30.02 -29.23
N PHE F 218 -13.52 30.69 -30.30
CA PHE F 218 -13.93 30.31 -31.64
C PHE F 218 -13.15 29.10 -32.14
N LEU F 219 -13.80 28.31 -32.98
CA LEU F 219 -13.17 27.18 -33.66
C LEU F 219 -13.29 27.40 -35.16
N TYR F 220 -12.18 27.26 -35.88
CA TYR F 220 -12.11 27.63 -37.28
C TYR F 220 -11.92 26.41 -38.17
N THR F 221 -12.48 26.49 -39.38
CA THR F 221 -12.33 25.40 -40.35
C THR F 221 -10.89 25.26 -40.80
N ASP F 222 -10.20 26.38 -41.03
CA ASP F 222 -8.81 26.42 -41.49
C ASP F 222 -8.59 25.63 -42.78
N ASP F 231 7.84 24.17 -48.10
CA ASP F 231 6.84 24.68 -47.16
C ASP F 231 6.15 23.61 -46.29
N PRO F 232 5.77 22.44 -46.85
CA PRO F 232 5.26 21.37 -45.97
C PRO F 232 6.32 20.79 -45.04
N THR F 233 7.61 20.99 -45.32
CA THR F 233 8.66 20.37 -44.51
C THR F 233 8.98 21.17 -43.25
N ARG F 234 9.07 22.49 -43.37
CA ARG F 234 9.42 23.35 -42.24
C ARG F 234 8.39 24.46 -42.09
N PHE F 235 7.82 24.57 -40.91
CA PHE F 235 6.93 25.66 -40.53
C PHE F 235 7.61 26.56 -39.50
N GLY F 236 8.90 26.81 -39.67
CA GLY F 236 9.72 27.43 -38.67
C GLY F 236 10.59 26.49 -37.88
N PHE F 237 10.57 25.20 -38.20
CA PHE F 237 11.37 24.20 -37.50
C PHE F 237 12.84 24.30 -37.92
N HIS F 238 13.71 23.82 -37.04
CA HIS F 238 15.11 23.64 -37.37
C HIS F 238 15.29 22.35 -38.19
N HIS F 239 16.40 22.26 -38.91
CA HIS F 239 16.63 21.09 -39.75
C HIS F 239 16.86 19.83 -38.92
N SER F 240 17.40 19.98 -37.71
CA SER F 240 17.52 18.85 -36.81
C SER F 240 16.15 18.31 -36.42
N HIS F 241 15.19 19.21 -36.19
CA HIS F 241 13.83 18.78 -35.89
C HIS F 241 13.20 18.06 -37.07
N ALA F 242 13.47 18.53 -38.29
CA ALA F 242 12.96 17.86 -39.48
C ALA F 242 13.55 16.46 -39.64
N GLU F 243 14.86 16.32 -39.39
CA GLU F 243 15.48 15.00 -39.45
C GLU F 243 14.93 14.07 -38.38
N SER F 244 14.72 14.59 -37.16
CA SER F 244 14.12 13.78 -36.11
C SER F 244 12.70 13.37 -36.47
N PHE F 245 11.93 14.28 -37.07
CA PHE F 245 10.57 13.95 -37.49
C PHE F 245 10.58 12.85 -38.54
N SER F 246 11.51 12.92 -39.50
CA SER F 246 11.62 11.86 -40.50
C SER F 246 11.98 10.53 -39.85
N ARG F 247 12.90 10.55 -38.87
CA ARG F 247 13.28 9.33 -38.19
C ARG F 247 12.12 8.71 -37.43
N MET F 248 11.32 9.52 -36.73
CA MET F 248 10.16 8.97 -36.03
C MET F 248 9.05 8.55 -37.00
N ARG F 249 8.97 9.18 -38.17
CA ARG F 249 7.99 8.74 -39.16
C ARG F 249 8.38 7.42 -39.79
N ASN F 250 9.68 7.13 -39.88
CA ASN F 250 10.11 5.86 -40.46
C ASN F 250 9.85 4.69 -39.53
N LEU F 251 9.78 4.94 -38.22
CA LEU F 251 9.56 3.84 -37.27
C LEU F 251 8.11 3.38 -37.33
N PRO F 252 7.87 2.06 -37.35
CA PRO F 252 6.50 1.56 -37.46
C PRO F 252 5.79 1.38 -36.12
N ILE F 253 6.54 1.35 -35.03
CA ILE F 253 6.00 1.02 -33.72
C ILE F 253 6.52 2.04 -32.71
N GLY F 254 5.62 2.61 -31.93
CA GLY F 254 6.00 3.54 -30.88
C GLY F 254 4.89 4.54 -30.62
N ILE F 255 5.10 5.35 -29.59
CA ILE F 255 4.18 6.41 -29.21
C ILE F 255 4.93 7.73 -29.24
N ASN F 256 4.32 8.74 -29.85
CA ASN F 256 4.87 10.08 -29.96
C ASN F 256 3.91 11.06 -29.27
N ILE F 257 4.46 11.94 -28.45
CA ILE F 257 3.67 12.90 -27.68
C ILE F 257 4.09 14.30 -28.08
N ILE F 258 3.11 15.12 -28.49
CA ILE F 258 3.33 16.53 -28.80
C ILE F 258 2.85 17.34 -27.61
N SER F 259 3.71 18.19 -27.06
CA SER F 259 3.40 18.94 -25.86
C SER F 259 3.49 20.43 -26.12
N GLY F 260 2.76 21.20 -25.31
CA GLY F 260 2.74 22.63 -25.41
C GLY F 260 1.46 23.22 -24.88
N PRO F 261 1.35 24.55 -24.87
CA PRO F 261 0.13 25.21 -24.43
C PRO F 261 -0.95 25.13 -25.51
N THR F 262 -2.11 25.72 -25.21
CA THR F 262 -3.23 25.64 -26.13
C THR F 262 -3.03 26.59 -27.32
N GLY F 263 -2.15 27.56 -27.19
CA GLY F 263 -1.90 28.49 -28.28
C GLY F 263 -0.92 27.99 -29.32
N SER F 264 -0.10 27.01 -28.97
CA SER F 264 0.92 26.51 -29.89
C SER F 264 0.28 25.68 -31.00
N GLY F 265 1.02 25.51 -32.09
CA GLY F 265 0.54 24.81 -33.25
C GLY F 265 0.77 23.31 -33.22
N LYS F 266 0.01 22.59 -32.39
CA LYS F 266 0.13 21.15 -32.28
C LYS F 266 -0.70 20.41 -33.32
N SER F 267 -1.95 20.85 -33.52
CA SER F 267 -2.83 20.20 -34.48
C SER F 267 -2.31 20.36 -35.91
N THR F 268 -1.82 21.55 -36.25
CA THR F 268 -1.24 21.77 -37.58
C THR F 268 0.00 20.92 -37.79
N THR F 269 0.84 20.80 -36.76
CA THR F 269 2.03 19.97 -36.85
C THR F 269 1.66 18.50 -37.05
N LEU F 270 0.68 18.00 -36.31
CA LEU F 270 0.24 16.62 -36.48
C LEU F 270 -0.37 16.39 -37.86
N LYS F 271 -1.16 17.36 -38.35
CA LYS F 271 -1.74 17.25 -39.68
C LYS F 271 -0.67 17.18 -40.76
N ASN F 272 0.34 18.05 -40.66
CA ASN F 272 1.42 18.05 -41.65
C ASN F 272 2.24 16.77 -41.57
N LEU F 273 2.51 16.29 -40.35
CA LEU F 273 3.27 15.04 -40.19
C LEU F 273 2.53 13.86 -40.78
N LEU F 274 1.21 13.76 -40.54
CA LEU F 274 0.43 12.67 -41.11
C LEU F 274 0.28 12.79 -42.62
N GLU F 275 0.16 14.00 -43.16
CA GLU F 275 0.12 14.17 -44.61
C GLU F 275 1.44 13.74 -45.25
N LEU F 276 2.57 14.07 -44.63
CA LEU F 276 3.86 13.62 -45.14
C LEU F 276 4.00 12.10 -45.02
N LEU F 277 3.53 11.53 -43.90
CA LEU F 277 3.69 10.11 -43.67
C LEU F 277 2.83 9.28 -44.61
N TYR F 278 1.63 9.76 -44.96
CA TYR F 278 0.79 9.03 -45.90
C TYR F 278 1.43 8.95 -47.28
N ILE F 279 2.08 10.03 -47.71
CA ILE F 279 2.78 10.01 -48.99
C ILE F 279 4.03 9.13 -48.91
N GLU F 280 4.73 9.18 -47.78
CA GLU F 280 5.97 8.42 -47.65
C GLU F 280 5.73 6.92 -47.61
N LYS F 281 4.57 6.48 -47.11
CA LYS F 281 4.25 5.07 -47.00
C LYS F 281 3.65 4.49 -48.26
N LYS F 282 3.49 5.30 -49.31
CA LYS F 282 2.95 4.88 -50.61
C LYS F 282 1.55 4.31 -50.48
N LYS F 283 0.77 4.84 -49.52
CA LYS F 283 -0.63 4.48 -49.30
C LYS F 283 -0.81 2.99 -49.00
N LYS F 284 0.19 2.38 -48.38
CA LYS F 284 0.13 0.97 -48.00
C LYS F 284 -0.21 0.77 -46.54
N VAL F 285 -0.60 1.82 -45.83
CA VAL F 285 -0.90 1.76 -44.41
C VAL F 285 -2.25 2.41 -44.17
N ASN F 286 -2.88 2.04 -43.06
CA ASN F 286 -4.17 2.60 -42.65
C ASN F 286 -3.94 3.56 -41.48
N ILE F 287 -4.47 4.76 -41.59
CA ILE F 287 -4.38 5.77 -40.54
C ILE F 287 -5.79 6.11 -40.08
N ILE F 288 -5.99 6.12 -38.77
CA ILE F 288 -7.28 6.43 -38.17
C ILE F 288 -7.06 7.50 -37.10
N SER F 289 -7.82 8.59 -37.20
CA SER F 289 -7.72 9.70 -36.26
C SER F 289 -9.02 9.85 -35.50
N ILE F 290 -8.92 10.17 -34.21
CA ILE F 290 -10.07 10.40 -33.35
C ILE F 290 -9.98 11.83 -32.83
N GLU F 291 -10.98 12.64 -33.16
CA GLU F 291 -11.04 14.03 -32.74
C GLU F 291 -12.48 14.38 -32.41
N ASP F 292 -12.68 15.13 -31.34
CA ASP F 292 -14.04 15.52 -30.99
C ASP F 292 -14.49 16.62 -31.95
N PRO F 293 -13.72 17.68 -32.20
CA PRO F 293 -13.99 18.49 -33.40
C PRO F 293 -13.16 18.01 -34.59
N PRO F 294 -13.79 17.73 -35.71
CA PRO F 294 -13.01 17.46 -36.95
C PRO F 294 -12.57 18.76 -37.61
N GLU F 295 -11.69 19.49 -36.92
CA GLU F 295 -11.36 20.85 -37.34
C GLU F 295 -10.42 20.86 -38.55
N TYR F 296 -9.47 19.93 -38.62
CA TYR F 296 -8.48 19.92 -39.69
C TYR F 296 -8.70 18.70 -40.58
N GLU F 297 -8.80 18.93 -41.88
CA GLU F 297 -8.98 17.86 -42.85
C GLU F 297 -7.62 17.33 -43.27
N ILE F 298 -7.40 16.03 -43.08
CA ILE F 298 -6.14 15.37 -43.42
C ILE F 298 -6.43 14.27 -44.42
N ASP F 299 -5.61 14.21 -45.47
CA ASP F 299 -5.84 13.24 -46.54
C ASP F 299 -5.52 11.83 -46.08
N GLY F 300 -6.44 10.91 -46.33
CA GLY F 300 -6.24 9.51 -45.99
C GLY F 300 -6.12 9.22 -44.51
N THR F 301 -6.97 9.83 -43.69
CA THR F 301 -6.88 9.69 -42.25
C THR F 301 -8.20 9.29 -41.58
N ALA F 302 -9.34 9.63 -42.17
CA ALA F 302 -10.66 9.15 -41.75
C ALA F 302 -10.93 9.52 -40.28
N GLN F 303 -11.05 10.83 -40.05
CA GLN F 303 -11.30 11.35 -38.72
C GLN F 303 -12.63 10.83 -38.18
N LEU F 304 -12.61 10.35 -36.93
CA LEU F 304 -13.80 9.81 -36.30
C LEU F 304 -14.32 10.82 -35.28
N PRO F 305 -15.46 11.44 -35.51
CA PRO F 305 -15.97 12.43 -34.55
C PRO F 305 -16.71 11.78 -33.39
N ILE F 306 -17.00 12.60 -32.38
CA ILE F 306 -17.83 12.19 -31.25
C ILE F 306 -19.23 12.72 -31.51
N THR F 307 -20.18 11.82 -31.74
CA THR F 307 -21.51 12.19 -32.21
C THR F 307 -22.51 12.36 -31.08
N ASN F 308 -22.73 11.31 -30.29
CA ASN F 308 -23.72 11.34 -29.21
C ASN F 308 -23.07 11.83 -27.92
N VAL F 309 -22.69 13.12 -27.93
CA VAL F 309 -21.99 13.70 -26.80
C VAL F 309 -22.90 13.82 -25.58
N GLU F 310 -24.18 14.15 -25.80
CA GLU F 310 -25.20 14.33 -24.76
C GLU F 310 -24.71 15.42 -23.81
N THR F 311 -24.56 15.16 -22.51
CA THR F 311 -24.08 16.18 -21.58
C THR F 311 -22.56 16.24 -21.60
N GLU F 312 -22.00 17.22 -20.89
CA GLU F 312 -20.55 17.39 -20.86
C GLU F 312 -19.86 16.30 -20.04
N ALA F 313 -20.55 15.76 -19.03
CA ALA F 313 -19.96 14.71 -18.20
C ALA F 313 -19.86 13.38 -18.93
N GLN F 314 -20.70 13.16 -19.94
CA GLN F 314 -20.69 11.92 -20.71
C GLN F 314 -19.74 11.97 -21.90
N ARG F 315 -19.05 13.08 -22.11
CA ARG F 315 -18.16 13.22 -23.27
C ARG F 315 -16.98 12.26 -23.17
N GLY F 316 -16.43 12.08 -21.96
CA GLY F 316 -15.29 11.19 -21.80
C GLY F 316 -15.61 9.74 -22.09
N GLU F 317 -16.81 9.30 -21.70
CA GLU F 317 -17.22 7.92 -21.98
C GLU F 317 -17.34 7.68 -23.48
N GLU F 318 -17.93 8.63 -24.22
CA GLU F 318 -18.01 8.48 -25.66
C GLU F 318 -16.64 8.59 -26.33
N TYR F 319 -15.73 9.39 -25.77
CA TYR F 319 -14.36 9.42 -26.28
C TYR F 319 -13.68 8.07 -26.10
N ARG F 320 -13.85 7.45 -24.93
CA ARG F 320 -13.30 6.11 -24.70
C ARG F 320 -13.95 5.09 -25.64
N LYS F 321 -15.25 5.22 -25.88
CA LYS F 321 -15.93 4.32 -26.81
C LYS F 321 -15.38 4.47 -28.22
N ALA F 322 -15.12 5.70 -28.65
CA ALA F 322 -14.53 5.92 -29.97
C ALA F 322 -13.11 5.35 -30.06
N ILE F 323 -12.33 5.50 -28.98
CA ILE F 323 -10.97 4.94 -28.96
C ILE F 323 -11.03 3.42 -29.07
N THR F 324 -11.92 2.78 -28.31
CA THR F 324 -12.04 1.32 -28.36
C THR F 324 -12.55 0.85 -29.70
N ALA F 325 -13.47 1.60 -30.32
CA ALA F 325 -13.96 1.25 -31.65
C ALA F 325 -12.86 1.38 -32.69
N ALA F 326 -12.01 2.40 -32.56
CA ALA F 326 -10.87 2.53 -33.47
C ALA F 326 -9.86 1.39 -33.26
N LEU F 327 -9.67 0.96 -32.01
CA LEU F 327 -8.79 -0.17 -31.75
C LEU F 327 -9.37 -1.48 -32.26
N ARG F 328 -10.70 -1.62 -32.29
CA ARG F 328 -11.33 -2.80 -32.89
C ARG F 328 -11.27 -2.78 -34.40
N SER F 329 -10.90 -1.66 -35.00
CA SER F 329 -10.67 -1.53 -36.44
C SER F 329 -9.29 -2.04 -36.80
N ASP F 330 -8.81 -1.70 -38.00
CA ASP F 330 -7.39 -1.86 -38.31
C ASP F 330 -6.69 -0.53 -38.11
N PRO F 331 -6.20 -0.25 -36.91
CA PRO F 331 -5.72 1.10 -36.61
C PRO F 331 -4.38 1.44 -37.23
N ASP F 332 -3.43 0.50 -37.13
CA ASP F 332 -2.02 0.75 -37.45
C ASP F 332 -1.55 2.03 -36.77
N ILE F 333 -1.68 3.15 -37.46
CA ILE F 333 -1.32 4.46 -36.91
C ILE F 333 -2.57 5.12 -36.37
N ILE F 334 -2.51 5.60 -35.13
CA ILE F 334 -3.63 6.21 -34.43
C ILE F 334 -3.26 7.64 -34.08
N MET F 335 -4.17 8.58 -34.33
CA MET F 335 -3.99 9.97 -33.92
C MET F 335 -5.18 10.46 -33.12
N PRO F 336 -5.22 10.21 -31.81
CA PRO F 336 -6.24 10.85 -30.97
C PRO F 336 -6.03 12.35 -30.90
N GLY F 337 -7.15 13.06 -30.71
CA GLY F 337 -7.08 14.51 -30.66
C GLY F 337 -6.29 15.03 -29.48
N GLU F 338 -6.57 14.49 -28.29
CA GLU F 338 -5.93 14.95 -27.06
C GLU F 338 -5.95 13.82 -26.05
N ALA F 339 -4.91 13.78 -25.21
CA ALA F 339 -4.84 12.88 -24.07
C ALA F 339 -5.20 13.69 -22.82
N ARG F 340 -6.38 13.42 -22.27
CA ARG F 340 -6.95 14.25 -21.20
C ARG F 340 -6.98 13.53 -19.86
N ASP F 341 -7.61 12.36 -19.78
CA ASP F 341 -7.77 11.65 -18.52
C ASP F 341 -6.89 10.40 -18.51
N ALA F 342 -6.97 9.66 -17.40
CA ALA F 342 -6.10 8.50 -17.22
C ALA F 342 -6.53 7.32 -18.08
N GLU F 343 -7.84 7.16 -18.32
CA GLU F 343 -8.33 6.02 -19.07
C GLU F 343 -7.89 6.05 -20.52
N VAL F 344 -7.95 7.23 -21.15
CA VAL F 344 -7.54 7.36 -22.54
C VAL F 344 -6.03 7.14 -22.68
N ILE F 345 -5.25 7.66 -21.73
CA ILE F 345 -3.81 7.47 -21.76
C ILE F 345 -3.45 6.00 -21.54
N ASN F 346 -4.18 5.32 -20.65
CA ASN F 346 -3.94 3.90 -20.44
C ASN F 346 -4.29 3.09 -21.69
N LEU F 347 -5.39 3.45 -22.37
CA LEU F 347 -5.74 2.78 -23.62
C LEU F 347 -4.67 3.01 -24.69
N LEU F 348 -4.15 4.24 -24.78
CA LEU F 348 -3.13 4.54 -25.78
C LEU F 348 -1.83 3.79 -25.48
N PHE F 349 -1.45 3.69 -24.20
CA PHE F 349 -0.25 2.94 -23.85
C PHE F 349 -0.44 1.45 -24.08
N THR F 350 -1.65 0.93 -23.87
CA THR F 350 -1.94 -0.46 -24.20
C THR F 350 -1.84 -0.69 -25.70
N ALA F 351 -2.33 0.25 -26.50
CA ALA F 351 -2.23 0.14 -27.95
C ALA F 351 -0.78 0.26 -28.42
N ALA F 352 0.05 1.02 -27.70
CA ALA F 352 1.44 1.18 -28.09
C ALA F 352 2.24 -0.10 -27.88
N MET F 353 1.93 -0.87 -26.83
CA MET F 353 2.60 -2.14 -26.60
C MET F 353 1.98 -3.29 -27.38
N THR F 354 0.93 -3.03 -28.16
CA THR F 354 0.28 -4.05 -28.98
C THR F 354 0.86 -4.14 -30.38
N GLY F 355 1.39 -3.03 -30.91
CA GLY F 355 1.91 -3.01 -32.26
C GLY F 355 1.29 -1.92 -33.12
N HIS F 356 0.88 -0.83 -32.47
CA HIS F 356 0.30 0.31 -33.15
C HIS F 356 1.14 1.56 -32.88
N GLN F 357 1.09 2.49 -33.83
CA GLN F 357 1.78 3.78 -33.69
C GLN F 357 0.77 4.83 -33.24
N VAL F 358 1.12 5.59 -32.21
CA VAL F 358 0.22 6.56 -31.60
C VAL F 358 0.86 7.95 -31.67
N TRP F 359 0.14 8.90 -32.26
CA TRP F 359 0.50 10.31 -32.24
C TRP F 359 -0.56 11.05 -31.43
N THR F 360 -0.13 11.76 -30.38
CA THR F 360 -1.08 12.39 -29.48
C THR F 360 -0.60 13.78 -29.10
N SER F 361 -1.52 14.56 -28.54
CA SER F 361 -1.24 15.90 -28.06
C SER F 361 -1.46 15.95 -26.55
N LEU F 362 -0.59 16.67 -25.85
CA LEU F 362 -0.64 16.74 -24.40
C LEU F 362 -0.30 18.16 -23.97
N HIS F 363 -0.79 18.54 -22.79
CA HIS F 363 -0.49 19.85 -22.20
C HIS F 363 0.65 19.67 -21.19
N ALA F 364 1.76 20.35 -21.44
CA ALA F 364 2.93 20.24 -20.58
C ALA F 364 3.76 21.51 -20.69
N ASN F 365 4.64 21.70 -19.72
CA ASN F 365 5.49 22.88 -19.68
C ASN F 365 6.81 22.68 -20.40
N ASN F 366 7.28 21.44 -20.51
CA ASN F 366 8.59 21.17 -21.07
C ASN F 366 8.53 19.84 -21.81
N ALA F 367 9.53 19.62 -22.68
CA ALA F 367 9.62 18.36 -23.40
C ALA F 367 9.89 17.20 -22.45
N LEU F 368 10.76 17.41 -21.46
CA LEU F 368 11.05 16.38 -20.47
C LEU F 368 10.04 16.35 -19.33
N ALA F 369 9.09 17.29 -19.30
CA ALA F 369 8.05 17.32 -18.29
C ALA F 369 6.82 16.51 -18.70
N ILE F 370 6.86 15.85 -19.86
CA ILE F 370 5.77 14.98 -20.27
C ILE F 370 5.65 13.80 -19.32
N PHE F 371 6.79 13.28 -18.86
CA PHE F 371 6.78 12.15 -17.92
C PHE F 371 6.15 12.51 -16.59
N ASP F 372 6.31 13.76 -16.15
CA ASP F 372 5.65 14.20 -14.92
C ASP F 372 4.13 14.16 -15.08
N ARG F 373 3.63 14.62 -16.23
CA ARG F 373 2.19 14.57 -16.49
C ARG F 373 1.70 13.12 -16.58
N LEU F 374 2.48 12.25 -17.21
CA LEU F 374 2.07 10.85 -17.34
C LEU F 374 2.07 10.15 -15.99
N LYS F 375 3.03 10.46 -15.12
CA LYS F 375 3.02 9.90 -13.78
C LYS F 375 1.89 10.50 -12.94
N ASP F 376 1.52 11.76 -13.20
CA ASP F 376 0.36 12.35 -12.55
C ASP F 376 -0.92 11.61 -12.95
N GLN F 377 -1.03 11.25 -14.23
CA GLN F 377 -2.23 10.53 -14.68
C GLN F 377 -2.25 9.10 -14.19
N GLY F 378 -1.09 8.46 -14.03
CA GLY F 378 -1.05 7.12 -13.48
C GLY F 378 -0.24 6.11 -14.26
N VAL F 379 0.59 6.58 -15.19
CA VAL F 379 1.43 5.68 -15.99
C VAL F 379 2.55 5.14 -15.12
N ASP F 380 2.75 3.82 -15.17
CA ASP F 380 3.75 3.16 -14.35
C ASP F 380 5.16 3.44 -14.89
N GLU F 381 6.16 3.06 -14.09
CA GLU F 381 7.54 3.36 -14.44
C GLU F 381 8.07 2.46 -15.56
N PHE F 382 7.67 1.19 -15.59
CA PHE F 382 8.18 0.29 -16.61
C PHE F 382 7.60 0.61 -17.99
N LYS F 383 6.47 1.30 -18.05
CA LYS F 383 5.97 1.76 -19.34
C LYS F 383 6.84 2.89 -19.89
N LEU F 384 7.32 3.78 -19.01
CA LEU F 384 8.14 4.90 -19.40
C LEU F 384 9.62 4.56 -19.52
N THR F 385 10.04 3.41 -19.03
CA THR F 385 11.45 3.04 -19.09
C THR F 385 11.87 2.59 -20.49
N ASP F 386 10.96 1.99 -21.26
CA ASP F 386 11.30 1.42 -22.55
C ASP F 386 11.62 2.52 -23.57
N PRO F 387 12.81 2.51 -24.19
CA PRO F 387 13.12 3.51 -25.20
C PRO F 387 12.46 3.23 -26.54
N GLU F 388 12.16 1.95 -26.81
CA GLU F 388 11.52 1.60 -28.07
C GLU F 388 10.04 1.99 -28.08
N LEU F 389 9.43 2.13 -26.91
CA LEU F 389 8.03 2.53 -26.85
C LEU F 389 7.88 4.04 -27.04
N ILE F 390 8.49 4.82 -26.16
CA ILE F 390 8.39 6.29 -26.21
C ILE F 390 9.36 6.73 -27.30
N THR F 391 8.85 6.86 -28.54
CA THR F 391 9.75 7.12 -29.66
C THR F 391 10.24 8.57 -29.69
N GLY F 392 9.37 9.53 -29.44
CA GLY F 392 9.77 10.92 -29.53
C GLY F 392 8.92 11.82 -28.65
N LEU F 393 9.52 12.93 -28.22
CA LEU F 393 8.84 13.94 -27.42
C LEU F 393 9.08 15.30 -28.03
N VAL F 394 8.00 16.06 -28.25
CA VAL F 394 8.08 17.36 -28.90
C VAL F 394 7.41 18.40 -28.02
N ALA F 395 8.09 19.52 -27.80
CA ALA F 395 7.52 20.68 -27.12
C ALA F 395 7.56 21.88 -28.05
N GLN F 396 6.45 22.61 -28.10
CA GLN F 396 6.24 23.65 -29.11
C GLN F 396 5.73 24.94 -28.48
N ARG F 397 6.19 26.07 -29.02
CA ARG F 397 5.65 27.38 -28.69
C ARG F 397 5.56 28.19 -29.98
N LEU F 398 4.68 29.18 -29.98
CA LEU F 398 4.48 30.06 -31.13
C LEU F 398 4.85 31.49 -30.75
N VAL F 399 5.67 32.13 -31.58
CA VAL F 399 6.07 33.52 -31.36
C VAL F 399 5.80 34.30 -32.65
N ARG F 400 5.85 35.62 -32.53
CA ARG F 400 5.56 36.50 -33.65
C ARG F 400 6.82 36.77 -34.47
N LYS F 401 6.67 36.76 -35.80
CA LYS F 401 7.77 36.95 -36.73
C LYS F 401 7.87 38.42 -37.13
N LEU F 402 9.07 38.98 -36.99
CA LEU F 402 9.29 40.37 -37.39
C LEU F 402 9.19 40.53 -38.91
N CYS F 403 8.75 41.70 -39.33
CA CYS F 403 8.67 42.00 -40.75
C CYS F 403 10.08 42.10 -41.35
N ALA F 404 10.30 41.36 -42.43
CA ALA F 404 11.64 41.27 -43.02
C ALA F 404 11.98 42.46 -43.91
N GLN F 405 11.01 43.33 -44.20
CA GLN F 405 11.26 44.45 -45.09
C GLN F 405 11.69 45.70 -44.33
N CYS F 406 10.98 46.04 -43.25
CA CYS F 406 11.34 47.19 -42.43
C CYS F 406 12.70 46.99 -41.78
N SER F 407 12.79 46.02 -40.87
CA SER F 407 14.04 45.52 -40.28
C SER F 407 14.92 46.64 -39.72
N ILE F 408 14.40 47.32 -38.71
CA ILE F 408 15.18 48.35 -38.03
C ILE F 408 16.16 47.68 -37.06
N THR F 409 17.27 48.36 -36.82
CA THR F 409 18.34 47.80 -36.01
C THR F 409 18.19 48.25 -34.55
N LEU F 410 19.19 47.93 -33.72
CA LEU F 410 19.15 48.33 -32.32
C LEU F 410 19.34 49.83 -32.17
N THR F 411 20.23 50.43 -32.96
CA THR F 411 20.46 51.87 -32.88
C THR F 411 19.22 52.66 -33.28
N GLU F 412 18.53 52.22 -34.34
CA GLU F 412 17.30 52.88 -34.76
C GLU F 412 16.21 52.75 -33.71
N TYR F 413 16.12 51.58 -33.07
CA TYR F 413 15.13 51.38 -32.01
C TYR F 413 15.44 52.25 -30.80
N ILE F 414 16.72 52.40 -30.46
CA ILE F 414 17.11 53.26 -29.34
C ILE F 414 16.80 54.72 -29.66
N ALA F 415 17.13 55.16 -30.87
CA ALA F 415 16.88 56.55 -31.25
C ALA F 415 15.39 56.86 -31.35
N SER F 416 14.59 55.88 -31.78
CA SER F 416 13.14 56.11 -31.88
C SER F 416 12.52 56.26 -30.50
N GLY F 417 12.93 55.45 -29.54
CA GLY F 417 12.41 55.51 -28.19
C GLY F 417 12.43 54.15 -27.55
N GLY F 418 12.48 54.15 -26.21
CA GLY F 418 12.52 52.92 -25.45
C GLY F 418 13.93 52.39 -25.28
N GLY F 419 14.05 51.41 -24.39
CA GLY F 419 15.35 50.82 -24.11
C GLY F 419 15.18 49.40 -23.60
N ILE F 420 16.20 48.59 -23.85
CA ILE F 420 16.17 47.20 -23.39
C ILE F 420 16.68 47.11 -21.96
N SER F 421 16.32 46.02 -21.29
CA SER F 421 16.69 45.81 -19.90
C SER F 421 18.11 45.24 -19.82
N ASP F 422 18.51 44.83 -18.62
CA ASP F 422 19.86 44.28 -18.44
C ASP F 422 19.96 42.87 -19.01
N THR F 423 18.93 42.04 -18.79
CA THR F 423 18.95 40.68 -19.33
C THR F 423 18.87 40.69 -20.85
N ASP F 424 18.06 41.59 -21.43
CA ASP F 424 17.99 41.71 -22.87
C ASP F 424 19.33 42.16 -23.45
N ARG F 425 19.99 43.10 -22.77
CA ARG F 425 21.31 43.53 -23.21
C ARG F 425 22.32 42.39 -23.12
N LYS F 426 22.23 41.58 -22.06
CA LYS F 426 23.13 40.42 -21.92
C LYS F 426 22.90 39.41 -23.04
N ILE F 427 21.65 39.19 -23.43
CA ILE F 427 21.35 38.30 -24.54
C ILE F 427 21.89 38.88 -25.84
N ILE F 428 21.70 40.18 -26.06
CA ILE F 428 22.09 40.82 -27.31
C ILE F 428 23.61 40.87 -27.46
N SER F 429 24.34 41.04 -26.35
CA SER F 429 25.78 41.32 -26.31
C SER F 429 26.66 40.50 -27.23
N GLY F 430 26.26 39.25 -27.52
CA GLY F 430 27.02 38.44 -28.44
C GLY F 430 27.01 38.99 -29.87
N HIS F 431 25.83 39.37 -30.35
CA HIS F 431 25.67 39.88 -31.71
C HIS F 431 24.80 41.14 -31.64
N GLU F 432 25.41 42.31 -31.82
CA GLU F 432 24.69 43.57 -31.69
C GLU F 432 23.91 43.92 -32.95
N THR F 433 24.59 43.94 -34.10
CA THR F 433 23.97 44.39 -35.33
C THR F 433 23.07 43.34 -35.98
N SER F 434 23.20 42.07 -35.58
CA SER F 434 22.43 41.02 -36.23
C SER F 434 20.96 41.04 -35.82
N VAL F 435 20.67 41.51 -34.62
CA VAL F 435 19.29 41.49 -34.10
C VAL F 435 18.50 42.62 -34.75
N ARG F 436 17.18 42.42 -34.83
CA ARG F 436 16.26 43.39 -35.40
C ARG F 436 15.12 43.66 -34.42
N PHE F 437 14.47 44.81 -34.61
CA PHE F 437 13.41 45.25 -33.72
C PHE F 437 12.19 45.68 -34.52
N PRO F 438 11.00 45.59 -33.94
CA PRO F 438 9.78 45.95 -34.68
C PRO F 438 9.73 47.43 -35.03
N ASN F 439 9.04 47.72 -36.14
CA ASN F 439 8.89 49.08 -36.64
C ASN F 439 7.44 49.51 -36.56
N PRO F 440 7.06 50.33 -35.58
CA PRO F 440 5.67 50.79 -35.46
C PRO F 440 5.40 52.06 -36.28
N ARG F 441 5.70 51.99 -37.58
CA ARG F 441 5.52 53.12 -38.48
C ARG F 441 4.23 53.03 -39.29
N ALA F 442 3.43 51.98 -39.08
CA ALA F 442 2.17 51.76 -39.80
C ALA F 442 2.37 51.76 -41.32
N LYS F 443 3.36 50.98 -41.76
CA LYS F 443 3.68 50.90 -43.18
C LYS F 443 2.62 50.08 -43.93
N LYS F 444 2.68 50.15 -45.26
CA LYS F 444 1.72 49.43 -46.08
C LYS F 444 2.02 47.94 -46.15
N CYS F 445 3.29 47.54 -45.97
CA CYS F 445 3.64 46.13 -46.10
C CYS F 445 3.13 45.31 -44.93
N CYS F 446 3.26 45.82 -43.72
CA CYS F 446 2.84 45.12 -42.51
C CYS F 446 1.81 45.95 -41.77
N ARG F 447 0.72 45.31 -41.34
CA ARG F 447 -0.33 46.02 -40.61
C ARG F 447 0.18 46.48 -39.24
N ASP F 448 0.92 45.62 -38.54
CA ASP F 448 1.45 45.95 -37.22
C ASP F 448 2.93 45.67 -37.07
N GLY F 449 3.59 45.12 -38.10
CA GLY F 449 4.99 44.77 -38.01
C GLY F 449 5.28 43.39 -37.49
N TYR F 450 4.25 42.61 -37.15
CA TYR F 450 4.44 41.27 -36.58
C TYR F 450 4.05 40.14 -37.52
N ASN F 451 3.62 40.46 -38.76
CA ASN F 451 3.44 39.49 -39.83
C ASN F 451 2.61 38.27 -39.43
N GLY F 452 3.24 37.09 -39.43
CA GLY F 452 2.60 35.87 -39.02
C GLY F 452 3.16 35.34 -37.72
N ARG F 453 3.44 34.03 -37.66
CA ARG F 453 3.97 33.42 -36.45
C ARG F 453 4.88 32.26 -36.83
N THR F 454 5.87 32.00 -35.97
CA THR F 454 6.82 30.93 -36.15
C THR F 454 6.82 30.02 -34.93
N ILE F 455 7.26 28.78 -35.15
CA ILE F 455 7.31 27.75 -34.12
C ILE F 455 8.72 27.66 -33.58
N LEU F 456 8.84 27.73 -32.25
CA LEU F 456 10.07 27.37 -31.54
C LEU F 456 9.81 26.06 -30.82
N ALA F 457 10.61 25.04 -31.12
CA ALA F 457 10.30 23.71 -30.65
C ALA F 457 11.58 22.98 -30.23
N GLU F 458 11.38 21.94 -29.44
CA GLU F 458 12.44 21.00 -29.07
C GLU F 458 11.94 19.59 -29.28
N VAL F 459 12.76 18.76 -29.94
CA VAL F 459 12.42 17.38 -30.23
C VAL F 459 13.47 16.49 -29.60
N ILE F 460 13.02 15.51 -28.83
CA ILE F 460 13.90 14.57 -28.13
C ILE F 460 13.57 13.16 -28.61
N GLU F 461 14.61 12.41 -28.97
CA GLU F 461 14.49 10.98 -29.27
C GLU F 461 15.15 10.21 -28.14
N PRO F 462 14.39 9.65 -27.20
CA PRO F 462 15.00 9.09 -25.98
C PRO F 462 15.81 7.83 -26.26
N ASP F 463 16.80 7.61 -25.40
CA ASP F 463 17.59 6.39 -25.35
C ASP F 463 17.33 5.69 -24.02
N SER F 464 18.05 4.60 -23.78
CA SER F 464 17.89 3.87 -22.53
C SER F 464 18.45 4.64 -21.35
N LYS F 465 19.63 5.24 -21.51
CA LYS F 465 20.27 5.96 -20.42
C LYS F 465 19.49 7.21 -20.03
N LEU F 466 18.97 7.94 -21.02
CA LEU F 466 18.20 9.15 -20.72
C LEU F 466 16.92 8.82 -19.97
N LEU F 467 16.21 7.76 -20.39
CA LEU F 467 15.00 7.36 -19.68
C LEU F 467 15.31 6.81 -18.29
N ARG F 468 16.43 6.11 -18.14
CA ARG F 468 16.84 5.66 -16.81
C ARG F 468 17.15 6.83 -15.89
N LEU F 469 17.81 7.87 -16.42
CA LEU F 469 18.11 9.05 -15.61
C LEU F 469 16.84 9.81 -15.26
N VAL F 470 15.88 9.89 -16.20
CA VAL F 470 14.62 10.57 -15.92
C VAL F 470 13.82 9.81 -14.86
N ALA F 471 13.77 8.48 -14.96
CA ALA F 471 12.99 7.68 -14.02
C ALA F 471 13.55 7.71 -12.61
N GLU F 472 14.86 7.96 -12.45
CA GLU F 472 15.48 8.01 -11.15
C GLU F 472 15.36 9.37 -10.47
N GLY F 473 14.75 10.35 -11.13
CA GLY F 473 14.57 11.68 -10.56
C GLY F 473 15.74 12.61 -10.74
N LYS F 474 16.77 12.22 -11.49
CA LYS F 474 17.93 13.06 -11.74
C LYS F 474 17.61 13.97 -12.92
N ARG F 475 16.95 15.10 -12.62
CA ARG F 475 16.54 16.02 -13.68
C ARG F 475 17.75 16.71 -14.32
N GLU F 476 18.67 17.22 -13.48
CA GLU F 476 19.83 17.92 -14.00
C GLU F 476 20.75 16.99 -14.78
N ASP F 477 20.95 15.77 -14.26
CA ASP F 477 21.79 14.80 -14.97
C ASP F 477 21.17 14.40 -16.30
N ALA F 478 19.85 14.20 -16.34
CA ALA F 478 19.19 13.86 -17.59
C ALA F 478 19.27 15.01 -18.59
N GLN F 479 19.10 16.24 -18.13
CA GLN F 479 19.21 17.39 -19.02
C GLN F 479 20.63 17.52 -19.56
N HIS F 480 21.64 17.31 -18.73
CA HIS F 480 23.02 17.37 -19.18
C HIS F 480 23.32 16.26 -20.19
N TYR F 481 22.81 15.05 -19.94
CA TYR F 481 23.01 13.95 -20.87
C TYR F 481 22.34 14.22 -22.21
N TRP F 482 21.13 14.79 -22.19
CA TRP F 482 20.44 15.12 -23.43
C TRP F 482 21.15 16.21 -24.19
N LEU F 483 21.61 17.26 -23.50
CA LEU F 483 22.21 18.40 -24.18
C LEU F 483 23.63 18.12 -24.67
N THR F 484 24.38 17.25 -24.00
CA THR F 484 25.76 16.99 -24.36
C THR F 484 25.93 15.73 -25.19
N SER F 485 25.48 14.59 -24.65
CA SER F 485 25.72 13.32 -25.33
C SER F 485 24.80 13.14 -26.54
N LEU F 486 23.55 13.57 -26.45
CA LEU F 486 22.59 13.38 -27.52
C LEU F 486 22.52 14.57 -28.47
N HIS F 487 23.33 15.60 -28.26
CA HIS F 487 23.40 16.80 -29.10
C HIS F 487 22.02 17.48 -29.22
N GLY F 488 21.32 17.57 -28.10
CA GLY F 488 19.99 18.16 -28.10
C GLY F 488 20.01 19.68 -28.11
N MET F 489 18.83 20.26 -28.25
CA MET F 489 18.64 21.70 -28.26
C MET F 489 17.32 22.02 -27.58
N ALA F 490 17.35 22.91 -26.60
CA ALA F 490 16.16 23.25 -25.85
C ALA F 490 15.40 24.41 -26.50
N LEU F 491 14.30 24.81 -25.88
CA LEU F 491 13.53 25.95 -26.39
C LEU F 491 14.31 27.24 -26.31
N LYS F 492 15.06 27.44 -25.21
CA LYS F 492 15.81 28.67 -25.02
C LYS F 492 16.91 28.83 -26.07
N GLU F 493 17.56 27.73 -26.46
CA GLU F 493 18.63 27.82 -27.44
C GLU F 493 18.08 28.14 -28.83
N HIS F 494 16.95 27.51 -29.19
CA HIS F 494 16.32 27.83 -30.46
C HIS F 494 15.82 29.27 -30.49
N ALA F 495 15.27 29.75 -29.38
CA ALA F 495 14.85 31.15 -29.29
C ALA F 495 16.03 32.09 -29.42
N TRP F 496 17.16 31.77 -28.79
CA TRP F 496 18.36 32.60 -28.92
C TRP F 496 18.87 32.60 -30.35
N LEU F 497 18.85 31.45 -31.02
CA LEU F 497 19.29 31.38 -32.41
C LEU F 497 18.38 32.20 -33.32
N LYS F 498 17.07 32.16 -33.09
CA LYS F 498 16.16 32.97 -33.89
C LYS F 498 16.30 34.46 -33.58
N ILE F 499 16.65 34.81 -32.35
CA ILE F 499 16.94 36.21 -32.01
C ILE F 499 18.18 36.68 -32.76
N ILE F 500 19.23 35.86 -32.76
CA ILE F 500 20.47 36.22 -33.45
C ILE F 500 20.26 36.32 -34.95
N SER F 501 19.49 35.40 -35.53
CA SER F 501 19.20 35.45 -36.95
C SER F 501 18.37 36.67 -37.32
N GLY F 502 17.58 37.20 -36.38
CA GLY F 502 16.78 38.37 -36.63
C GLY F 502 15.33 38.11 -37.01
N GLU F 503 14.87 36.87 -36.92
CA GLU F 503 13.49 36.56 -37.29
C GLU F 503 12.50 37.10 -36.26
N ILE F 504 12.82 36.95 -34.98
CA ILE F 504 11.92 37.37 -33.90
C ILE F 504 12.65 38.35 -33.00
N CYS F 505 11.86 39.06 -32.19
CA CYS F 505 12.38 40.04 -31.26
C CYS F 505 12.74 39.38 -29.94
N VAL F 506 13.66 40.01 -29.21
CA VAL F 506 14.09 39.47 -27.92
C VAL F 506 12.98 39.57 -26.89
N MET F 507 12.17 40.63 -26.94
CA MET F 507 11.12 40.84 -25.94
C MET F 507 10.05 39.77 -26.02
N ASP F 508 9.60 39.43 -27.22
CA ASP F 508 8.59 38.39 -27.37
C ASP F 508 9.14 37.04 -26.92
N ALA F 509 10.40 36.75 -27.22
CA ALA F 509 11.00 35.48 -26.81
C ALA F 509 11.12 35.38 -25.29
N VAL F 510 11.56 36.46 -24.63
CA VAL F 510 11.69 36.40 -23.17
C VAL F 510 10.32 36.46 -22.49
N ASN F 511 9.29 36.96 -23.17
CA ASN F 511 7.94 36.85 -22.62
C ASN F 511 7.42 35.42 -22.75
N LYS F 512 7.71 34.77 -23.87
CA LYS F 512 7.18 33.42 -24.09
C LYS F 512 8.01 32.36 -23.36
N ILE F 513 9.33 32.44 -23.46
CA ILE F 513 10.23 31.44 -22.88
C ILE F 513 11.17 32.13 -21.90
N SER F 514 11.32 31.54 -20.72
CA SER F 514 12.21 32.04 -19.70
C SER F 514 13.51 31.25 -19.69
N GLY F 515 14.59 31.90 -19.26
CA GLY F 515 15.88 31.27 -19.18
C GLY F 515 16.78 31.45 -20.37
N ILE F 516 16.47 32.38 -21.26
CA ILE F 516 17.32 32.61 -22.43
C ILE F 516 18.66 33.19 -22.01
N ASP F 517 18.66 34.07 -21.00
CA ASP F 517 19.89 34.70 -20.53
C ASP F 517 20.79 33.75 -19.74
N ASN F 518 20.30 32.56 -19.39
CA ASN F 518 21.09 31.61 -18.61
C ASN F 518 22.03 30.77 -19.45
N ILE F 519 22.02 30.92 -20.77
CA ILE F 519 22.90 30.15 -21.63
C ILE F 519 24.33 30.67 -21.49
N THR F 520 25.27 29.75 -21.28
CA THR F 520 26.66 30.11 -21.13
C THR F 520 27.25 30.58 -22.46
N GLU F 521 28.38 31.29 -22.36
CA GLU F 521 29.03 31.80 -23.56
C GLU F 521 29.61 30.68 -24.41
N GLU F 522 30.13 29.62 -23.77
CA GLU F 522 30.66 28.48 -24.51
C GLU F 522 29.56 27.77 -25.29
N ARG F 523 28.39 27.61 -24.68
CA ARG F 523 27.25 27.00 -25.38
C ARG F 523 26.80 27.86 -26.56
N LYS F 524 26.78 29.19 -26.38
CA LYS F 524 26.41 30.09 -27.46
C LYS F 524 27.40 29.99 -28.62
N LYS F 525 28.70 29.95 -28.30
CA LYS F 525 29.71 29.82 -29.35
C LYS F 525 29.61 28.48 -30.06
N TYR F 526 29.33 27.42 -29.30
CA TYR F 526 29.18 26.09 -29.90
C TYR F 526 28.00 26.06 -30.85
N LEU F 527 26.86 26.63 -30.44
CA LEU F 527 25.68 26.65 -31.30
C LEU F 527 25.91 27.49 -32.55
N PHE F 528 26.56 28.65 -32.40
CA PHE F 528 26.83 29.50 -33.54
C PHE F 528 27.78 28.83 -34.53
N SER F 529 28.82 28.17 -34.02
CA SER F 529 29.76 27.47 -34.90
C SER F 529 29.09 26.28 -35.58
N ARG F 530 28.22 25.57 -34.86
CA ARG F 530 27.53 24.42 -35.45
C ARG F 530 26.58 24.86 -36.55
N ASP F 531 25.88 25.98 -36.37
CA ASP F 531 24.98 26.47 -37.42
C ASP F 531 25.74 27.09 -38.58
N ASN F 532 26.89 27.71 -38.33
CA ASN F 532 27.66 28.29 -39.42
C ASN F 532 28.41 27.23 -40.23
N GLU F 533 28.82 26.14 -39.58
CA GLU F 533 29.54 25.08 -40.31
C GLU F 533 28.61 24.36 -41.28
N ILE F 534 27.38 24.06 -40.86
CA ILE F 534 26.43 23.35 -41.70
C ILE F 534 25.70 24.33 -42.60
MG MG G . -4.57 -16.38 -33.83
PB ADP H . -2.91 -15.19 -36.48
O1B ADP H . -2.08 -14.44 -35.45
O2B ADP H . -3.98 -16.00 -35.77
O3B ADP H . -3.57 -14.19 -37.40
PA ADP H . -2.43 -16.95 -38.72
O1A ADP H . -2.29 -18.44 -38.53
O2A ADP H . -3.84 -16.61 -39.00
O3A ADP H . -1.94 -16.19 -37.36
O5' ADP H . -1.47 -16.48 -40.00
C5' ADP H . -1.90 -15.43 -40.78
C4' ADP H . -1.89 -15.84 -42.29
O4' ADP H . -0.66 -15.91 -42.73
C3' ADP H . -2.45 -17.25 -42.46
O3' ADP H . -3.72 -17.19 -42.97
C2' ADP H . -1.50 -17.93 -43.50
O2' ADP H . -2.31 -18.53 -44.62
C1' ADP H . -0.76 -16.97 -43.95
N9 ADP H . 0.59 -17.46 -44.35
C8 ADP H . 1.09 -17.62 -45.58
N7 ADP H . 2.35 -18.08 -45.44
C5 ADP H . 2.61 -18.20 -44.13
C6 ADP H . 3.75 -18.62 -43.45
N6 ADP H . 5.07 -19.09 -43.92
N1 ADP H . 3.75 -18.65 -42.12
C2 ADP H . 2.65 -18.27 -41.44
N3 ADP H . 1.54 -17.85 -42.11
C4 ADP H . 1.53 -17.81 -43.45
ZN ZN I . 8.43 -13.90 -61.03
MG MG J . -4.12 -37.53 -2.87
PB ADP K . -2.38 -39.20 -5.19
O1B ADP K . -1.56 -37.94 -5.30
O2B ADP K . -3.47 -39.01 -4.17
O3B ADP K . -3.00 -39.52 -6.53
PA ADP K . -1.88 -42.02 -4.77
O1A ADP K . -1.77 -42.61 -3.38
O2A ADP K . -3.27 -42.12 -5.24
O3A ADP K . -1.41 -40.46 -4.74
O5' ADP K . -0.89 -42.90 -5.80
C5' ADP K . -1.30 -43.04 -7.11
C4' ADP K . -1.25 -44.55 -7.50
O4' ADP K . -0.02 -44.96 -7.63
C3' ADP K . -1.82 -45.41 -6.39
O3' ADP K . -3.08 -45.84 -6.71
C2' ADP K . -0.86 -46.64 -6.29
O2' ADP K . -1.66 -47.93 -6.34
C1' ADP K . -0.10 -46.54 -7.32
N9 ADP K . 1.25 -47.12 -7.08
C8 ADP K . 1.77 -48.26 -7.54
N7 ADP K . 3.02 -48.36 -7.04
C5 ADP K . 3.26 -47.28 -6.28
C6 ADP K . 4.38 -46.89 -5.55
N6 ADP K . 5.69 -47.52 -5.34
N1 ADP K . 4.35 -45.76 -4.86
C2 ADP K . 3.24 -44.97 -4.88
N3 ADP K . 2.14 -45.36 -5.61
C4 ADP K . 2.17 -46.51 -6.30
ZN ZN L . 9.48 -59.70 -18.30
MG MG M . -4.60 -21.28 30.97
PB ADP N . -2.84 -24.12 31.30
O1B ADP N . -2.00 -23.56 30.16
O2B ADP N . -3.95 -23.14 31.62
O3B ADP N . -3.44 -25.43 30.88
PA ADP N . -2.38 -25.15 33.97
O1A ADP N . -2.32 -24.25 35.16
O2A ADP N . -3.77 -25.61 33.78
O3A ADP N . -1.90 -24.34 32.63
O5' ADP N . -1.39 -26.47 34.23
C5' ADP N . -1.77 -27.68 33.69
C4' ADP N . -1.75 -28.78 34.80
O4' ADP N . -0.51 -29.09 35.11
C3' ADP N . -2.35 -28.25 36.09
O3' ADP N . -3.60 -28.76 36.26
C2' ADP N . -1.40 -28.77 37.22
O2' ADP N . -2.23 -29.47 38.29
C1' ADP N . -0.62 -29.61 36.63
N9 ADP N . 0.71 -29.67 37.29
C8 ADP N . 1.23 -30.64 38.05
N7 ADP N . 2.47 -30.24 38.42
C5 ADP N . 2.71 -29.04 37.86
C6 ADP N . 3.81 -28.19 37.93
N6 ADP N . 5.12 -28.32 38.60
N1 ADP N . 3.79 -27.04 37.28
C2 ADP N . 2.68 -26.67 36.57
N3 ADP N . 1.60 -27.50 36.52
C4 ADP N . 1.62 -28.68 37.17
ZN ZN O . 8.98 -45.60 42.75
MG MG P . -5.51 16.12 33.83
PB ADP Q . -3.79 15.00 36.48
O1B ADP Q . -2.93 14.31 35.45
O2B ADP Q . -4.89 15.76 35.78
O3B ADP Q . -4.40 13.97 37.40
PA ADP Q . -3.40 16.79 38.72
O1A ADP Q . -3.35 18.28 38.53
O2A ADP Q . -4.79 16.39 39.00
O3A ADP Q . -2.88 16.06 37.36
O5' ADP Q . -2.43 16.37 40.01
C5' ADP Q . -2.82 15.30 40.79
C4' ADP Q . -2.83 15.71 42.28
O4' ADP Q . -1.61 15.84 42.74
C3' ADP Q . -3.46 17.09 42.47
O3' ADP Q . -4.72 16.96 42.97
C2' ADP Q . -2.54 17.82 43.50
O2' ADP Q . -3.39 18.38 44.63
C1' ADP Q . -1.75 16.90 43.96
N9 ADP Q . -0.43 17.45 44.37
C8 ADP Q . 0.05 17.63 45.59
N7 ADP Q . 1.28 18.16 45.47
C5 ADP Q . 1.55 18.29 44.15
C6 ADP Q . 2.66 18.77 43.48
N6 ADP Q . 3.96 19.31 43.95
N1 ADP Q . 2.67 18.79 42.15
C2 ADP Q . 1.59 18.35 41.45
N3 ADP Q . 0.50 17.88 42.12
C4 ADP Q . 0.48 17.85 43.47
ZN ZN R . 7.51 14.29 61.07
MG MG S . -5.96 37.30 2.84
PB ADP T . -4.32 39.06 5.17
O1B ADP T . -3.43 37.82 5.28
O2B ADP T . -5.39 38.82 4.14
O3B ADP T . -4.96 39.33 6.50
PA ADP T . -3.95 41.89 4.75
O1A ADP T . -3.86 42.48 3.36
O2A ADP T . -5.35 41.93 5.21
O3A ADP T . -3.41 40.35 4.72
O5' ADP T . -3.00 42.81 5.78
C5' ADP T . -3.42 42.95 7.09
C4' ADP T . -3.45 44.44 7.49
O4' ADP T . -2.24 44.91 7.62
C3' ADP T . -4.06 45.29 6.36
O3' ADP T . -5.33 45.64 6.69
C2' ADP T . -3.15 46.56 6.28
O2' ADP T . -4.02 47.80 6.32
C1' ADP T . -2.40 46.49 7.31
N9 ADP T . -1.08 47.14 7.07
C8 ADP T . -0.61 48.30 7.54
N7 ADP T . 0.63 48.46 7.05
C5 ADP T . 0.93 47.40 6.29
C6 ADP T . 2.06 47.06 5.55
N6 ADP T . 3.35 47.76 5.35
N1 ADP T . 2.09 45.92 4.86
C2 ADP T . 1.02 45.08 4.88
N3 ADP T . -0.09 45.42 5.60
C4 ADP T . -0.13 46.58 6.29
ZN ZN U . 6.49 60.10 18.33
MG MG V . -5.50 21.04 -31.00
PB ADP W . -3.88 23.96 -31.32
O1B ADP W . -3.02 23.44 -30.19
O2B ADP W . -4.94 22.93 -31.65
O3B ADP W . -4.55 25.24 -30.91
PA ADP W . -3.47 25.02 -33.99
O1A ADP W . -3.35 24.11 -35.18
O2A ADP W . -4.87 25.41 -33.81
O3A ADP W . -2.94 24.23 -32.65
O5' ADP W . -2.53 26.38 -34.24
C5' ADP W . -2.97 27.58 -33.71
C4' ADP W . -3.00 28.66 -34.81
O4' ADP W . -1.78 29.04 -35.12
C3' ADP W . -3.57 28.11 -36.11
O3' ADP W . -4.84 28.56 -36.29
C2' ADP W . -2.65 28.68 -37.24
O2' ADP W . -3.50 29.34 -38.31
C1' ADP W . -1.92 29.56 -36.65
N9 ADP W . -0.58 29.68 -37.30
C8 ADP W . -0.11 30.67 -38.06
N7 ADP W . 1.15 30.34 -38.42
C5 ADP W . 1.44 29.15 -37.87
C6 ADP W . 2.59 28.36 -37.92
N6 ADP W . 3.89 28.55 -38.59
N1 ADP W . 2.61 27.20 -37.28
C2 ADP W . 1.53 26.78 -36.57
N3 ADP W . 0.41 27.56 -36.52
C4 ADP W . 0.38 28.74 -37.17
ZN ZN X . 6.93 46.00 -42.72
#